data_9MTM
#
_entry.id   9MTM
#
_cell.length_a   1.00
_cell.length_b   1.00
_cell.length_c   1.00
_cell.angle_alpha   90.00
_cell.angle_beta   90.00
_cell.angle_gamma   90.00
#
_symmetry.space_group_name_H-M   'P 1'
#
loop_
_entity.id
_entity.type
_entity.pdbx_description
1 polymer Hemagglutinin
2 polymer 'Heavy chain of Fab from porcine antibody 24-1G28'
3 polymer 'Light chain of Fab from porcine antibody 24-1G28'
4 polymer Hemagglutinin
#
loop_
_entity_poly.entity_id
_entity_poly.type
_entity_poly.pdbx_seq_one_letter_code
_entity_poly.pdbx_strand_id
1 'polypeptide(L)'
;DTLCIGYHANNSTDTVDTVLEKNVTVTHSVNLLEDKHNGKLCKLRGVAPLHLGKCNIAGWILGNPECESLSTARSWSYIV
ETSNSDNGTCYPGDFINYEELREQLSSVSSFERFEIFPKTSSWPNHDSDKGVTAACPHAGAKSFYKNLIWLVKKGNSYPK
LNQTYINDKGKEVLVLWGIHHPPTIAAQESLYQNADAYVFVGTSRYSKKFKPEIATRPKVRDQEGRMNYYWTLVEPGDKI
TFEATGNLVVPRYAFTMERDAGSGIIISDTPVHDCNTTCQTPEGAINTSLPFQNVHPITIGKCPKYVKSTKLRLATGLRN
VPSIQSR
;
A,C,E
2 'polypeptide(L)'
;EEKLVESGGGLVQPGGSLRLSCVGSGFTFSNYEISWVRQAPGKGLEWLAGDYSRGGTTFYADSVKGRFTISSDNSQNTAD
LQMNSLRTEDTARYYCVRGVSVFGVLMMAMDLWGPGVEVVVSSASTKGPS
;
H,I,M
3 'polypeptide(L)'
;QTVIQEPAMSVSPGGTVTLTCAFSSGSVTTSNYPSWFQQTPGQTPRLLIYRTNSRPSGVPTRFSGAISGNKADLIITGAQ
ANDEADYFCNLYKSSDNRIFGGGTHLTVLGQPKAAP
;
J,L,N
4 'polypeptide(L)'
;GLFGAIAGFIEGGWTGMVDGWYGYHHQNEQGSGYAADLKSTQNAIDKITNKVNSVIEKMNTQFTAVGKEFNHLEKRIENL
NKKVDDGFLDIWTYNAELLVLLENERTLDYHDSNVKNLYEKVRNQLKNNAKEIGNGCFEFYHKCDNTCMESVKNGTYDYP
KYSEEAKLNREKID
;
B,D,F
#
# COMPACT_ATOMS: atom_id res chain seq x y z
N ASP A 1 52.07 -10.10 -14.30
CA ASP A 1 50.85 -10.89 -14.14
C ASP A 1 49.80 -10.09 -13.39
N THR A 2 48.64 -9.89 -14.02
CA THR A 2 47.61 -9.03 -13.47
C THR A 2 46.28 -9.77 -13.42
N LEU A 3 45.53 -9.55 -12.34
CA LEU A 3 44.18 -10.06 -12.21
C LEU A 3 43.25 -8.93 -11.79
N CYS A 4 42.37 -8.52 -12.71
CA CYS A 4 41.43 -7.42 -12.48
C CYS A 4 40.06 -8.02 -12.16
N ILE A 5 39.32 -7.35 -11.29
CA ILE A 5 37.95 -7.73 -10.95
C ILE A 5 37.01 -6.70 -11.55
N GLY A 6 36.01 -7.17 -12.29
CA GLY A 6 35.10 -6.27 -12.96
C GLY A 6 33.72 -6.86 -13.17
N TYR A 7 32.89 -6.12 -13.90
CA TYR A 7 31.50 -6.46 -14.08
C TYR A 7 31.10 -6.29 -15.54
N HIS A 8 29.88 -6.73 -15.84
CA HIS A 8 29.40 -6.85 -17.21
C HIS A 8 28.69 -5.58 -17.66
N ALA A 9 28.91 -5.20 -18.92
CA ALA A 9 28.23 -4.07 -19.53
C ALA A 9 27.82 -4.45 -20.94
N ASN A 10 26.79 -3.78 -21.44
CA ASN A 10 26.27 -4.08 -22.77
C ASN A 10 25.75 -2.78 -23.39
N ASN A 11 25.47 -2.84 -24.69
CA ASN A 11 25.00 -1.67 -25.42
C ASN A 11 23.47 -1.57 -25.37
N SER A 12 22.91 -1.65 -24.18
CA SER A 12 21.46 -1.59 -24.00
C SER A 12 21.03 -0.17 -23.72
N THR A 13 19.79 0.15 -24.11
CA THR A 13 19.25 1.49 -23.94
C THR A 13 17.99 1.52 -23.08
N ASP A 14 17.66 0.41 -22.41
CA ASP A 14 16.49 0.40 -21.55
C ASP A 14 16.83 1.05 -20.21
N THR A 15 16.08 2.07 -19.85
CA THR A 15 16.32 2.81 -18.62
C THR A 15 15.28 2.43 -17.58
N VAL A 16 15.61 2.59 -16.31
CA VAL A 16 14.68 2.35 -15.23
C VAL A 16 14.71 3.57 -14.32
N ASP A 17 13.64 3.74 -13.56
CA ASP A 17 13.55 4.83 -12.62
C ASP A 17 13.86 4.35 -11.22
N THR A 18 14.62 5.15 -10.49
CA THR A 18 15.14 4.84 -9.17
C THR A 18 14.72 5.96 -8.22
N VAL A 19 14.55 5.64 -6.94
CA VAL A 19 14.07 6.63 -5.99
C VAL A 19 15.03 7.80 -5.85
N LEU A 20 16.29 7.63 -6.24
CA LEU A 20 17.27 8.69 -6.10
C LEU A 20 17.67 9.36 -7.41
N GLU A 21 17.52 8.69 -8.55
CA GLU A 21 17.82 9.34 -9.82
C GLU A 21 16.99 8.69 -10.92
N LYS A 22 16.59 9.49 -11.91
CA LYS A 22 15.77 9.00 -13.01
C LYS A 22 16.65 8.63 -14.20
N ASN A 23 16.10 7.84 -15.11
CA ASN A 23 16.73 7.48 -16.37
C ASN A 23 18.09 6.83 -16.16
N VAL A 24 18.10 5.67 -15.51
CA VAL A 24 19.32 4.91 -15.25
C VAL A 24 19.38 3.79 -16.26
N THR A 25 20.43 3.79 -17.08
CA THR A 25 20.62 2.76 -18.09
C THR A 25 21.06 1.48 -17.40
N VAL A 26 20.33 0.40 -17.63
CA VAL A 26 20.63 -0.88 -17.05
C VAL A 26 20.88 -1.89 -18.16
N THR A 27 21.49 -3.02 -17.79
CA THR A 27 21.78 -4.08 -18.74
C THR A 27 20.54 -4.88 -19.11
N HIS A 28 19.58 -4.98 -18.21
CA HIS A 28 18.34 -5.70 -18.46
C HIS A 28 17.26 -5.12 -17.57
N SER A 29 16.01 -5.24 -18.01
CA SER A 29 14.88 -4.76 -17.25
C SER A 29 13.62 -5.48 -17.71
N VAL A 30 12.77 -5.85 -16.77
CA VAL A 30 11.52 -6.54 -17.08
C VAL A 30 10.38 -5.53 -17.01
N ASN A 31 9.25 -5.87 -17.63
CA ASN A 31 8.10 -4.98 -17.62
C ASN A 31 7.05 -5.50 -16.66
N LEU A 32 6.55 -4.62 -15.80
CA LEU A 32 5.46 -4.95 -14.88
C LEU A 32 4.13 -4.36 -15.33
N LEU A 33 4.09 -3.76 -16.50
CA LEU A 33 2.89 -3.10 -16.99
C LEU A 33 2.54 -3.62 -18.38
N GLU A 34 1.24 -3.83 -18.59
CA GLU A 34 0.75 -4.27 -19.88
C GLU A 34 -0.05 -3.16 -20.54
N ASP A 35 0.30 -2.84 -21.78
CA ASP A 35 -0.33 -1.77 -22.53
C ASP A 35 -1.05 -2.23 -23.77
N LYS A 36 -0.95 -3.50 -24.14
CA LYS A 36 -1.47 -4.00 -25.41
C LYS A 36 -2.67 -4.91 -25.19
N HIS A 37 -3.57 -4.91 -26.17
CA HIS A 37 -4.74 -5.79 -26.20
C HIS A 37 -4.91 -6.31 -27.62
N ASN A 38 -5.49 -7.51 -27.73
CA ASN A 38 -5.63 -8.12 -29.05
C ASN A 38 -6.71 -7.48 -29.90
N GLY A 39 -7.60 -6.70 -29.30
CA GLY A 39 -8.63 -6.03 -30.07
C GLY A 39 -9.80 -6.89 -30.44
N LYS A 40 -10.08 -7.94 -29.67
CA LYS A 40 -11.23 -8.80 -29.92
C LYS A 40 -11.95 -9.08 -28.62
N LEU A 41 -13.25 -9.34 -28.72
CA LEU A 41 -14.08 -9.73 -27.58
C LEU A 41 -14.14 -11.25 -27.55
N CYS A 42 -13.20 -11.85 -26.85
CA CYS A 42 -13.01 -13.29 -26.85
C CYS A 42 -13.73 -13.94 -25.66
N LYS A 43 -13.72 -15.27 -25.65
CA LYS A 43 -14.50 -16.02 -24.68
C LYS A 43 -13.84 -16.02 -23.30
N LEU A 44 -14.68 -16.00 -22.27
CA LEU A 44 -14.24 -15.99 -20.87
C LEU A 44 -14.55 -17.34 -20.26
N ARG A 45 -13.53 -17.98 -19.69
CA ARG A 45 -13.66 -19.29 -19.05
C ARG A 45 -14.22 -20.33 -20.03
N GLY A 46 -13.85 -20.20 -21.30
CA GLY A 46 -14.30 -21.14 -22.30
C GLY A 46 -15.72 -20.96 -22.78
N VAL A 47 -16.42 -19.93 -22.33
CA VAL A 47 -17.81 -19.68 -22.71
C VAL A 47 -17.87 -18.37 -23.48
N ALA A 48 -18.52 -18.40 -24.64
CA ALA A 48 -18.62 -17.22 -25.49
C ALA A 48 -19.58 -16.20 -24.88
N PRO A 49 -19.46 -14.93 -25.26
CA PRO A 49 -20.42 -13.93 -24.81
C PRO A 49 -21.73 -14.01 -25.58
N LEU A 50 -22.76 -13.39 -25.00
CA LEU A 50 -24.04 -13.19 -25.67
C LEU A 50 -23.99 -11.85 -26.40
N HIS A 51 -23.95 -11.90 -27.73
CA HIS A 51 -23.81 -10.68 -28.53
C HIS A 51 -25.18 -10.24 -29.00
N LEU A 52 -25.63 -9.09 -28.51
CA LEU A 52 -26.89 -8.48 -28.96
C LEU A 52 -26.54 -7.34 -29.89
N GLY A 53 -26.68 -7.56 -31.20
CA GLY A 53 -26.15 -6.62 -32.17
C GLY A 53 -26.87 -5.30 -32.21
N LYS A 54 -28.10 -5.30 -32.69
CA LYS A 54 -28.92 -4.10 -32.73
C LYS A 54 -29.93 -4.05 -31.60
N CYS A 55 -30.00 -5.07 -30.76
CA CYS A 55 -30.89 -5.09 -29.61
C CYS A 55 -30.12 -4.81 -28.33
N ASN A 56 -30.85 -4.32 -27.33
CA ASN A 56 -30.41 -4.32 -25.95
C ASN A 56 -31.11 -5.46 -25.23
N ILE A 57 -30.81 -5.60 -23.94
CA ILE A 57 -31.29 -6.73 -23.16
C ILE A 57 -32.81 -6.70 -23.09
N ALA A 58 -33.39 -5.52 -23.00
CA ALA A 58 -34.84 -5.37 -22.94
C ALA A 58 -35.51 -5.95 -24.18
N GLY A 59 -35.05 -5.53 -25.35
CA GLY A 59 -35.64 -6.02 -26.58
C GLY A 59 -35.42 -7.50 -26.78
N TRP A 60 -34.23 -7.99 -26.43
CA TRP A 60 -33.93 -9.40 -26.59
C TRP A 60 -34.80 -10.28 -25.68
N ILE A 61 -34.97 -9.85 -24.42
CA ILE A 61 -35.76 -10.63 -23.47
C ILE A 61 -37.25 -10.42 -23.63
N LEU A 62 -37.66 -9.40 -24.37
CA LEU A 62 -39.08 -9.14 -24.57
C LEU A 62 -39.53 -9.66 -25.93
N GLY A 63 -38.61 -9.74 -26.88
CA GLY A 63 -38.94 -10.26 -28.19
C GLY A 63 -39.24 -9.20 -29.23
N ASN A 64 -38.37 -8.22 -29.36
CA ASN A 64 -38.50 -7.24 -30.42
C ASN A 64 -38.50 -7.95 -31.77
N PRO A 65 -39.35 -7.54 -32.71
CA PRO A 65 -39.45 -8.28 -33.98
C PRO A 65 -38.21 -8.10 -34.85
N GLU A 66 -37.33 -7.19 -34.46
CA GLU A 66 -36.06 -6.98 -35.15
C GLU A 66 -34.93 -7.65 -34.39
N CYS A 67 -35.25 -8.66 -33.58
CA CYS A 67 -34.26 -9.33 -32.76
C CYS A 67 -34.27 -10.84 -33.02
N GLU A 68 -35.06 -11.27 -34.02
CA GLU A 68 -35.21 -12.71 -34.27
C GLU A 68 -33.96 -13.30 -34.89
N SER A 69 -33.06 -12.47 -35.43
CA SER A 69 -31.82 -12.98 -35.99
C SER A 69 -30.96 -13.65 -34.93
N LEU A 70 -30.98 -13.14 -33.71
CA LEU A 70 -30.20 -13.71 -32.62
C LEU A 70 -30.98 -14.81 -31.90
N ALA A 73 -27.95 -18.93 -27.69
CA ALA A 73 -26.92 -19.53 -26.84
C ALA A 73 -27.52 -20.03 -25.54
N ARG A 74 -27.11 -21.20 -25.08
CA ARG A 74 -27.76 -21.77 -23.88
C ARG A 74 -27.01 -21.30 -22.64
N SER A 75 -25.78 -20.82 -22.80
CA SER A 75 -25.08 -20.23 -21.67
C SER A 75 -24.11 -19.18 -22.19
N TRP A 76 -23.71 -18.27 -21.31
CA TRP A 76 -22.77 -17.23 -21.68
C TRP A 76 -22.08 -16.70 -20.42
N SER A 77 -20.94 -16.04 -20.64
CA SER A 77 -20.13 -15.51 -19.56
C SER A 77 -20.29 -14.01 -19.37
N TYR A 78 -20.67 -13.28 -20.41
CA TYR A 78 -20.97 -11.85 -20.31
C TYR A 78 -21.73 -11.42 -21.55
N ILE A 79 -22.43 -10.29 -21.48
CA ILE A 79 -23.22 -9.79 -22.59
C ILE A 79 -22.46 -8.65 -23.26
N VAL A 80 -22.61 -8.57 -24.58
CA VAL A 80 -21.98 -7.53 -25.38
C VAL A 80 -23.07 -6.79 -26.15
N GLU A 81 -23.17 -5.49 -25.90
CA GLU A 81 -24.10 -4.60 -26.60
C GLU A 81 -23.30 -3.60 -27.41
N THR A 82 -23.82 -3.24 -28.57
CA THR A 82 -23.15 -2.28 -29.43
C THR A 82 -23.63 -0.88 -29.12
N SER A 83 -22.84 0.12 -29.50
CA SER A 83 -23.18 1.52 -29.27
C SER A 83 -24.40 1.93 -30.08
N ASN A 84 -24.73 1.14 -31.11
CA ASN A 84 -25.90 1.41 -31.95
C ASN A 84 -27.08 0.50 -31.65
N SER A 85 -27.06 -0.20 -30.52
CA SER A 85 -28.15 -1.13 -30.15
C SER A 85 -29.30 -0.32 -29.54
N ASP A 86 -30.08 0.29 -30.43
CA ASP A 86 -31.20 1.14 -30.03
C ASP A 86 -32.55 0.44 -30.09
N ASN A 87 -32.59 -0.83 -30.46
CA ASN A 87 -33.86 -1.54 -30.58
C ASN A 87 -34.21 -2.21 -29.26
N GLY A 88 -35.17 -1.63 -28.54
CA GLY A 88 -35.59 -2.14 -27.26
C GLY A 88 -37.09 -2.23 -27.15
N THR A 89 -37.65 -1.59 -26.12
CA THR A 89 -39.09 -1.57 -25.92
C THR A 89 -39.72 -0.72 -27.02
N CYS A 90 -40.27 -1.40 -28.03
CA CYS A 90 -40.89 -0.70 -29.15
C CYS A 90 -42.10 0.11 -28.72
N TYR A 91 -42.98 -0.49 -27.92
CA TYR A 91 -44.07 0.28 -27.35
C TYR A 91 -43.56 1.10 -26.18
N PRO A 92 -43.89 2.38 -26.13
CA PRO A 92 -43.41 3.24 -25.04
C PRO A 92 -43.89 2.76 -23.69
N GLY A 93 -43.06 3.02 -22.69
CA GLY A 93 -43.39 2.67 -21.33
C GLY A 93 -42.14 2.59 -20.49
N ASP A 94 -42.30 2.06 -19.29
CA ASP A 94 -41.20 1.94 -18.34
C ASP A 94 -40.99 0.48 -18.00
N PHE A 95 -39.72 0.08 -17.95
CA PHE A 95 -39.31 -1.26 -17.59
C PHE A 95 -38.89 -1.23 -16.12
N ILE A 96 -39.68 -1.86 -15.28
CA ILE A 96 -39.46 -1.80 -13.84
C ILE A 96 -38.31 -2.72 -13.46
N ASN A 97 -37.36 -2.18 -12.68
CA ASN A 97 -36.16 -2.91 -12.25
C ASN A 97 -35.39 -3.46 -13.45
N TYR A 98 -35.21 -2.61 -14.46
CA TYR A 98 -34.48 -3.02 -15.66
C TYR A 98 -33.04 -3.36 -15.34
N GLU A 99 -32.35 -2.51 -14.57
CA GLU A 99 -30.95 -2.76 -14.26
C GLU A 99 -30.75 -3.97 -13.37
N GLU A 100 -31.69 -4.26 -12.48
CA GLU A 100 -31.63 -5.52 -11.76
C GLU A 100 -31.70 -6.70 -12.71
N LEU A 101 -32.60 -6.65 -13.70
CA LEU A 101 -32.70 -7.73 -14.67
C LEU A 101 -31.41 -7.87 -15.48
N ARG A 102 -30.81 -6.75 -15.87
CA ARG A 102 -29.55 -6.80 -16.59
C ARG A 102 -28.44 -7.39 -15.75
N GLU A 103 -28.41 -7.08 -14.45
CA GLU A 103 -27.41 -7.71 -13.58
C GLU A 103 -27.62 -9.21 -13.44
N GLN A 104 -28.87 -9.65 -13.27
CA GLN A 104 -29.10 -11.09 -13.17
C GLN A 104 -28.78 -11.81 -14.47
N LEU A 105 -29.08 -11.20 -15.61
CA LEU A 105 -28.86 -11.86 -16.89
C LEU A 105 -27.43 -11.74 -17.38
N SER A 106 -26.53 -11.18 -16.59
CA SER A 106 -25.16 -10.97 -17.06
C SER A 106 -24.45 -12.28 -17.39
N SER A 107 -24.64 -13.30 -16.56
CA SER A 107 -24.06 -14.62 -16.83
C SER A 107 -24.97 -15.72 -16.32
N VAL A 108 -25.33 -16.67 -17.17
CA VAL A 108 -26.24 -17.75 -16.82
C VAL A 108 -25.55 -19.07 -17.16
N SER A 109 -25.68 -20.05 -16.28
CA SER A 109 -25.18 -21.38 -16.59
C SER A 109 -26.10 -22.12 -17.54
N SER A 110 -27.41 -21.88 -17.45
CA SER A 110 -28.38 -22.51 -18.33
C SER A 110 -29.48 -21.51 -18.64
N PHE A 111 -29.88 -21.42 -19.90
CA PHE A 111 -30.90 -20.47 -20.35
C PHE A 111 -31.66 -21.08 -21.52
N GLU A 112 -32.90 -21.49 -21.28
CA GLU A 112 -33.75 -22.07 -22.31
C GLU A 112 -35.08 -21.33 -22.35
N ARG A 113 -35.70 -21.15 -23.42
CA ARG A 113 -37.01 -20.49 -23.51
C ARG A 113 -38.08 -21.54 -23.78
N PHE A 114 -39.15 -21.54 -23.11
CA PHE A 114 -40.26 -22.48 -23.22
C PHE A 114 -41.57 -21.71 -23.24
N GLU A 115 -42.63 -22.39 -23.66
CA GLU A 115 -43.95 -21.77 -23.80
C GLU A 115 -44.72 -21.95 -22.50
N ILE A 116 -44.72 -20.89 -21.69
CA ILE A 116 -45.38 -20.90 -20.39
C ILE A 116 -46.89 -20.99 -20.57
N PHE A 117 -47.42 -20.29 -21.57
CA PHE A 117 -48.83 -20.40 -21.92
C PHE A 117 -48.96 -20.58 -23.42
N PRO A 118 -49.35 -21.75 -23.91
CA PRO A 118 -49.53 -21.93 -25.35
C PRO A 118 -50.60 -20.99 -25.88
N LYS A 119 -50.36 -20.44 -27.07
CA LYS A 119 -51.29 -19.47 -27.64
C LYS A 119 -52.59 -20.14 -28.09
N THR A 120 -52.53 -21.42 -28.43
CA THR A 120 -53.67 -22.13 -29.00
C THR A 120 -54.58 -22.76 -27.95
N SER A 121 -54.20 -22.75 -26.68
CA SER A 121 -54.99 -23.44 -25.67
C SER A 121 -55.21 -22.65 -24.39
N SER A 122 -54.60 -21.49 -24.20
CA SER A 122 -54.65 -20.79 -22.92
C SER A 122 -55.70 -19.68 -22.87
N TRP A 123 -56.02 -19.07 -24.01
CA TRP A 123 -56.93 -17.94 -23.98
C TRP A 123 -58.07 -18.17 -24.96
N PRO A 124 -59.04 -19.00 -24.61
CA PRO A 124 -60.15 -19.27 -25.55
C PRO A 124 -61.20 -18.18 -25.56
N ASN A 125 -61.41 -17.52 -24.42
CA ASN A 125 -62.44 -16.50 -24.32
C ASN A 125 -61.98 -15.11 -24.71
N HIS A 126 -60.71 -14.94 -25.07
CA HIS A 126 -60.15 -13.64 -25.41
C HIS A 126 -59.56 -13.70 -26.81
N ASP A 127 -59.21 -12.53 -27.33
CA ASP A 127 -58.61 -12.41 -28.66
C ASP A 127 -57.10 -12.23 -28.51
N SER A 128 -56.34 -13.09 -29.17
CA SER A 128 -54.89 -13.04 -29.12
C SER A 128 -54.27 -12.76 -30.49
N ASP A 129 -55.02 -12.14 -31.40
CA ASP A 129 -54.56 -11.88 -32.74
C ASP A 129 -54.57 -10.41 -33.13
N LYS A 130 -55.43 -9.59 -32.52
CA LYS A 130 -55.52 -8.18 -32.87
C LYS A 130 -54.62 -7.29 -32.02
N GLY A 131 -53.80 -7.87 -31.15
CA GLY A 131 -52.91 -7.08 -30.32
C GLY A 131 -51.62 -6.70 -31.00
N VAL A 132 -51.72 -5.98 -32.11
CA VAL A 132 -50.56 -5.55 -32.91
C VAL A 132 -50.68 -4.06 -33.18
N THR A 133 -49.55 -3.36 -33.12
CA THR A 133 -49.51 -1.92 -33.31
C THR A 133 -48.38 -1.53 -34.24
N ALA A 134 -48.44 -0.29 -34.71
CA ALA A 134 -47.41 0.26 -35.59
C ALA A 134 -46.18 0.74 -34.83
N ALA A 135 -46.21 0.71 -33.49
CA ALA A 135 -45.03 1.05 -32.72
C ALA A 135 -43.96 -0.03 -32.81
N CYS A 136 -44.30 -1.22 -33.30
CA CYS A 136 -43.35 -2.32 -33.48
C CYS A 136 -43.48 -2.86 -34.90
N PRO A 137 -42.94 -2.15 -35.90
CA PRO A 137 -43.01 -2.66 -37.27
C PRO A 137 -42.29 -4.00 -37.40
N HIS A 138 -42.81 -4.83 -38.29
CA HIS A 138 -42.11 -6.04 -38.71
C HIS A 138 -42.36 -6.21 -40.20
N ALA A 139 -41.36 -5.90 -41.01
CA ALA A 139 -41.47 -5.91 -42.47
C ALA A 139 -42.63 -5.01 -42.93
N GLY A 140 -42.76 -3.87 -42.28
CA GLY A 140 -43.81 -2.92 -42.62
C GLY A 140 -45.12 -3.12 -41.91
N ALA A 141 -45.57 -4.37 -41.80
CA ALA A 141 -46.84 -4.66 -41.16
C ALA A 141 -46.72 -4.48 -39.65
N LYS A 142 -47.85 -4.23 -39.01
CA LYS A 142 -47.90 -4.11 -37.57
C LYS A 142 -47.65 -5.46 -36.91
N SER A 143 -46.95 -5.44 -35.78
CA SER A 143 -46.61 -6.67 -35.07
C SER A 143 -46.52 -6.33 -33.58
N PHE A 144 -45.97 -7.27 -32.80
CA PHE A 144 -45.80 -7.10 -31.38
C PHE A 144 -44.64 -7.98 -30.93
N TYR A 145 -44.37 -8.00 -29.63
CA TYR A 145 -43.30 -8.81 -29.10
C TYR A 145 -43.60 -10.29 -29.28
N LYS A 146 -42.55 -11.08 -29.50
CA LYS A 146 -42.68 -12.51 -29.66
C LYS A 146 -42.94 -13.24 -28.36
N ASN A 147 -42.40 -12.76 -27.23
CA ASN A 147 -42.55 -13.42 -25.94
C ASN A 147 -43.76 -12.92 -25.16
N LEU A 148 -44.58 -12.06 -25.74
CA LEU A 148 -45.72 -11.51 -25.04
C LEU A 148 -46.96 -11.50 -25.94
N ILE A 149 -48.14 -11.54 -25.34
CA ILE A 149 -49.40 -11.53 -26.10
C ILE A 149 -50.30 -10.46 -25.52
N TRP A 150 -50.77 -9.56 -26.38
CA TRP A 150 -51.68 -8.48 -25.99
C TRP A 150 -53.09 -8.97 -26.21
N LEU A 151 -53.82 -9.21 -25.13
CA LEU A 151 -55.17 -9.76 -25.20
C LEU A 151 -56.19 -8.62 -25.26
N VAL A 152 -57.07 -8.69 -26.24
CA VAL A 152 -58.14 -7.72 -26.40
C VAL A 152 -59.48 -8.45 -26.33
N LYS A 153 -60.56 -7.66 -26.31
CA LYS A 153 -61.89 -8.22 -26.21
C LYS A 153 -62.23 -9.09 -27.41
N LYS A 154 -63.00 -10.15 -27.17
CA LYS A 154 -63.52 -11.00 -28.24
C LYS A 154 -65.00 -10.65 -28.45
N GLY A 155 -65.23 -9.64 -29.27
CA GLY A 155 -66.59 -9.26 -29.62
C GLY A 155 -67.41 -8.73 -28.47
N ASN A 156 -67.02 -7.57 -27.95
CA ASN A 156 -67.76 -6.87 -26.90
C ASN A 156 -67.89 -7.69 -25.62
N SER A 157 -66.89 -8.50 -25.31
CA SER A 157 -66.90 -9.32 -24.10
C SER A 157 -65.46 -9.55 -23.66
N TYR A 158 -65.14 -9.17 -22.44
CA TYR A 158 -63.86 -9.47 -21.83
C TYR A 158 -64.10 -10.12 -20.48
N PRO A 159 -64.35 -11.42 -20.44
CA PRO A 159 -64.61 -12.07 -19.16
C PRO A 159 -63.39 -12.06 -18.27
N LYS A 160 -63.59 -12.19 -16.97
CA LYS A 160 -62.48 -12.19 -16.04
C LYS A 160 -61.52 -13.34 -16.36
N LEU A 161 -60.25 -12.99 -16.52
CA LEU A 161 -59.21 -13.93 -16.91
C LEU A 161 -58.48 -14.41 -15.68
N ASN A 162 -58.39 -15.74 -15.51
CA ASN A 162 -57.57 -16.29 -14.44
C ASN A 162 -56.76 -17.44 -15.03
N GLN A 163 -55.44 -17.37 -14.84
CA GLN A 163 -54.53 -18.38 -15.31
C GLN A 163 -53.43 -18.60 -14.28
N THR A 164 -52.79 -19.77 -14.32
CA THR A 164 -51.71 -20.06 -13.39
C THR A 164 -50.69 -20.99 -14.02
N TYR A 165 -49.44 -20.88 -13.59
CA TYR A 165 -48.38 -21.75 -14.05
C TYR A 165 -47.62 -22.28 -12.85
N ILE A 166 -47.35 -23.57 -12.85
CA ILE A 166 -46.63 -24.23 -11.76
C ILE A 166 -45.26 -24.62 -12.27
N ASN A 167 -44.22 -24.26 -11.54
CA ASN A 167 -42.84 -24.46 -11.98
C ASN A 167 -42.42 -25.91 -11.80
N ASP A 168 -42.64 -26.73 -12.84
CA ASP A 168 -42.20 -28.12 -12.78
C ASP A 168 -40.72 -28.27 -13.09
N LYS A 169 -40.08 -27.25 -13.65
CA LYS A 169 -38.66 -27.31 -13.93
C LYS A 169 -37.87 -27.32 -12.63
N GLY A 170 -36.63 -27.79 -12.70
CA GLY A 170 -35.79 -27.81 -11.52
C GLY A 170 -34.98 -26.55 -11.35
N LYS A 171 -35.20 -25.57 -12.23
CA LYS A 171 -34.45 -24.32 -12.21
C LYS A 171 -35.41 -23.17 -12.01
N GLU A 172 -34.88 -21.95 -12.00
CA GLU A 172 -35.75 -20.79 -11.87
C GLU A 172 -36.39 -20.50 -13.22
N VAL A 173 -37.53 -19.83 -13.21
CA VAL A 173 -38.10 -19.35 -14.47
C VAL A 173 -38.34 -17.85 -14.37
N LEU A 174 -37.83 -17.13 -15.36
CA LEU A 174 -38.08 -15.72 -15.51
C LEU A 174 -39.35 -15.54 -16.32
N VAL A 175 -40.31 -14.82 -15.74
CA VAL A 175 -41.61 -14.57 -16.34
C VAL A 175 -41.76 -13.06 -16.50
N LEU A 176 -42.09 -12.64 -17.72
CA LEU A 176 -42.24 -11.23 -18.04
C LEU A 176 -43.65 -10.98 -18.56
N TRP A 177 -44.25 -9.88 -18.13
CA TRP A 177 -45.57 -9.50 -18.58
C TRP A 177 -45.62 -7.99 -18.69
N GLY A 178 -46.78 -7.47 -19.11
CA GLY A 178 -46.93 -6.04 -19.28
C GLY A 178 -48.31 -5.58 -18.88
N ILE A 179 -48.38 -4.32 -18.45
CA ILE A 179 -49.62 -3.64 -18.14
C ILE A 179 -49.75 -2.46 -19.09
N HIS A 180 -50.88 -2.40 -19.78
CA HIS A 180 -51.13 -1.37 -20.78
C HIS A 180 -51.95 -0.24 -20.18
N HIS A 181 -51.52 0.99 -20.44
CA HIS A 181 -52.22 2.19 -19.98
C HIS A 181 -52.70 2.95 -21.20
N PRO A 182 -53.98 2.85 -21.55
CA PRO A 182 -54.48 3.51 -22.75
C PRO A 182 -54.56 5.01 -22.57
N PRO A 183 -54.58 5.77 -23.66
CA PRO A 183 -54.63 7.23 -23.54
C PRO A 183 -55.98 7.77 -23.07
N THR A 184 -57.07 7.24 -23.62
CA THR A 184 -58.40 7.77 -23.35
C THR A 184 -59.31 6.64 -22.88
N ILE A 185 -60.39 7.01 -22.20
CA ILE A 185 -61.36 6.04 -21.74
C ILE A 185 -62.02 5.31 -22.90
N ALA A 186 -62.27 6.01 -24.00
CA ALA A 186 -62.81 5.37 -25.20
C ALA A 186 -61.89 4.28 -25.74
N ALA A 187 -60.59 4.51 -25.75
CA ALA A 187 -59.66 3.44 -26.13
C ALA A 187 -59.75 2.27 -25.18
N GLN A 188 -59.87 2.55 -23.88
CA GLN A 188 -59.97 1.50 -22.88
C GLN A 188 -61.20 0.63 -23.12
N GLU A 189 -62.34 1.24 -23.46
CA GLU A 189 -63.52 0.48 -23.77
C GLU A 189 -63.44 -0.22 -25.12
N SER A 190 -62.72 0.36 -26.08
CA SER A 190 -62.57 -0.28 -27.38
C SER A 190 -61.62 -1.47 -27.34
N LEU A 191 -60.73 -1.54 -26.36
CA LEU A 191 -59.80 -2.66 -26.24
C LEU A 191 -60.24 -3.72 -25.24
N TYR A 192 -60.83 -3.32 -24.11
CA TYR A 192 -61.21 -4.27 -23.08
C TYR A 192 -62.64 -4.13 -22.60
N GLN A 193 -63.26 -2.96 -22.72
CA GLN A 193 -64.67 -2.74 -22.36
C GLN A 193 -64.91 -3.13 -20.90
N ASN A 194 -64.20 -2.47 -20.00
CA ASN A 194 -64.49 -2.64 -18.58
C ASN A 194 -64.36 -1.34 -17.80
N ALA A 195 -63.72 -0.34 -18.39
CA ALA A 195 -63.50 0.96 -17.74
C ALA A 195 -62.67 0.80 -16.47
N ASP A 196 -63.22 0.13 -15.48
CA ASP A 196 -62.56 -0.06 -14.19
C ASP A 196 -61.85 -1.42 -14.08
N ALA A 197 -60.98 -1.69 -15.05
CA ALA A 197 -60.24 -2.93 -15.07
C ALA A 197 -59.15 -2.95 -14.01
N TYR A 198 -58.65 -4.15 -13.71
CA TYR A 198 -57.59 -4.36 -12.74
C TYR A 198 -56.81 -5.60 -13.13
N VAL A 199 -55.53 -5.63 -12.82
CA VAL A 199 -54.69 -6.81 -13.00
C VAL A 199 -54.13 -7.18 -11.64
N PHE A 200 -53.85 -8.46 -11.44
CA PHE A 200 -53.23 -8.92 -10.20
C PHE A 200 -52.30 -10.07 -10.54
N VAL A 201 -51.03 -9.92 -10.17
CA VAL A 201 -50.08 -11.01 -10.31
C VAL A 201 -49.60 -11.47 -8.95
N GLY A 202 -49.62 -12.78 -8.75
CA GLY A 202 -49.25 -13.33 -7.45
C GLY A 202 -48.38 -14.56 -7.48
N THR A 203 -47.28 -14.53 -6.75
CA THR A 203 -46.49 -15.72 -6.45
C THR A 203 -46.48 -15.93 -4.95
N SER A 204 -45.64 -16.86 -4.47
CA SER A 204 -45.52 -17.06 -3.03
C SER A 204 -44.83 -15.90 -2.33
N ARG A 205 -44.13 -15.05 -3.07
CA ARG A 205 -43.47 -13.89 -2.48
C ARG A 205 -43.96 -12.59 -3.13
N TYR A 206 -44.21 -12.63 -4.42
CA TYR A 206 -44.59 -11.43 -5.18
C TYR A 206 -46.10 -11.40 -5.30
N SER A 207 -46.73 -10.43 -4.65
CA SER A 207 -48.16 -10.17 -4.78
C SER A 207 -48.35 -8.70 -5.12
N LYS A 208 -49.02 -8.41 -6.23
CA LYS A 208 -49.19 -7.01 -6.61
C LYS A 208 -50.40 -6.79 -7.51
N LYS A 209 -51.15 -5.72 -7.22
CA LYS A 209 -52.29 -5.33 -8.02
C LYS A 209 -51.95 -4.08 -8.82
N PHE A 210 -52.33 -4.09 -10.08
CA PHE A 210 -52.04 -2.95 -10.97
C PHE A 210 -53.33 -2.49 -11.57
N LYS A 211 -53.66 -1.22 -11.38
CA LYS A 211 -54.89 -0.61 -11.93
C LYS A 211 -54.38 0.34 -13.03
N PRO A 212 -55.03 0.38 -14.22
CA PRO A 212 -54.59 1.22 -15.35
C PRO A 212 -54.67 2.72 -15.07
N GLU A 213 -53.77 3.49 -15.66
CA GLU A 213 -53.72 4.95 -15.55
C GLU A 213 -54.05 5.53 -16.91
N ILE A 214 -55.31 5.91 -17.10
CA ILE A 214 -55.84 6.33 -18.39
C ILE A 214 -55.66 7.84 -18.50
N ALA A 215 -54.64 8.27 -19.25
CA ALA A 215 -54.38 9.67 -19.50
C ALA A 215 -53.54 9.78 -20.76
N THR A 216 -53.53 10.97 -21.35
CA THR A 216 -52.83 11.23 -22.59
C THR A 216 -51.42 11.70 -22.28
N ARG A 217 -50.43 10.98 -22.78
CA ARG A 217 -49.02 11.28 -22.58
C ARG A 217 -48.44 11.92 -23.84
N PRO A 218 -47.30 12.60 -23.71
CA PRO A 218 -46.62 13.10 -24.92
C PRO A 218 -46.29 11.95 -25.85
N LYS A 219 -46.43 12.22 -27.14
CA LYS A 219 -46.30 11.17 -28.16
C LYS A 219 -44.88 10.65 -28.23
N VAL A 220 -44.73 9.34 -28.04
CA VAL A 220 -43.48 8.65 -28.29
C VAL A 220 -43.78 7.53 -29.27
N ARG A 221 -43.11 7.53 -30.41
CA ARG A 221 -43.34 6.55 -31.47
C ARG A 221 -44.81 6.55 -31.90
N ASP A 222 -45.41 7.74 -31.88
CA ASP A 222 -46.81 7.95 -32.26
C ASP A 222 -47.70 7.06 -31.40
N GLN A 223 -47.45 7.12 -30.09
CA GLN A 223 -48.22 6.39 -29.08
C GLN A 223 -48.50 7.34 -27.93
N GLU A 224 -49.78 7.62 -27.70
CA GLU A 224 -50.17 8.42 -26.55
C GLU A 224 -50.23 7.59 -25.27
N GLY A 225 -50.63 6.32 -25.36
CA GLY A 225 -50.62 5.44 -24.22
C GLY A 225 -49.25 4.86 -23.96
N ARG A 226 -49.17 4.06 -22.90
CA ARG A 226 -47.89 3.50 -22.48
C ARG A 226 -48.06 2.03 -22.15
N MET A 227 -46.94 1.34 -21.96
CA MET A 227 -46.96 -0.06 -21.58
C MET A 227 -45.82 -0.30 -20.59
N ASN A 228 -46.15 -0.56 -19.34
CA ASN A 228 -45.17 -0.91 -18.34
C ASN A 228 -44.84 -2.39 -18.44
N TYR A 229 -43.56 -2.73 -18.30
CA TYR A 229 -43.13 -4.12 -18.38
C TYR A 229 -42.58 -4.56 -17.05
N TYR A 230 -43.09 -5.69 -16.57
CA TYR A 230 -42.68 -6.22 -15.27
C TYR A 230 -42.11 -7.62 -15.45
N TRP A 231 -41.22 -8.01 -14.54
CA TRP A 231 -40.56 -9.30 -14.56
C TRP A 231 -40.55 -9.88 -13.16
N THR A 232 -40.51 -11.20 -13.07
CA THR A 232 -40.43 -11.89 -11.80
C THR A 232 -39.69 -13.21 -12.00
N LEU A 233 -39.15 -13.74 -10.91
CA LEU A 233 -38.47 -15.02 -10.91
C LEU A 233 -39.25 -16.00 -10.05
N VAL A 234 -39.67 -17.12 -10.65
CA VAL A 234 -40.43 -18.15 -9.96
C VAL A 234 -39.49 -19.29 -9.64
N GLU A 235 -39.46 -19.68 -8.37
CA GLU A 235 -38.60 -20.74 -7.87
C GLU A 235 -39.17 -22.11 -8.21
N PRO A 236 -38.35 -23.16 -8.14
CA PRO A 236 -38.86 -24.52 -8.37
C PRO A 236 -39.93 -24.89 -7.35
N GLY A 237 -41.07 -25.38 -7.83
CA GLY A 237 -42.18 -25.76 -6.99
C GLY A 237 -43.20 -24.66 -6.77
N ASP A 238 -42.83 -23.41 -7.06
CA ASP A 238 -43.74 -22.29 -6.85
C ASP A 238 -44.69 -22.17 -8.03
N LYS A 239 -45.61 -21.20 -7.93
CA LYS A 239 -46.59 -20.97 -8.98
C LYS A 239 -46.83 -19.48 -9.15
N ILE A 240 -47.19 -19.11 -10.37
CA ILE A 240 -47.48 -17.72 -10.71
C ILE A 240 -48.92 -17.63 -11.19
N THR A 241 -49.69 -16.72 -10.60
CA THR A 241 -51.09 -16.58 -10.94
C THR A 241 -51.38 -15.20 -11.53
N PHE A 242 -52.10 -15.20 -12.64
CA PHE A 242 -52.51 -13.98 -13.35
C PHE A 242 -54.03 -13.88 -13.24
N GLU A 243 -54.51 -12.76 -12.70
CA GLU A 243 -55.92 -12.42 -12.71
C GLU A 243 -56.08 -11.07 -13.42
N ALA A 244 -57.11 -10.94 -14.24
CA ALA A 244 -57.22 -9.75 -15.05
C ALA A 244 -58.61 -9.48 -15.59
N THR A 245 -59.13 -8.28 -15.29
CA THR A 245 -60.33 -7.79 -15.95
C THR A 245 -59.96 -7.03 -17.22
N GLY A 246 -58.74 -6.53 -17.32
CA GLY A 246 -58.28 -5.94 -18.55
C GLY A 246 -56.86 -5.42 -18.40
N ASN A 247 -56.32 -4.93 -19.50
CA ASN A 247 -55.04 -4.21 -19.51
C ASN A 247 -53.88 -5.11 -19.09
N LEU A 248 -53.81 -6.30 -19.68
CA LEU A 248 -52.73 -7.21 -19.33
C LEU A 248 -52.14 -7.83 -20.58
N VAL A 249 -50.83 -7.74 -20.70
CA VAL A 249 -50.08 -8.39 -21.76
C VAL A 249 -49.48 -9.66 -21.18
N VAL A 250 -50.08 -10.80 -21.51
CA VAL A 250 -49.77 -12.07 -20.87
C VAL A 250 -48.44 -12.61 -21.39
N PRO A 251 -47.70 -13.36 -20.57
CA PRO A 251 -46.52 -14.04 -21.09
C PRO A 251 -46.91 -15.12 -22.09
N ARG A 252 -46.11 -15.23 -23.15
CA ARG A 252 -46.17 -16.37 -24.05
C ARG A 252 -44.95 -17.26 -23.95
N TYR A 253 -43.78 -16.71 -23.66
CA TYR A 253 -42.57 -17.48 -23.49
C TYR A 253 -41.91 -17.08 -22.18
N ALA A 254 -41.56 -18.07 -21.39
CA ALA A 254 -40.81 -17.86 -20.16
C ALA A 254 -39.42 -18.45 -20.34
N PHE A 255 -38.50 -18.03 -19.49
CA PHE A 255 -37.09 -18.40 -19.64
C PHE A 255 -36.65 -19.21 -18.44
N THR A 256 -36.47 -20.52 -18.62
CA THR A 256 -35.92 -21.33 -17.56
C THR A 256 -34.42 -21.11 -17.50
N MET A 257 -33.95 -20.63 -16.36
CA MET A 257 -32.56 -20.23 -16.19
C MET A 257 -32.00 -20.78 -14.89
N GLU A 258 -30.71 -21.07 -14.94
CA GLU A 258 -29.86 -21.33 -13.79
C GLU A 258 -28.64 -20.42 -13.90
N ARG A 259 -28.41 -19.67 -12.83
CA ARG A 259 -27.57 -18.48 -12.84
C ARG A 259 -26.20 -18.80 -12.29
N ASP A 260 -25.22 -18.02 -12.72
CA ASP A 260 -23.84 -18.16 -12.28
C ASP A 260 -23.54 -17.18 -11.15
N ALA A 261 -22.26 -17.09 -10.80
CA ALA A 261 -21.82 -16.22 -9.71
C ALA A 261 -22.09 -14.75 -10.01
N GLY A 262 -21.78 -14.32 -11.23
CA GLY A 262 -22.01 -12.94 -11.61
C GLY A 262 -20.99 -12.40 -12.58
N SER A 263 -21.41 -11.49 -13.44
CA SER A 263 -20.53 -10.89 -14.44
C SER A 263 -21.12 -9.55 -14.85
N GLY A 264 -20.64 -9.02 -15.97
CA GLY A 264 -21.00 -7.70 -16.41
C GLY A 264 -21.53 -7.64 -17.84
N ILE A 265 -21.72 -6.40 -18.30
CA ILE A 265 -22.18 -6.11 -19.65
C ILE A 265 -21.19 -5.13 -20.27
N ILE A 266 -20.73 -5.43 -21.47
CA ILE A 266 -19.73 -4.64 -22.17
C ILE A 266 -20.39 -3.93 -23.33
N ILE A 267 -20.27 -2.61 -23.37
CA ILE A 267 -20.81 -1.81 -24.46
C ILE A 267 -19.63 -1.41 -25.35
N SER A 268 -19.42 -2.18 -26.42
CA SER A 268 -18.31 -1.93 -27.31
C SER A 268 -18.67 -2.40 -28.72
N ASP A 269 -18.00 -1.81 -29.70
CA ASP A 269 -18.16 -2.19 -31.11
C ASP A 269 -17.05 -3.12 -31.58
N THR A 270 -16.23 -3.61 -30.67
CA THR A 270 -15.12 -4.49 -31.01
C THR A 270 -15.67 -5.81 -31.52
N PRO A 271 -15.10 -6.39 -32.59
CA PRO A 271 -15.61 -7.66 -33.10
C PRO A 271 -15.42 -8.82 -32.13
N VAL A 272 -16.14 -9.91 -32.35
CA VAL A 272 -16.12 -11.07 -31.47
C VAL A 272 -15.42 -12.21 -32.20
N HIS A 273 -14.42 -12.81 -31.56
CA HIS A 273 -13.66 -13.91 -32.14
C HIS A 273 -13.60 -15.07 -31.16
N ASP A 274 -13.15 -16.21 -31.67
CA ASP A 274 -13.05 -17.43 -30.88
C ASP A 274 -11.69 -17.44 -30.17
N CYS A 275 -11.71 -17.27 -28.86
CA CYS A 275 -10.48 -17.23 -28.07
C CYS A 275 -10.73 -17.92 -26.74
N ASN A 276 -9.66 -17.98 -25.95
CA ASN A 276 -9.75 -18.18 -24.51
C ASN A 276 -8.92 -17.08 -23.85
N THR A 277 -9.57 -16.27 -23.02
CA THR A 277 -8.89 -15.20 -22.32
C THR A 277 -9.35 -15.18 -20.87
N THR A 278 -8.52 -14.62 -20.00
CA THR A 278 -8.85 -14.50 -18.59
C THR A 278 -9.27 -13.08 -18.21
N CYS A 279 -9.03 -12.10 -19.07
CA CYS A 279 -9.37 -10.72 -18.76
C CYS A 279 -9.86 -10.02 -20.02
N GLN A 280 -11.03 -9.42 -19.94
CA GLN A 280 -11.67 -8.77 -21.08
C GLN A 280 -11.95 -7.31 -20.75
N THR A 281 -11.71 -6.44 -21.74
CA THR A 281 -12.02 -5.03 -21.68
C THR A 281 -12.74 -4.68 -22.97
N PRO A 282 -13.51 -3.58 -22.99
CA PRO A 282 -14.27 -3.23 -24.19
C PRO A 282 -13.42 -3.16 -25.45
N GLU A 283 -12.17 -2.73 -25.33
CA GLU A 283 -11.29 -2.68 -26.48
C GLU A 283 -10.73 -4.05 -26.87
N GLY A 284 -10.49 -4.93 -25.92
CA GLY A 284 -9.92 -6.22 -26.26
C GLY A 284 -9.54 -7.01 -25.02
N ALA A 285 -8.87 -8.13 -25.25
CA ALA A 285 -8.50 -9.04 -24.18
C ALA A 285 -7.06 -8.80 -23.75
N ILE A 286 -6.83 -8.98 -22.45
CA ILE A 286 -5.48 -8.93 -21.87
C ILE A 286 -5.09 -10.34 -21.47
N ASN A 287 -3.97 -10.82 -22.00
CA ASN A 287 -3.45 -12.14 -21.69
C ASN A 287 -2.02 -11.98 -21.18
N THR A 288 -1.87 -11.89 -19.86
CA THR A 288 -0.55 -11.77 -19.27
C THR A 288 -0.60 -12.18 -17.80
N SER A 289 0.57 -12.45 -17.25
CA SER A 289 0.75 -12.66 -15.82
C SER A 289 1.18 -11.40 -15.09
N LEU A 290 1.33 -10.30 -15.81
CA LEU A 290 1.82 -9.05 -15.23
C LEU A 290 0.76 -8.48 -14.29
N PRO A 291 1.18 -7.92 -13.15
CA PRO A 291 0.20 -7.54 -12.13
C PRO A 291 -0.52 -6.23 -12.41
N PHE A 292 -0.04 -5.39 -13.32
CA PHE A 292 -0.64 -4.10 -13.55
C PHE A 292 -0.89 -3.89 -15.05
N GLN A 293 -1.93 -3.12 -15.36
CA GLN A 293 -2.29 -2.81 -16.73
C GLN A 293 -2.87 -1.41 -16.80
N ASN A 294 -2.77 -0.79 -17.98
CA ASN A 294 -3.28 0.56 -18.20
C ASN A 294 -4.06 0.65 -19.49
N VAL A 295 -4.88 -0.35 -19.80
CA VAL A 295 -5.71 -0.36 -20.99
C VAL A 295 -7.11 0.18 -20.72
N HIS A 296 -7.75 -0.28 -19.64
CA HIS A 296 -9.11 0.13 -19.35
C HIS A 296 -9.48 -0.13 -17.90
N PRO A 297 -10.19 0.80 -17.26
CA PRO A 297 -10.68 0.52 -15.90
C PRO A 297 -11.78 -0.50 -15.86
N ILE A 298 -12.62 -0.55 -16.89
CA ILE A 298 -13.77 -1.47 -16.92
C ILE A 298 -13.24 -2.79 -17.48
N THR A 299 -13.15 -3.78 -16.60
CA THR A 299 -12.62 -5.09 -16.94
C THR A 299 -13.55 -6.18 -16.40
N ILE A 300 -13.61 -7.30 -17.12
CA ILE A 300 -14.37 -8.47 -16.69
C ILE A 300 -13.40 -9.64 -16.59
N GLY A 301 -13.40 -10.31 -15.46
CA GLY A 301 -12.57 -11.49 -15.26
C GLY A 301 -11.44 -11.30 -14.28
N LYS A 302 -10.52 -12.26 -14.24
CA LYS A 302 -9.31 -12.13 -13.43
C LYS A 302 -8.36 -11.18 -14.16
N CYS A 303 -8.27 -9.96 -13.67
CA CYS A 303 -7.62 -8.89 -14.40
C CYS A 303 -6.52 -8.22 -13.60
N PRO A 304 -5.48 -7.72 -14.26
CA PRO A 304 -4.47 -6.92 -13.55
C PRO A 304 -5.08 -5.60 -13.08
N LYS A 305 -4.54 -5.09 -11.98
CA LYS A 305 -5.04 -3.85 -11.42
C LYS A 305 -4.75 -2.69 -12.34
N TYR A 306 -5.73 -1.81 -12.50
CA TYR A 306 -5.58 -0.67 -13.38
C TYR A 306 -4.82 0.44 -12.67
N VAL A 307 -3.75 0.93 -13.31
CA VAL A 307 -2.96 2.02 -12.78
C VAL A 307 -2.86 3.07 -13.87
N LYS A 308 -2.65 4.32 -13.45
CA LYS A 308 -2.50 5.42 -14.40
C LYS A 308 -1.05 5.62 -14.82
N SER A 309 -0.19 4.65 -14.54
CA SER A 309 1.21 4.75 -14.94
C SER A 309 1.37 4.50 -16.43
N THR A 310 2.48 4.99 -16.97
CA THR A 310 2.85 4.72 -18.36
C THR A 310 4.08 3.84 -18.50
N LYS A 311 4.94 3.73 -17.50
CA LYS A 311 6.16 2.94 -17.57
C LYS A 311 6.49 2.43 -16.18
N LEU A 312 6.32 1.12 -15.98
CA LEU A 312 6.69 0.43 -14.75
C LEU A 312 7.68 -0.66 -15.13
N ARG A 313 8.96 -0.32 -15.17
CA ARG A 313 10.01 -1.26 -15.54
C ARG A 313 10.84 -1.59 -14.31
N LEU A 314 11.02 -2.88 -14.05
CA LEU A 314 11.76 -3.37 -12.90
C LEU A 314 13.18 -3.68 -13.34
N ALA A 315 14.16 -3.06 -12.70
CA ALA A 315 15.55 -3.28 -13.03
C ALA A 315 15.98 -4.67 -12.60
N THR A 316 16.54 -5.42 -13.53
CA THR A 316 17.02 -6.77 -13.26
C THR A 316 18.53 -6.89 -13.31
N GLY A 317 19.17 -6.39 -14.36
CA GLY A 317 20.61 -6.38 -14.45
C GLY A 317 21.20 -5.19 -13.71
N LEU A 318 22.52 -5.06 -13.82
CA LEU A 318 23.23 -4.02 -13.09
C LEU A 318 23.24 -2.72 -13.87
N ARG A 319 23.92 -1.71 -13.32
CA ARG A 319 23.97 -0.37 -13.94
C ARG A 319 24.95 -0.42 -15.10
N ASN A 320 24.49 -0.05 -16.27
CA ASN A 320 25.30 -0.08 -17.47
C ASN A 320 26.24 1.12 -17.52
N VAL A 321 27.54 0.85 -17.36
CA VAL A 321 28.57 1.88 -17.44
C VAL A 321 29.64 1.43 -18.44
N PRO A 322 29.38 1.50 -19.76
CA PRO A 322 30.44 1.20 -20.72
C PRO A 322 31.67 2.09 -20.55
N ASP B 1 47.89 -16.72 21.14
CA ASP B 1 46.68 -16.06 21.60
C ASP B 1 45.80 -15.65 20.43
N THR B 2 44.56 -16.12 20.42
CA THR B 2 43.65 -15.93 19.29
C THR B 2 42.38 -15.26 19.79
N LEU B 3 41.85 -14.34 18.99
CA LEU B 3 40.56 -13.70 19.25
C LEU B 3 39.73 -13.72 17.97
N CYS B 4 38.62 -14.43 18.03
CA CYS B 4 37.74 -14.57 16.84
C CYS B 4 36.40 -13.87 17.05
N ILE B 5 35.88 -13.21 16.03
CA ILE B 5 34.59 -12.54 16.02
C ILE B 5 33.59 -13.46 15.35
N GLY B 6 32.46 -13.68 16.02
CA GLY B 6 31.44 -14.55 15.45
C GLY B 6 30.06 -14.09 15.86
N TYR B 7 29.07 -14.85 15.40
CA TYR B 7 27.67 -14.54 15.63
C TYR B 7 26.98 -15.76 16.22
N HIS B 8 25.68 -15.63 16.45
CA HIS B 8 24.91 -16.57 17.23
C HIS B 8 24.10 -17.50 16.32
N ALA B 9 24.15 -18.79 16.62
CA ALA B 9 23.38 -19.79 15.90
C ALA B 9 22.72 -20.71 16.92
N ASN B 10 21.62 -21.33 16.51
CA ASN B 10 20.92 -22.27 17.37
C ASN B 10 20.36 -23.39 16.49
N ASN B 11 19.46 -24.19 17.06
CA ASN B 11 18.86 -25.31 16.36
C ASN B 11 17.42 -25.03 15.95
N SER B 12 17.03 -23.76 15.86
CA SER B 12 15.67 -23.40 15.49
C SER B 12 15.39 -23.79 14.05
N THR B 13 14.16 -24.24 13.80
CA THR B 13 13.74 -24.66 12.47
C THR B 13 12.79 -23.67 11.81
N ASP B 14 12.43 -22.58 12.48
CA ASP B 14 11.53 -21.61 11.88
C ASP B 14 12.18 -20.90 10.72
N THR B 15 11.44 -20.77 9.63
CA THR B 15 11.94 -20.19 8.40
C THR B 15 11.09 -18.99 8.03
N VAL B 16 11.70 -18.06 7.29
CA VAL B 16 11.03 -16.87 6.81
C VAL B 16 11.29 -16.72 5.33
N ASP B 17 10.44 -15.93 4.68
CA ASP B 17 10.55 -15.66 3.26
C ASP B 17 11.17 -14.29 3.05
N THR B 18 12.06 -14.22 2.07
CA THR B 18 12.86 -13.04 1.78
C THR B 18 12.67 -12.68 0.32
N VAL B 19 12.82 -11.39 0.00
CA VAL B 19 12.52 -10.94 -1.36
C VAL B 19 13.45 -11.55 -2.39
N LEU B 20 14.63 -12.02 -1.99
CA LEU B 20 15.52 -12.68 -2.94
C LEU B 20 15.65 -14.18 -2.74
N GLU B 21 15.32 -14.72 -1.57
CA GLU B 21 15.36 -16.16 -1.41
C GLU B 21 14.26 -16.59 -0.44
N LYS B 22 13.77 -17.81 -0.64
CA LYS B 22 12.71 -18.37 0.18
C LYS B 22 13.25 -19.45 1.09
N ASN B 23 12.50 -19.72 2.17
CA ASN B 23 12.82 -20.77 3.13
C ASN B 23 14.21 -20.54 3.75
N VAL B 24 14.33 -19.43 4.47
CA VAL B 24 15.56 -19.04 5.14
C VAL B 24 15.41 -19.35 6.63
N THR B 25 16.28 -20.21 7.14
CA THR B 25 16.26 -20.52 8.57
C THR B 25 16.74 -19.32 9.36
N VAL B 26 16.01 -18.95 10.40
CA VAL B 26 16.35 -17.82 11.25
C VAL B 26 16.43 -18.29 12.69
N THR B 27 17.22 -17.57 13.48
CA THR B 27 17.32 -17.86 14.91
C THR B 27 15.99 -17.65 15.61
N HIS B 28 15.29 -16.57 15.27
CA HIS B 28 14.01 -16.25 15.88
C HIS B 28 13.14 -15.56 14.83
N SER B 29 11.83 -15.65 15.03
CA SER B 29 10.88 -15.00 14.14
C SER B 29 9.57 -14.83 14.87
N VAL B 30 8.89 -13.72 14.59
CA VAL B 30 7.59 -13.45 15.18
C VAL B 30 6.52 -13.67 14.12
N ASN B 31 5.29 -13.85 14.59
CA ASN B 31 4.15 -14.06 13.72
C ASN B 31 3.32 -12.79 13.67
N LEU B 32 3.01 -12.33 12.46
CA LEU B 32 2.14 -11.19 12.24
C LEU B 32 0.72 -11.58 11.88
N LEU B 33 0.47 -12.87 11.71
CA LEU B 33 -0.81 -13.37 11.22
C LEU B 33 -1.49 -14.17 12.33
N GLU B 34 -2.78 -13.92 12.52
CA GLU B 34 -3.59 -14.66 13.48
C GLU B 34 -4.49 -15.62 12.73
N ASP B 35 -4.35 -16.92 13.02
CA ASP B 35 -5.12 -17.95 12.36
C ASP B 35 -5.87 -18.84 13.35
N LYS B 36 -6.17 -18.33 14.54
CA LYS B 36 -6.82 -19.11 15.57
C LYS B 36 -7.97 -18.32 16.18
N HIS B 37 -9.01 -19.04 16.60
CA HIS B 37 -10.16 -18.46 17.28
C HIS B 37 -10.58 -19.39 18.39
N ASN B 38 -11.31 -18.84 19.36
CA ASN B 38 -11.72 -19.62 20.51
C ASN B 38 -13.00 -20.41 20.28
N GLY B 39 -13.64 -20.28 19.12
CA GLY B 39 -14.83 -21.04 18.84
C GLY B 39 -16.02 -20.69 19.71
N LYS B 40 -16.16 -19.43 20.09
CA LYS B 40 -17.26 -18.98 20.94
C LYS B 40 -17.77 -17.64 20.45
N LEU B 41 -19.07 -17.41 20.64
CA LEU B 41 -19.70 -16.13 20.33
C LEU B 41 -19.92 -15.39 21.64
N CYS B 42 -19.01 -14.49 21.98
CA CYS B 42 -19.03 -13.88 23.30
C CYS B 42 -18.92 -12.36 23.20
N LYS B 43 -18.95 -11.72 24.36
CA LYS B 43 -19.37 -10.32 24.46
C LYS B 43 -18.43 -9.37 23.77
N LEU B 44 -19.00 -8.34 23.15
CA LEU B 44 -18.28 -7.27 22.48
C LEU B 44 -18.44 -5.99 23.28
N ARG B 45 -17.31 -5.37 23.63
CA ARG B 45 -17.30 -4.16 24.44
C ARG B 45 -18.00 -4.36 25.78
N GLY B 46 -17.95 -5.58 26.31
CA GLY B 46 -18.58 -5.87 27.59
C GLY B 46 -20.08 -6.03 27.54
N VAL B 47 -20.69 -6.04 26.36
CA VAL B 47 -22.13 -6.18 26.21
C VAL B 47 -22.41 -7.46 25.45
N ALA B 48 -23.31 -8.29 25.98
CA ALA B 48 -23.61 -9.57 25.39
C ALA B 48 -24.43 -9.40 24.12
N PRO B 49 -24.38 -10.37 23.23
CA PRO B 49 -25.24 -10.32 22.04
C PRO B 49 -26.67 -10.74 22.33
N LEU B 50 -27.54 -10.42 21.39
CA LEU B 50 -28.96 -10.81 21.44
C LEU B 50 -29.10 -12.08 20.62
N HIS B 51 -29.31 -13.20 21.29
CA HIS B 51 -29.34 -14.50 20.63
C HIS B 51 -30.79 -14.86 20.32
N LEU B 52 -31.13 -14.91 19.04
CA LEU B 52 -32.45 -15.34 18.59
C LEU B 52 -32.30 -16.77 18.09
N GLY B 53 -32.65 -17.73 18.93
CA GLY B 53 -32.34 -19.12 18.63
C GLY B 53 -33.08 -19.67 17.44
N LYS B 54 -34.40 -19.73 17.52
CA LYS B 54 -35.19 -20.28 16.41
C LYS B 54 -35.99 -19.15 15.74
N CYS B 55 -35.85 -17.92 16.23
CA CYS B 55 -36.64 -16.79 15.69
C CYS B 55 -35.75 -15.86 14.85
N ASN B 56 -36.30 -15.18 13.85
CA ASN B 56 -35.53 -14.18 13.07
C ASN B 56 -35.84 -12.81 13.69
N ILE B 57 -35.15 -11.75 13.28
CA ILE B 57 -35.50 -10.46 13.86
C ILE B 57 -36.98 -10.16 13.66
N ALA B 58 -37.55 -10.60 12.53
CA ALA B 58 -38.95 -10.32 12.26
C ALA B 58 -39.86 -10.97 13.29
N GLY B 59 -39.67 -12.27 13.53
CA GLY B 59 -40.50 -12.97 14.50
C GLY B 59 -40.33 -12.45 15.90
N TRP B 60 -39.11 -12.04 16.26
CA TRP B 60 -38.87 -11.55 17.61
C TRP B 60 -39.47 -10.17 17.81
N ILE B 61 -39.38 -9.30 16.81
CA ILE B 61 -39.91 -7.94 16.93
C ILE B 61 -41.41 -7.92 16.72
N LEU B 62 -41.99 -8.94 16.10
CA LEU B 62 -43.43 -9.01 15.91
C LEU B 62 -44.15 -9.78 17.02
N GLY B 63 -43.44 -10.64 17.72
CA GLY B 63 -44.06 -11.41 18.78
C GLY B 63 -44.58 -12.76 18.29
N ASN B 64 -43.72 -13.50 17.60
CA ASN B 64 -44.10 -14.82 17.13
C ASN B 64 -44.45 -15.70 18.33
N PRO B 65 -45.47 -16.55 18.23
CA PRO B 65 -45.86 -17.37 19.38
C PRO B 65 -44.75 -18.29 19.86
N GLU B 66 -43.86 -18.67 18.95
CA GLU B 66 -42.74 -19.55 19.25
C GLU B 66 -41.48 -18.75 19.55
N CYS B 67 -41.65 -17.58 20.18
CA CYS B 67 -40.53 -16.71 20.45
C CYS B 67 -40.58 -16.09 21.83
N GLU B 68 -41.55 -16.45 22.67
CA GLU B 68 -41.67 -15.84 23.99
C GLU B 68 -40.53 -16.26 24.90
N SER B 69 -39.89 -17.39 24.61
CA SER B 69 -38.79 -17.87 25.44
C SER B 69 -37.63 -16.88 25.45
N LEU B 70 -37.33 -16.31 24.29
CA LEU B 70 -36.23 -15.34 24.18
C LEU B 70 -36.75 -14.00 23.66
N ALA B 73 -32.49 -8.04 28.94
CA ALA B 73 -31.82 -7.72 27.69
C ALA B 73 -32.20 -6.31 27.22
N ARG B 74 -31.83 -5.31 28.00
CA ARG B 74 -32.10 -3.92 27.66
C ARG B 74 -31.11 -3.36 26.67
N SER B 75 -30.04 -4.07 26.37
CA SER B 75 -29.04 -3.59 25.43
C SER B 75 -28.25 -4.78 24.90
N TRP B 76 -27.72 -4.64 23.69
CA TRP B 76 -26.89 -5.68 23.11
C TRP B 76 -25.89 -5.04 22.16
N SER B 77 -24.82 -5.79 21.88
CA SER B 77 -23.76 -5.31 21.01
C SER B 77 -23.90 -5.79 19.57
N TYR B 78 -24.57 -6.90 19.34
CA TYR B 78 -24.84 -7.43 18.02
C TYR B 78 -25.86 -8.55 18.17
N ILE B 79 -26.54 -8.87 17.08
CA ILE B 79 -27.56 -9.91 17.07
C ILE B 79 -26.96 -11.18 16.51
N VAL B 80 -27.37 -12.33 17.05
CA VAL B 80 -26.90 -13.63 16.60
C VAL B 80 -28.11 -14.47 16.20
N GLU B 81 -28.16 -14.86 14.93
CA GLU B 81 -29.16 -15.77 14.41
C GLU B 81 -28.49 -17.09 14.02
N THR B 82 -29.29 -18.14 13.96
CA THR B 82 -28.80 -19.47 13.65
C THR B 82 -29.26 -19.90 12.26
N SER B 83 -28.68 -21.00 11.78
CA SER B 83 -29.03 -21.52 10.47
C SER B 83 -30.46 -22.04 10.43
N ASN B 84 -30.99 -22.45 11.57
CA ASN B 84 -32.37 -22.93 11.67
C ASN B 84 -33.28 -21.90 12.32
N SER B 85 -33.02 -20.62 12.05
CA SER B 85 -33.87 -19.53 12.53
C SER B 85 -34.90 -19.22 11.44
N ASP B 86 -35.91 -20.08 11.36
CA ASP B 86 -36.91 -20.00 10.31
C ASP B 86 -38.27 -19.53 10.80
N ASN B 87 -38.42 -19.27 12.10
CA ASN B 87 -39.71 -18.85 12.65
C ASN B 87 -39.77 -17.33 12.63
N GLY B 88 -40.38 -16.79 11.58
CA GLY B 88 -40.51 -15.36 11.43
C GLY B 88 -41.95 -14.91 11.31
N THR B 89 -42.29 -14.29 10.18
CA THR B 89 -43.67 -13.89 9.91
C THR B 89 -44.48 -15.14 9.59
N CYS B 90 -45.25 -15.61 10.57
CA CYS B 90 -46.05 -16.81 10.36
C CYS B 90 -47.16 -16.57 9.34
N TYR B 91 -47.87 -15.47 9.46
CA TYR B 91 -48.85 -15.13 8.44
C TYR B 91 -48.13 -14.62 7.21
N PRO B 92 -48.48 -15.10 6.02
CA PRO B 92 -47.77 -14.68 4.81
C PRO B 92 -47.93 -13.19 4.55
N GLY B 93 -46.89 -12.62 3.94
CA GLY B 93 -46.93 -11.21 3.60
C GLY B 93 -45.53 -10.73 3.27
N ASP B 94 -45.41 -9.42 3.13
CA ASP B 94 -44.13 -8.79 2.83
C ASP B 94 -43.84 -7.73 3.88
N PHE B 95 -42.64 -7.80 4.46
CA PHE B 95 -42.18 -6.86 5.48
C PHE B 95 -41.48 -5.70 4.80
N ILE B 96 -42.04 -4.50 4.91
CA ILE B 96 -41.49 -3.34 4.22
C ILE B 96 -40.23 -2.88 4.94
N ASN B 97 -39.15 -2.69 4.18
CA ASN B 97 -37.87 -2.22 4.69
C ASN B 97 -37.37 -3.09 5.84
N TYR B 98 -37.41 -4.40 5.62
CA TYR B 98 -36.97 -5.34 6.63
C TYR B 98 -35.48 -5.19 6.92
N GLU B 99 -34.67 -5.03 5.87
CA GLU B 99 -33.23 -4.89 6.07
C GLU B 99 -32.88 -3.60 6.79
N GLU B 100 -33.62 -2.52 6.53
CA GLU B 100 -33.39 -1.28 7.26
C GLU B 100 -33.66 -1.47 8.75
N LEU B 101 -34.76 -2.16 9.09
CA LEU B 101 -35.06 -2.42 10.49
C LEU B 101 -33.98 -3.29 11.14
N ARG B 102 -33.51 -4.30 10.42
CA ARG B 102 -32.44 -5.14 10.94
C ARG B 102 -31.19 -4.32 11.19
N GLU B 103 -30.87 -3.39 10.29
CA GLU B 103 -29.71 -2.54 10.48
C GLU B 103 -29.87 -1.65 11.71
N GLN B 104 -31.05 -1.07 11.90
CA GLN B 104 -31.25 -0.22 13.07
C GLN B 104 -31.17 -1.01 14.37
N LEU B 105 -31.73 -2.22 14.40
CA LEU B 105 -31.81 -2.98 15.63
C LEU B 105 -30.53 -3.73 15.96
N SER B 106 -29.48 -3.60 15.16
CA SER B 106 -28.28 -4.40 15.35
C SER B 106 -27.61 -4.10 16.69
N SER B 107 -27.53 -2.83 17.06
CA SER B 107 -26.96 -2.43 18.35
C SER B 107 -27.82 -1.33 18.93
N VAL B 108 -28.29 -1.52 20.16
CA VAL B 108 -29.11 -0.54 20.86
C VAL B 108 -28.50 -0.28 22.23
N SER B 109 -28.43 1.00 22.60
CA SER B 109 -28.01 1.34 23.95
C SER B 109 -29.11 1.03 24.96
N SER B 110 -30.36 1.28 24.59
CA SER B 110 -31.49 0.98 25.46
C SER B 110 -32.64 0.46 24.64
N PHE B 111 -33.31 -0.58 25.14
CA PHE B 111 -34.42 -1.24 24.44
C PHE B 111 -35.41 -1.74 25.48
N GLU B 112 -36.61 -1.18 25.49
CA GLU B 112 -37.64 -1.59 26.42
C GLU B 112 -38.97 -1.74 25.68
N ARG B 113 -39.78 -2.70 26.10
CA ARG B 113 -41.08 -2.93 25.51
C ARG B 113 -42.17 -2.34 26.38
N PHE B 114 -43.09 -1.59 25.77
CA PHE B 114 -44.17 -0.98 26.53
C PHE B 114 -45.47 -1.05 25.75
N GLU B 115 -46.57 -1.12 26.48
CA GLU B 115 -47.91 -1.24 25.90
C GLU B 115 -48.33 0.13 25.38
N ILE B 116 -48.21 0.31 24.07
CA ILE B 116 -48.62 1.58 23.45
C ILE B 116 -50.15 1.71 23.49
N PHE B 117 -50.86 0.66 23.12
CA PHE B 117 -52.32 0.63 23.15
C PHE B 117 -52.76 -0.54 24.02
N PRO B 118 -53.20 -0.28 25.25
CA PRO B 118 -53.66 -1.38 26.11
C PRO B 118 -54.85 -2.10 25.49
N LYS B 119 -54.86 -3.43 25.63
CA LYS B 119 -55.89 -4.23 24.98
C LYS B 119 -57.26 -4.02 25.62
N THR B 120 -57.29 -3.75 26.93
CA THR B 120 -58.54 -3.71 27.66
C THR B 120 -59.22 -2.35 27.65
N SER B 121 -58.57 -1.30 27.13
CA SER B 121 -59.15 0.02 27.21
C SER B 121 -58.98 0.85 25.93
N SER B 122 -58.60 0.26 24.81
CA SER B 122 -58.35 1.02 23.60
C SER B 122 -59.26 0.68 22.43
N TRP B 123 -59.85 -0.51 22.42
CA TRP B 123 -60.72 -0.95 21.32
C TRP B 123 -62.06 -1.40 21.89
N PRO B 124 -62.90 -0.46 22.32
CA PRO B 124 -64.20 -0.84 22.88
C PRO B 124 -65.25 -1.14 21.84
N ASN B 125 -65.17 -0.54 20.66
CA ASN B 125 -66.15 -0.74 19.61
C ASN B 125 -65.77 -1.82 18.62
N HIS B 126 -64.64 -2.50 18.83
CA HIS B 126 -64.17 -3.54 17.93
C HIS B 126 -63.88 -4.81 18.71
N ASP B 127 -63.62 -5.88 17.98
CA ASP B 127 -63.33 -7.18 18.57
C ASP B 127 -61.83 -7.45 18.49
N SER B 128 -61.23 -7.72 19.64
CA SER B 128 -59.79 -7.97 19.72
C SER B 128 -59.47 -9.40 20.15
N ASP B 129 -60.44 -10.29 20.04
CA ASP B 129 -60.22 -11.67 20.55
C ASP B 129 -60.34 -12.70 19.43
N LYS B 130 -61.06 -12.39 18.35
CA LYS B 130 -61.22 -13.34 17.26
C LYS B 130 -60.12 -13.25 16.22
N GLY B 131 -59.16 -12.35 16.39
CA GLY B 131 -58.08 -12.23 15.43
C GLY B 131 -57.03 -13.31 15.61
N VAL B 132 -57.37 -14.54 15.24
CA VAL B 132 -56.47 -15.68 15.37
C VAL B 132 -56.47 -16.43 14.05
N THR B 133 -55.33 -17.04 13.74
CA THR B 133 -55.15 -17.79 12.49
C THR B 133 -54.50 -19.13 12.78
N ALA B 134 -54.74 -20.07 11.87
CA ALA B 134 -54.02 -21.34 11.88
C ALA B 134 -52.62 -21.21 11.29
N ALA B 135 -52.29 -20.05 10.71
CA ALA B 135 -50.95 -19.82 10.19
C ALA B 135 -49.93 -19.60 11.29
N CYS B 136 -50.37 -19.31 12.51
CA CYS B 136 -49.49 -19.14 13.66
C CYS B 136 -49.96 -20.05 14.80
N PRO B 137 -49.62 -21.34 14.74
CA PRO B 137 -49.97 -22.23 15.85
C PRO B 137 -49.34 -21.79 17.16
N HIS B 138 -50.02 -22.10 18.26
CA HIS B 138 -49.43 -22.00 19.59
C HIS B 138 -50.01 -23.13 20.43
N ALA B 139 -49.21 -24.18 20.63
CA ALA B 139 -49.64 -25.37 21.37
C ALA B 139 -50.88 -25.99 20.74
N GLY B 140 -50.92 -26.04 19.42
CA GLY B 140 -52.03 -26.61 18.68
C GLY B 140 -53.14 -25.65 18.33
N ALA B 141 -53.45 -24.72 19.21
CA ALA B 141 -54.54 -23.79 19.00
C ALA B 141 -54.10 -22.62 18.10
N LYS B 142 -55.08 -21.99 17.47
CA LYS B 142 -54.82 -20.81 16.66
C LYS B 142 -54.41 -19.65 17.55
N SER B 143 -53.48 -18.84 17.06
CA SER B 143 -52.99 -17.71 17.83
C SER B 143 -52.60 -16.59 16.85
N PHE B 144 -51.85 -15.63 17.35
CA PHE B 144 -51.38 -14.51 16.55
C PHE B 144 -50.17 -13.91 17.27
N TYR B 145 -49.62 -12.85 16.69
CA TYR B 145 -48.49 -12.16 17.29
C TYR B 145 -48.86 -11.60 18.65
N LYS B 146 -47.89 -11.53 19.53
CA LYS B 146 -48.15 -10.94 20.85
C LYS B 146 -48.09 -9.41 20.75
N ASN B 147 -47.30 -8.89 19.82
CA ASN B 147 -47.13 -7.45 19.72
C ASN B 147 -48.13 -6.78 18.79
N LEU B 148 -49.05 -7.54 18.20
CA LEU B 148 -50.07 -6.99 17.32
C LEU B 148 -51.42 -7.56 17.69
N ILE B 149 -52.47 -6.78 17.41
CA ILE B 149 -53.84 -7.22 17.63
C ILE B 149 -54.60 -7.09 16.31
N TRP B 150 -55.24 -8.17 15.89
CA TRP B 150 -56.06 -8.17 14.68
C TRP B 150 -57.49 -7.83 15.08
N LEU B 151 -57.92 -6.63 14.74
CA LEU B 151 -59.26 -6.15 15.08
C LEU B 151 -60.24 -6.53 14.00
N VAL B 152 -61.32 -7.19 14.39
CA VAL B 152 -62.39 -7.57 13.47
C VAL B 152 -63.68 -6.93 13.91
N LYS B 153 -64.75 -7.13 13.15
CA LYS B 153 -66.04 -6.51 13.45
C LYS B 153 -66.59 -7.03 14.76
N LYS B 154 -67.40 -6.20 15.41
CA LYS B 154 -68.11 -6.59 16.64
C LYS B 154 -69.60 -6.67 16.30
N GLY B 155 -70.01 -7.83 15.81
CA GLY B 155 -71.41 -8.06 15.53
C GLY B 155 -71.96 -7.24 14.39
N ASN B 156 -71.49 -7.52 13.16
CA ASN B 156 -72.01 -6.88 11.96
C ASN B 156 -71.88 -5.36 12.00
N SER B 157 -70.80 -4.87 12.60
CA SER B 157 -70.56 -3.44 12.68
C SER B 157 -69.09 -3.19 12.93
N TYR B 158 -68.46 -2.41 12.06
CA TYR B 158 -67.07 -1.97 12.22
C TYR B 158 -67.04 -0.47 12.10
N PRO B 159 -67.23 0.25 13.21
CA PRO B 159 -67.20 1.71 13.14
C PRO B 159 -65.80 2.22 12.85
N LYS B 160 -65.75 3.49 12.46
CA LYS B 160 -64.49 4.14 12.13
C LYS B 160 -63.54 4.11 13.32
N LEU B 161 -62.30 3.72 13.07
CA LEU B 161 -61.29 3.57 14.11
C LEU B 161 -60.38 4.79 14.08
N ASN B 162 -60.17 5.40 15.25
CA ASN B 162 -59.38 6.61 15.38
C ASN B 162 -58.61 6.51 16.69
N GLN B 163 -57.29 6.44 16.60
CA GLN B 163 -56.45 6.41 17.80
C GLN B 163 -55.19 7.24 17.57
N THR B 164 -54.59 7.69 18.66
CA THR B 164 -53.39 8.51 18.61
C THR B 164 -52.52 8.19 19.80
N TYR B 165 -51.20 8.21 19.60
CA TYR B 165 -50.24 8.03 20.68
C TYR B 165 -49.23 9.16 20.63
N ILE B 166 -49.02 9.81 21.78
CA ILE B 166 -48.03 10.88 21.90
C ILE B 166 -46.83 10.33 22.66
N ASN B 167 -45.64 10.54 22.10
CA ASN B 167 -44.42 9.97 22.66
C ASN B 167 -43.94 10.84 23.81
N ASP B 168 -44.25 10.43 25.03
CA ASP B 168 -43.83 11.16 26.23
C ASP B 168 -42.48 10.73 26.76
N LYS B 169 -41.96 9.58 26.33
CA LYS B 169 -40.62 9.18 26.70
C LYS B 169 -39.59 10.11 26.05
N GLY B 170 -38.37 10.05 26.55
CA GLY B 170 -37.31 10.85 25.99
C GLY B 170 -36.53 10.21 24.87
N LYS B 171 -36.91 9.02 24.43
CA LYS B 171 -36.17 8.27 23.43
C LYS B 171 -37.07 8.03 22.21
N GLU B 172 -36.53 7.29 21.24
CA GLU B 172 -37.33 6.98 20.06
C GLU B 172 -38.28 5.84 20.37
N VAL B 173 -39.37 5.76 19.61
CA VAL B 173 -40.35 4.69 19.80
C VAL B 173 -40.57 4.00 18.47
N LEU B 174 -40.19 2.73 18.39
CA LEU B 174 -40.48 1.92 17.23
C LEU B 174 -41.89 1.35 17.34
N VAL B 175 -42.69 1.57 16.30
CA VAL B 175 -44.08 1.15 16.23
C VAL B 175 -44.24 0.26 15.02
N LEU B 176 -44.86 -0.90 15.22
CA LEU B 176 -45.11 -1.85 14.15
C LEU B 176 -46.61 -2.08 14.00
N TRP B 177 -47.08 -2.14 12.76
CA TRP B 177 -48.48 -2.45 12.47
C TRP B 177 -48.54 -3.29 11.21
N GLY B 178 -49.75 -3.67 10.82
CA GLY B 178 -49.93 -4.52 9.67
C GLY B 178 -51.21 -4.17 8.93
N ILE B 179 -51.21 -4.50 7.64
CA ILE B 179 -52.37 -4.33 6.77
C ILE B 179 -52.71 -5.68 6.17
N HIS B 180 -53.97 -6.09 6.30
CA HIS B 180 -54.42 -7.41 5.88
C HIS B 180 -55.10 -7.31 4.53
N HIS B 181 -54.74 -8.22 3.63
CA HIS B 181 -55.33 -8.30 2.29
C HIS B 181 -56.03 -9.64 2.14
N PRO B 182 -57.35 -9.69 2.28
CA PRO B 182 -58.07 -10.96 2.21
C PRO B 182 -58.12 -11.47 0.79
N PRO B 183 -58.38 -12.78 0.62
CA PRO B 183 -58.47 -13.31 -0.75
C PRO B 183 -59.71 -12.89 -1.49
N THR B 184 -60.87 -12.93 -0.85
CA THR B 184 -62.13 -12.67 -1.52
C THR B 184 -62.87 -11.53 -0.84
N ILE B 185 -63.78 -10.92 -1.60
CA ILE B 185 -64.60 -9.84 -1.07
C ILE B 185 -65.48 -10.36 0.07
N ALA B 186 -65.99 -11.58 -0.09
CA ALA B 186 -66.79 -12.20 0.96
C ALA B 186 -66.02 -12.29 2.26
N ALA B 187 -64.73 -12.60 2.20
CA ALA B 187 -63.91 -12.61 3.40
C ALA B 187 -63.79 -11.21 3.98
N GLN B 188 -63.69 -10.20 3.12
CA GLN B 188 -63.60 -8.82 3.59
C GLN B 188 -64.83 -8.43 4.39
N GLU B 189 -66.03 -8.75 3.90
CA GLU B 189 -67.22 -8.49 4.70
C GLU B 189 -67.34 -9.42 5.91
N SER B 190 -66.81 -10.65 5.82
CA SER B 190 -66.86 -11.53 6.97
C SER B 190 -66.00 -11.04 8.11
N LEU B 191 -64.93 -10.29 7.81
CA LEU B 191 -64.02 -9.81 8.84
C LEU B 191 -64.21 -8.34 9.19
N TYR B 192 -64.59 -7.49 8.23
CA TYR B 192 -64.64 -6.05 8.47
C TYR B 192 -65.93 -5.38 8.02
N GLN B 193 -66.73 -6.00 7.15
CA GLN B 193 -68.06 -5.49 6.79
C GLN B 193 -68.00 -4.07 6.25
N ASN B 194 -67.06 -3.82 5.34
CA ASN B 194 -67.02 -2.51 4.71
C ASN B 194 -66.73 -2.51 3.22
N ALA B 195 -66.26 -3.61 2.63
CA ALA B 195 -66.00 -3.71 1.20
C ALA B 195 -64.94 -2.71 0.75
N ASP B 196 -65.25 -1.42 0.80
CA ASP B 196 -64.30 -0.38 0.40
C ASP B 196 -63.63 0.27 1.63
N ALA B 197 -62.84 -0.54 2.32
CA ALA B 197 -62.16 -0.08 3.51
C ALA B 197 -60.85 0.63 3.15
N TYR B 198 -60.32 1.39 4.11
CA TYR B 198 -59.06 2.08 3.94
C TYR B 198 -58.38 2.22 5.29
N VAL B 199 -57.06 2.42 5.26
CA VAL B 199 -56.27 2.66 6.45
C VAL B 199 -55.44 3.91 6.21
N PHE B 200 -55.10 4.61 7.28
CA PHE B 200 -54.23 5.77 7.20
C PHE B 200 -53.39 5.85 8.45
N VAL B 201 -52.07 5.90 8.28
CA VAL B 201 -51.14 6.01 9.39
C VAL B 201 -50.33 7.27 9.18
N GLY B 202 -50.31 8.13 10.19
CA GLY B 202 -49.63 9.41 10.04
C GLY B 202 -48.80 9.87 11.22
N THR B 203 -47.63 10.44 10.92
CA THR B 203 -46.82 11.14 11.91
C THR B 203 -46.49 12.53 11.37
N SER B 204 -45.60 13.25 12.05
CA SER B 204 -45.12 14.52 11.56
C SER B 204 -44.14 14.37 10.40
N ARG B 205 -43.71 13.14 10.11
CA ARG B 205 -42.75 12.89 9.05
C ARG B 205 -43.26 11.77 8.15
N TYR B 206 -44.13 10.91 8.68
CA TYR B 206 -44.66 9.76 7.96
C TYR B 206 -46.16 9.93 7.76
N SER B 207 -46.64 9.60 6.57
CA SER B 207 -48.06 9.70 6.26
C SER B 207 -48.35 8.82 5.07
N LYS B 208 -49.20 7.80 5.26
CA LYS B 208 -49.48 6.87 4.17
C LYS B 208 -50.89 6.30 4.32
N LYS B 209 -51.59 6.22 3.19
CA LYS B 209 -52.95 5.63 3.12
C LYS B 209 -52.86 4.29 2.42
N PHE B 210 -53.32 3.22 3.06
CA PHE B 210 -53.29 1.87 2.53
C PHE B 210 -54.68 1.45 2.10
N LYS B 211 -54.74 0.76 0.97
CA LYS B 211 -55.97 0.21 0.44
C LYS B 211 -55.82 -1.30 0.33
N PRO B 212 -56.83 -2.08 0.74
CA PRO B 212 -56.73 -3.53 0.64
C PRO B 212 -56.61 -3.98 -0.81
N GLU B 213 -55.88 -5.07 -1.01
CA GLU B 213 -55.71 -5.70 -2.32
C GLU B 213 -56.40 -7.05 -2.23
N ILE B 214 -57.67 -7.10 -2.64
CA ILE B 214 -58.51 -8.29 -2.46
C ILE B 214 -58.38 -9.14 -3.71
N ALA B 215 -57.57 -10.19 -3.61
CA ALA B 215 -57.43 -11.16 -4.69
C ALA B 215 -56.85 -12.45 -4.12
N THR B 216 -57.13 -13.55 -4.81
CA THR B 216 -56.62 -14.85 -4.42
C THR B 216 -55.17 -14.99 -4.85
N ARG B 217 -54.36 -15.53 -3.95
CA ARG B 217 -52.92 -15.65 -4.14
C ARG B 217 -52.49 -17.09 -3.90
N PRO B 218 -51.35 -17.50 -4.45
CA PRO B 218 -50.85 -18.85 -4.18
C PRO B 218 -50.76 -19.14 -2.69
N LYS B 219 -51.22 -20.33 -2.30
CA LYS B 219 -51.29 -20.67 -0.89
C LYS B 219 -49.90 -20.71 -0.27
N VAL B 220 -49.75 -20.04 0.86
CA VAL B 220 -48.56 -20.14 1.69
C VAL B 220 -49.02 -20.36 3.12
N ARG B 221 -48.59 -21.47 3.72
CA ARG B 221 -49.02 -21.84 5.06
C ARG B 221 -50.55 -21.87 5.16
N ASP B 222 -51.17 -22.38 4.11
CA ASP B 222 -52.62 -22.53 4.00
C ASP B 222 -53.28 -21.17 4.22
N GLN B 223 -52.81 -20.18 3.46
CA GLN B 223 -53.34 -18.82 3.52
C GLN B 223 -53.39 -18.26 2.11
N GLU B 224 -54.57 -17.77 1.72
CA GLU B 224 -54.74 -17.18 0.40
C GLU B 224 -54.48 -15.67 0.42
N GLY B 225 -54.76 -15.00 1.54
CA GLY B 225 -54.50 -13.59 1.69
C GLY B 225 -53.08 -13.33 2.16
N ARG B 226 -52.81 -12.06 2.46
CA ARG B 226 -51.48 -11.65 2.88
C ARG B 226 -51.59 -10.62 3.99
N MET B 227 -50.45 -10.34 4.62
CA MET B 227 -50.37 -9.35 5.70
C MET B 227 -49.07 -8.59 5.56
N ASN B 228 -49.16 -7.34 5.13
CA ASN B 228 -47.99 -6.51 4.93
C ASN B 228 -47.67 -5.76 6.23
N TYR B 229 -46.45 -5.93 6.72
CA TYR B 229 -46.05 -5.37 8.00
C TYR B 229 -45.23 -4.11 7.79
N TYR B 230 -45.60 -3.04 8.49
CA TYR B 230 -44.92 -1.77 8.40
C TYR B 230 -44.42 -1.34 9.77
N TRP B 231 -43.38 -0.52 9.78
CA TRP B 231 -42.79 -0.01 11.00
C TRP B 231 -42.42 1.46 10.81
N THR B 232 -42.41 2.19 11.91
CA THR B 232 -42.01 3.59 11.89
C THR B 232 -41.33 3.94 13.21
N LEU B 233 -40.53 5.00 13.17
CA LEU B 233 -39.83 5.51 14.35
C LEU B 233 -40.41 6.87 14.71
N VAL B 234 -41.06 6.95 15.86
CA VAL B 234 -41.63 8.18 16.37
C VAL B 234 -40.58 8.85 17.25
N GLU B 235 -40.26 10.09 16.92
CA GLU B 235 -39.31 10.88 17.67
C GLU B 235 -39.93 11.40 18.95
N PRO B 236 -39.13 11.80 19.93
CA PRO B 236 -39.68 12.41 21.14
C PRO B 236 -40.49 13.66 20.82
N GLY B 237 -41.63 13.79 21.50
CA GLY B 237 -42.52 14.91 21.29
C GLY B 237 -43.46 14.76 20.12
N ASP B 238 -43.37 13.67 19.36
CA ASP B 238 -44.19 13.45 18.19
C ASP B 238 -45.37 12.54 18.52
N LYS B 239 -46.28 12.41 17.57
CA LYS B 239 -47.47 11.59 17.74
C LYS B 239 -47.71 10.76 16.50
N ILE B 240 -48.26 9.57 16.70
CA ILE B 240 -48.61 8.65 15.62
C ILE B 240 -50.12 8.44 15.67
N THR B 241 -50.77 8.62 14.52
CA THR B 241 -52.23 8.57 14.41
C THR B 241 -52.62 7.43 13.50
N PHE B 242 -53.55 6.60 13.97
CA PHE B 242 -54.13 5.51 13.21
C PHE B 242 -55.59 5.82 12.92
N GLU B 243 -55.97 5.75 11.65
CA GLU B 243 -57.35 5.86 11.22
C GLU B 243 -57.66 4.67 10.34
N ALA B 244 -58.83 4.06 10.52
CA ALA B 244 -59.10 2.82 9.80
C ALA B 244 -60.58 2.52 9.71
N THR B 245 -61.08 2.39 8.49
CA THR B 245 -62.38 1.79 8.23
C THR B 245 -62.32 0.27 8.28
N GLY B 246 -61.16 -0.31 8.02
CA GLY B 246 -60.97 -1.74 8.17
C GLY B 246 -59.56 -2.11 7.78
N ASN B 247 -59.26 -3.40 7.92
CA ASN B 247 -58.01 -3.98 7.42
C ASN B 247 -56.79 -3.39 8.13
N LEU B 248 -56.82 -3.37 9.47
CA LEU B 248 -55.71 -2.85 10.25
C LEU B 248 -55.37 -3.82 11.37
N VAL B 249 -54.09 -4.17 11.46
CA VAL B 249 -53.57 -4.96 12.57
C VAL B 249 -52.84 -3.97 13.47
N VAL B 250 -53.50 -3.59 14.56
CA VAL B 250 -53.06 -2.48 15.39
C VAL B 250 -51.88 -2.90 16.25
N PRO B 251 -51.01 -1.96 16.61
CA PRO B 251 -49.95 -2.29 17.57
C PRO B 251 -50.54 -2.53 18.95
N ARG B 252 -49.90 -3.43 19.68
CA ARG B 252 -50.18 -3.64 21.10
C ARG B 252 -48.97 -3.34 21.97
N TYR B 253 -47.77 -3.65 21.50
CA TYR B 253 -46.54 -3.35 22.20
C TYR B 253 -45.61 -2.62 21.24
N ALA B 254 -45.08 -1.48 21.68
CA ALA B 254 -44.07 -0.75 20.95
C ALA B 254 -42.76 -0.81 21.73
N PHE B 255 -41.68 -0.37 21.09
CA PHE B 255 -40.35 -0.54 21.66
C PHE B 255 -39.65 0.81 21.77
N THR B 256 -39.39 1.26 23.00
CA THR B 256 -38.60 2.46 23.20
C THR B 256 -37.12 2.12 23.08
N MET B 257 -36.42 2.87 22.23
CA MET B 257 -35.04 2.60 21.88
C MET B 257 -34.19 3.86 21.98
N GLU B 258 -32.95 3.66 22.38
CA GLU B 258 -31.84 4.59 22.17
C GLU B 258 -30.75 3.78 21.48
N ARG B 259 -30.36 4.24 20.29
CA ARG B 259 -29.56 3.47 19.35
C ARG B 259 -28.08 3.81 19.45
N ASP B 260 -27.26 2.82 19.14
CA ASP B 260 -25.80 2.96 19.19
C ASP B 260 -25.28 3.40 17.83
N ALA B 261 -23.96 3.37 17.66
CA ALA B 261 -23.34 3.81 16.42
C ALA B 261 -23.68 2.87 15.27
N GLY B 262 -23.68 1.57 15.52
CA GLY B 262 -23.99 0.60 14.48
C GLY B 262 -23.13 -0.64 14.53
N SER B 263 -23.78 -1.80 14.44
CA SER B 263 -23.10 -3.09 14.46
C SER B 263 -23.79 -3.98 13.45
N GLY B 264 -23.54 -5.29 13.54
CA GLY B 264 -24.09 -6.19 12.56
C GLY B 264 -24.89 -7.33 13.11
N ILE B 265 -25.27 -8.26 12.24
CA ILE B 265 -25.99 -9.47 12.60
C ILE B 265 -25.16 -10.66 12.13
N ILE B 266 -24.84 -11.55 13.05
CA ILE B 266 -24.01 -12.72 12.76
C ILE B 266 -24.91 -13.94 12.65
N ILE B 267 -24.81 -14.65 11.53
CA ILE B 267 -25.56 -15.89 11.31
C ILE B 267 -24.57 -17.03 11.50
N SER B 268 -24.64 -17.70 12.63
CA SER B 268 -23.73 -18.78 12.93
C SER B 268 -24.33 -19.68 13.99
N ASP B 269 -23.83 -20.91 14.05
CA ASP B 269 -24.24 -21.89 15.05
C ASP B 269 -23.24 -22.00 16.19
N THR B 270 -22.29 -21.08 16.28
CA THR B 270 -21.31 -21.11 17.34
C THR B 270 -21.98 -20.84 18.69
N PRO B 271 -21.65 -21.60 19.73
CA PRO B 271 -22.26 -21.37 21.04
C PRO B 271 -21.87 -20.02 21.61
N VAL B 272 -22.77 -19.48 22.44
CA VAL B 272 -22.59 -18.17 23.06
C VAL B 272 -22.00 -18.36 24.44
N HIS B 273 -20.90 -17.66 24.71
CA HIS B 273 -20.20 -17.77 25.99
C HIS B 273 -19.91 -16.40 26.57
N ASP B 274 -19.07 -16.35 27.60
CA ASP B 274 -18.70 -15.10 28.26
C ASP B 274 -17.24 -14.78 27.93
N CYS B 275 -17.01 -13.63 27.32
CA CYS B 275 -15.68 -13.12 27.08
C CYS B 275 -15.71 -11.61 27.25
N ASN B 276 -14.56 -10.99 27.04
CA ASN B 276 -14.45 -9.58 26.72
C ASN B 276 -13.51 -9.49 25.52
N THR B 277 -14.06 -9.61 24.31
CA THR B 277 -13.26 -9.61 23.09
C THR B 277 -13.53 -8.35 22.30
N THR B 278 -12.57 -8.00 21.44
CA THR B 278 -12.70 -6.84 20.57
C THR B 278 -12.93 -7.22 19.11
N CYS B 279 -12.66 -8.46 18.74
CA CYS B 279 -12.84 -8.96 17.39
C CYS B 279 -13.74 -10.19 17.43
N GLN B 280 -14.85 -10.14 16.69
CA GLN B 280 -15.78 -11.25 16.63
C GLN B 280 -16.01 -11.65 15.18
N THR B 281 -16.02 -12.94 14.92
CA THR B 281 -16.29 -13.54 13.63
C THR B 281 -17.32 -14.64 13.82
N PRO B 282 -18.05 -15.01 12.76
CA PRO B 282 -19.08 -16.05 12.92
C PRO B 282 -18.55 -17.34 13.50
N GLU B 283 -17.26 -17.65 13.29
CA GLU B 283 -16.68 -18.87 13.81
C GLU B 283 -16.10 -18.73 15.21
N GLY B 284 -15.97 -17.53 15.74
CA GLY B 284 -15.43 -17.36 17.07
C GLY B 284 -14.78 -16.00 17.24
N ALA B 285 -14.17 -15.83 18.40
CA ALA B 285 -13.55 -14.56 18.72
C ALA B 285 -12.06 -14.57 18.40
N ILE B 286 -11.54 -13.39 18.10
CA ILE B 286 -10.12 -13.18 17.87
C ILE B 286 -9.62 -12.18 18.90
N ASN B 287 -8.59 -12.56 19.64
CA ASN B 287 -8.00 -11.69 20.66
C ASN B 287 -6.49 -11.65 20.39
N THR B 288 -6.07 -10.65 19.64
CA THR B 288 -4.64 -10.48 19.36
C THR B 288 -4.37 -9.04 19.00
N SER B 289 -3.12 -8.64 19.18
CA SER B 289 -2.64 -7.34 18.74
C SER B 289 -2.05 -7.38 17.34
N LEU B 290 -2.04 -8.55 16.71
CA LEU B 290 -1.45 -8.69 15.40
C LEU B 290 -2.28 -7.95 14.37
N PRO B 291 -1.63 -7.37 13.34
CA PRO B 291 -2.37 -6.52 12.39
C PRO B 291 -3.13 -7.29 11.33
N PHE B 292 -2.86 -8.57 11.11
CA PHE B 292 -3.50 -9.31 10.03
C PHE B 292 -4.07 -10.61 10.56
N GLN B 293 -5.09 -11.10 9.86
CA GLN B 293 -5.75 -12.36 10.22
C GLN B 293 -6.29 -13.01 8.96
N ASN B 294 -6.47 -14.32 9.03
CA ASN B 294 -7.03 -15.09 7.93
C ASN B 294 -8.06 -16.10 8.43
N VAL B 295 -8.89 -15.68 9.38
CA VAL B 295 -9.93 -16.55 9.92
C VAL B 295 -11.24 -16.39 9.17
N HIS B 296 -11.70 -15.16 8.98
CA HIS B 296 -12.98 -14.92 8.33
C HIS B 296 -13.07 -13.49 7.82
N PRO B 297 -13.64 -13.28 6.63
CA PRO B 297 -13.75 -11.90 6.13
C PRO B 297 -14.77 -11.07 6.89
N ILE B 298 -15.87 -11.67 7.33
CA ILE B 298 -16.92 -10.93 8.02
C ILE B 298 -16.56 -10.87 9.51
N THR B 299 -16.34 -9.65 10.01
CA THR B 299 -15.97 -9.44 11.39
C THR B 299 -16.74 -8.26 11.95
N ILE B 300 -16.91 -8.24 13.27
CA ILE B 300 -17.54 -7.15 13.98
C ILE B 300 -16.59 -6.68 15.07
N GLY B 301 -16.36 -5.38 15.15
CA GLY B 301 -15.51 -4.79 16.17
C GLY B 301 -14.17 -4.35 15.60
N LYS B 302 -13.32 -3.87 16.51
CA LYS B 302 -11.98 -3.44 16.15
C LYS B 302 -11.17 -4.68 15.79
N CYS B 303 -11.04 -4.94 14.51
CA CYS B 303 -10.64 -6.26 14.08
C CYS B 303 -9.41 -6.18 13.18
N PRO B 304 -8.55 -7.19 13.19
CA PRO B 304 -7.41 -7.18 12.27
C PRO B 304 -7.86 -7.31 10.83
N LYS B 305 -7.03 -6.78 9.93
CA LYS B 305 -7.36 -6.75 8.52
C LYS B 305 -7.19 -8.12 7.90
N TYR B 306 -8.19 -8.55 7.14
CA TYR B 306 -8.24 -9.89 6.59
C TYR B 306 -7.37 -9.98 5.34
N VAL B 307 -6.56 -11.04 5.27
CA VAL B 307 -5.68 -11.28 4.13
C VAL B 307 -5.82 -12.73 3.72
N LYS B 308 -5.37 -13.02 2.49
CA LYS B 308 -5.43 -14.36 1.94
C LYS B 308 -4.13 -15.14 2.14
N SER B 309 -3.18 -14.57 2.87
CA SER B 309 -1.92 -15.25 3.11
C SER B 309 -2.11 -16.38 4.11
N THR B 310 -1.22 -17.39 4.01
CA THR B 310 -1.22 -18.50 4.93
C THR B 310 -0.14 -18.40 5.99
N LYS B 311 0.96 -17.71 5.72
CA LYS B 311 2.03 -17.52 6.68
C LYS B 311 2.65 -16.16 6.43
N LEU B 312 2.80 -15.38 7.50
CA LEU B 312 3.36 -14.03 7.42
C LEU B 312 4.27 -13.87 8.64
N ARG B 313 5.53 -14.25 8.48
CA ARG B 313 6.48 -14.31 9.59
C ARG B 313 7.54 -13.24 9.43
N LEU B 314 7.77 -12.49 10.49
CA LEU B 314 8.73 -11.40 10.51
C LEU B 314 10.03 -11.90 11.13
N ALA B 315 11.12 -11.81 10.37
CA ALA B 315 12.41 -12.27 10.86
C ALA B 315 12.92 -11.34 11.95
N THR B 316 13.36 -11.92 13.05
CA THR B 316 13.85 -11.16 14.19
C THR B 316 15.28 -11.47 14.55
N GLY B 317 15.67 -12.73 14.54
CA GLY B 317 17.03 -13.13 14.80
C GLY B 317 17.89 -13.15 13.56
N LEU B 318 18.98 -13.88 13.63
CA LEU B 318 19.99 -13.93 12.59
C LEU B 318 19.60 -14.94 11.52
N ARG B 319 20.50 -15.14 10.57
CA ARG B 319 20.39 -16.27 9.64
C ARG B 319 21.11 -17.47 10.26
N ASN B 320 20.36 -18.54 10.50
CA ASN B 320 20.88 -19.71 11.20
C ASN B 320 21.86 -20.46 10.31
N VAL B 321 23.14 -20.22 10.52
CA VAL B 321 24.20 -20.91 9.72
C VAL B 321 25.00 -21.74 10.72
N PRO B 322 24.54 -22.95 11.10
CA PRO B 322 25.22 -23.78 12.12
C PRO B 322 26.24 -24.71 11.48
N ASP C 1 50.05 18.76 7.88
CA ASP C 1 50.48 17.38 7.96
C ASP C 1 49.32 16.43 8.21
N THR C 2 48.15 16.98 8.51
CA THR C 2 46.98 16.19 8.86
C THR C 2 45.82 16.51 7.94
N LEU C 3 45.10 15.48 7.52
CA LEU C 3 43.87 15.65 6.75
C LEU C 3 42.81 14.71 7.30
N CYS C 4 41.72 15.25 7.82
CA CYS C 4 40.67 14.47 8.45
C CYS C 4 39.41 14.53 7.59
N ILE C 5 38.66 13.43 7.57
CA ILE C 5 37.43 13.34 6.80
C ILE C 5 36.27 13.39 7.78
N GLY C 6 35.29 14.26 7.51
CA GLY C 6 34.19 14.44 8.42
C GLY C 6 32.92 14.85 7.71
N TYR C 7 31.86 15.00 8.49
CA TYR C 7 30.53 15.30 7.97
C TYR C 7 29.96 16.50 8.68
N HIS C 8 28.77 16.91 8.24
CA HIS C 8 28.15 18.15 8.65
C HIS C 8 27.28 17.96 9.89
N ALA C 9 27.19 19.02 10.69
CA ALA C 9 26.32 19.02 11.87
C ALA C 9 25.88 20.45 12.14
N ASN C 10 24.79 20.59 12.87
CA ASN C 10 24.25 21.89 13.22
C ASN C 10 23.49 21.75 14.54
N ASN C 11 22.75 22.79 14.91
CA ASN C 11 22.04 22.84 16.17
C ASN C 11 20.53 22.67 15.98
N SER C 12 20.13 21.94 14.95
CA SER C 12 18.72 21.74 14.68
C SER C 12 18.09 20.82 15.72
N THR C 13 16.81 21.05 15.99
CA THR C 13 16.06 20.25 16.94
C THR C 13 15.00 19.38 16.29
N ASP C 14 14.85 19.45 14.96
CA ASP C 14 13.83 18.65 14.29
C ASP C 14 14.22 17.18 14.30
N THR C 15 13.27 16.32 14.63
CA THR C 15 13.49 14.90 14.77
C THR C 15 12.58 14.13 13.83
N VAL C 16 13.06 12.97 13.40
CA VAL C 16 12.30 12.09 12.53
C VAL C 16 12.22 10.71 13.17
N ASP C 17 11.22 9.96 12.75
CA ASP C 17 11.00 8.61 13.22
C ASP C 17 11.53 7.61 12.20
N THR C 18 12.20 6.58 12.70
CA THR C 18 12.86 5.58 11.88
C THR C 18 12.38 4.21 12.31
N VAL C 19 12.33 3.27 11.36
CA VAL C 19 11.79 1.94 11.64
C VAL C 19 12.61 1.23 12.72
N LEU C 20 13.86 1.64 12.91
CA LEU C 20 14.71 1.01 13.91
C LEU C 20 14.79 1.79 15.21
N GLU C 21 14.63 3.10 15.18
CA GLU C 21 14.66 3.90 16.40
C GLU C 21 13.84 5.16 16.19
N LYS C 22 13.30 5.69 17.28
CA LYS C 22 12.46 6.88 17.25
C LYS C 22 13.20 8.09 17.80
N ASN C 23 12.70 9.27 17.42
CA ASN C 23 13.22 10.55 17.88
C ASN C 23 14.70 10.69 17.55
N VAL C 24 14.99 10.67 16.25
CA VAL C 24 16.35 10.82 15.74
C VAL C 24 16.53 12.25 15.27
N THR C 25 17.47 12.96 15.89
CA THR C 25 17.75 14.33 15.47
C THR C 25 18.46 14.32 14.13
N VAL C 26 17.97 15.13 13.20
CA VAL C 26 18.55 15.24 11.87
C VAL C 26 18.83 16.70 11.58
N THR C 27 19.76 16.93 10.65
CA THR C 27 20.11 18.29 10.26
C THR C 27 18.94 19.00 9.59
N HIS C 28 18.23 18.30 8.71
CA HIS C 28 17.12 18.90 7.99
C HIS C 28 16.02 17.86 7.82
N SER C 29 14.80 18.33 7.63
CA SER C 29 13.66 17.45 7.41
C SER C 29 12.57 18.23 6.69
N VAL C 30 11.81 17.54 5.88
CA VAL C 30 10.67 18.14 5.18
C VAL C 30 9.38 17.56 5.75
N ASN C 31 8.29 18.28 5.53
CA ASN C 31 6.98 17.88 6.02
C ASN C 31 6.16 17.34 4.86
N LEU C 32 5.58 16.16 5.04
CA LEU C 32 4.66 15.59 4.07
C LEU C 32 3.20 15.74 4.49
N LEU C 33 2.94 16.31 5.66
CA LEU C 33 1.61 16.37 6.24
C LEU C 33 1.15 17.82 6.31
N GLU C 34 -0.04 18.08 5.78
CA GLU C 34 -0.65 19.40 5.83
C GLU C 34 -1.62 19.45 6.99
N ASP C 35 -1.37 20.36 7.94
CA ASP C 35 -2.16 20.44 9.15
C ASP C 35 -2.89 21.76 9.32
N LYS C 36 -2.79 22.67 8.36
CA LYS C 36 -3.34 24.01 8.50
C LYS C 36 -4.27 24.33 7.35
N HIS C 37 -5.27 25.17 7.64
CA HIS C 37 -6.21 25.65 6.66
C HIS C 37 -6.39 27.15 6.85
N ASN C 38 -6.84 27.83 5.80
CA ASN C 38 -6.99 29.27 5.85
C ASN C 38 -8.26 29.72 6.55
N GLY C 39 -9.15 28.80 6.91
CA GLY C 39 -10.37 29.18 7.59
C GLY C 39 -11.33 29.99 6.75
N LYS C 40 -11.39 29.74 5.45
CA LYS C 40 -12.27 30.46 4.54
C LYS C 40 -12.87 29.49 3.53
N LEU C 41 -14.17 29.62 3.30
CA LEU C 41 -14.86 28.84 2.27
C LEU C 41 -14.84 29.64 0.99
N CYS C 42 -13.89 29.33 0.10
CA CYS C 42 -13.64 30.18 -1.04
C CYS C 42 -13.53 29.36 -2.31
N LYS C 43 -13.30 30.05 -3.43
CA LYS C 43 -13.67 29.55 -4.75
C LYS C 43 -12.88 28.32 -5.16
N LEU C 44 -13.54 27.47 -5.95
CA LEU C 44 -12.96 26.25 -6.47
C LEU C 44 -13.01 26.31 -7.99
N ARG C 45 -11.87 26.06 -8.64
CA ARG C 45 -11.73 26.17 -10.09
C ARG C 45 -12.12 27.55 -10.60
N GLY C 46 -11.91 28.58 -9.78
CA GLY C 46 -12.23 29.93 -10.18
C GLY C 46 -13.70 30.29 -10.16
N VAL C 47 -14.55 29.42 -9.63
CA VAL C 47 -15.99 29.65 -9.58
C VAL C 47 -16.42 29.67 -8.12
N ALA C 48 -17.16 30.70 -7.75
CA ALA C 48 -17.60 30.85 -6.38
C ALA C 48 -18.67 29.81 -6.03
N PRO C 49 -18.80 29.48 -4.75
CA PRO C 49 -19.88 28.59 -4.33
C PRO C 49 -21.22 29.30 -4.29
N LEU C 50 -22.28 28.50 -4.21
CA LEU C 50 -23.64 29.00 -4.01
C LEU C 50 -23.95 28.90 -2.53
N HIS C 51 -24.07 30.04 -1.87
CA HIS C 51 -24.24 30.11 -0.43
C HIS C 51 -25.72 30.31 -0.11
N LEU C 52 -26.30 29.39 0.65
CA LEU C 52 -27.68 29.50 1.09
C LEU C 52 -27.65 29.79 2.59
N GLY C 53 -27.89 31.04 2.95
CA GLY C 53 -27.72 31.45 4.32
C GLY C 53 -28.66 30.79 5.30
N LYS C 54 -29.93 31.16 5.22
CA LYS C 54 -30.91 30.62 6.19
C LYS C 54 -31.77 29.58 5.48
N CYS C 55 -31.56 29.40 4.17
CA CYS C 55 -32.41 28.46 3.40
C CYS C 55 -31.69 27.15 3.10
N ASN C 56 -32.46 26.12 2.75
CA ASN C 56 -31.86 24.83 2.36
C ASN C 56 -32.10 24.68 0.86
N ILE C 57 -31.57 23.65 0.23
CA ILE C 57 -31.72 23.55 -1.21
C ILE C 57 -33.20 23.45 -1.58
N ALA C 58 -34.00 22.77 -0.76
CA ALA C 58 -35.43 22.67 -1.01
C ALA C 58 -36.09 24.05 -0.98
N GLY C 59 -35.83 24.82 0.08
CA GLY C 59 -36.44 26.13 0.20
C GLY C 59 -35.96 27.09 -0.87
N TRP C 60 -34.69 26.99 -1.25
CA TRP C 60 -34.16 27.86 -2.28
C TRP C 60 -34.74 27.52 -3.65
N ILE C 61 -34.95 26.25 -3.97
CA ILE C 61 -35.43 25.85 -5.33
C ILE C 61 -36.96 25.94 -5.43
N LEU C 62 -37.65 26.08 -4.32
CA LEU C 62 -39.13 26.12 -4.33
C LEU C 62 -39.54 27.59 -4.20
N GLY C 63 -38.78 28.38 -3.46
CA GLY C 63 -39.04 29.82 -3.34
C GLY C 63 -39.55 30.21 -1.98
N ASN C 64 -39.03 29.64 -0.92
CA ASN C 64 -39.45 30.01 0.45
C ASN C 64 -39.47 31.52 0.51
N PRO C 65 -40.57 32.12 0.96
CA PRO C 65 -40.70 33.59 1.05
C PRO C 65 -39.48 34.23 1.71
N GLU C 66 -38.74 33.50 2.53
CA GLU C 66 -37.59 34.06 3.29
C GLU C 66 -36.26 33.68 2.64
N CYS C 67 -36.20 33.62 1.33
CA CYS C 67 -34.98 33.22 0.60
C CYS C 67 -34.85 34.12 -0.64
N GLU C 68 -35.72 35.11 -0.75
CA GLU C 68 -35.68 36.04 -1.90
C GLU C 68 -34.34 36.77 -1.87
N SER C 69 -33.89 37.15 -0.67
CA SER C 69 -32.58 37.82 -0.53
C SER C 69 -31.56 37.19 -1.47
N LEU C 70 -31.33 35.90 -1.36
CA LEU C 70 -30.29 35.24 -2.18
C LEU C 70 -30.61 35.51 -3.66
N ALA C 73 -24.01 33.28 -9.51
CA ALA C 73 -25.44 32.97 -9.49
C ALA C 73 -25.81 32.14 -10.72
N ARG C 74 -25.18 32.31 -11.80
CA ARG C 74 -25.52 31.53 -13.01
C ARG C 74 -24.75 30.23 -13.04
N SER C 75 -23.66 30.14 -12.23
CA SER C 75 -22.95 28.88 -12.12
C SER C 75 -22.27 28.83 -10.75
N TRP C 76 -21.97 27.62 -10.31
CA TRP C 76 -21.29 27.46 -9.03
C TRP C 76 -20.53 26.14 -9.03
N SER C 77 -19.57 26.04 -8.09
CA SER C 77 -18.73 24.86 -7.98
C SER C 77 -19.16 23.91 -6.88
N TYR C 78 -19.78 24.41 -5.82
CA TYR C 78 -20.31 23.59 -4.74
C TYR C 78 -21.26 24.45 -3.94
N ILE C 79 -22.18 23.81 -3.23
CA ILE C 79 -23.16 24.53 -2.43
C ILE C 79 -22.69 24.58 -1.00
N VAL C 80 -22.96 25.71 -0.34
CA VAL C 80 -22.60 25.93 1.05
C VAL C 80 -23.87 26.18 1.84
N GLU C 81 -24.00 25.48 2.95
CA GLU C 81 -25.17 25.52 3.81
C GLU C 81 -24.72 25.82 5.24
N THR C 82 -25.56 26.50 5.99
CA THR C 82 -25.28 26.84 7.36
C THR C 82 -25.98 25.87 8.30
N SER C 83 -25.39 25.68 9.48
CA SER C 83 -25.98 24.80 10.48
C SER C 83 -27.33 25.31 10.95
N ASN C 84 -27.65 26.58 10.72
CA ASN C 84 -28.93 27.17 11.06
C ASN C 84 -29.83 27.36 9.85
N SER C 85 -29.53 26.70 8.73
CA SER C 85 -30.36 26.78 7.53
C SER C 85 -31.53 25.83 7.68
N ASP C 86 -32.58 26.33 8.34
CA ASP C 86 -33.76 25.53 8.63
C ASP C 86 -34.99 26.00 7.88
N ASN C 87 -34.87 27.01 7.03
CA ASN C 87 -36.01 27.53 6.27
C ASN C 87 -36.11 26.74 4.97
N GLY C 88 -37.00 25.74 4.95
CA GLY C 88 -37.21 24.93 3.78
C GLY C 88 -38.65 24.84 3.37
N THR C 89 -39.19 23.63 3.30
CA THR C 89 -40.58 23.42 2.93
C THR C 89 -41.45 23.95 4.06
N CYS C 90 -41.98 25.17 3.87
CA CYS C 90 -42.82 25.78 4.90
C CYS C 90 -44.12 24.99 5.08
N TYR C 91 -44.79 24.68 3.99
CA TYR C 91 -45.96 23.83 4.09
C TYR C 91 -45.52 22.39 4.32
N PRO C 92 -46.09 21.69 5.30
CA PRO C 92 -45.63 20.33 5.60
C PRO C 92 -45.83 19.40 4.42
N GLY C 93 -44.89 18.47 4.27
CA GLY C 93 -44.99 17.48 3.22
C GLY C 93 -43.66 16.80 3.00
N ASP C 94 -43.62 15.96 1.97
CA ASP C 94 -42.46 15.16 1.66
C ASP C 94 -41.93 15.55 0.28
N PHE C 95 -40.65 15.88 0.22
CA PHE C 95 -39.97 16.22 -1.02
C PHE C 95 -39.40 14.93 -1.60
N ILE C 96 -39.94 14.50 -2.73
CA ILE C 96 -39.59 13.21 -3.31
C ILE C 96 -38.24 13.31 -4.01
N ASN C 97 -37.34 12.39 -3.68
CA ASN C 97 -35.98 12.35 -4.24
C ASN C 97 -35.25 13.65 -3.98
N TYR C 98 -35.34 14.13 -2.74
CA TYR C 98 -34.69 15.38 -2.35
C TYR C 98 -33.17 15.26 -2.46
N GLU C 99 -32.62 14.15 -2.00
CA GLU C 99 -31.16 13.97 -2.04
C GLU C 99 -30.66 13.86 -3.47
N GLU C 100 -31.46 13.24 -4.34
CA GLU C 100 -31.09 13.20 -5.75
C GLU C 100 -31.03 14.59 -6.35
N LEU C 101 -32.02 15.43 -6.03
CA LEU C 101 -32.01 16.81 -6.52
C LEU C 101 -30.81 17.56 -5.99
N ARG C 102 -30.48 17.35 -4.72
CA ARG C 102 -29.29 17.97 -4.15
C ARG C 102 -28.04 17.54 -4.88
N GLU C 103 -27.92 16.26 -5.21
CA GLU C 103 -26.75 15.76 -5.92
C GLU C 103 -26.65 16.37 -7.32
N GLN C 104 -27.77 16.45 -8.04
CA GLN C 104 -27.71 17.03 -9.38
C GLN C 104 -27.38 18.52 -9.32
N LEU C 105 -27.91 19.23 -8.33
CA LEU C 105 -27.72 20.66 -8.22
C LEU C 105 -26.39 21.04 -7.56
N SER C 106 -25.57 20.07 -7.19
CA SER C 106 -24.37 20.37 -6.42
C SER C 106 -23.42 21.25 -7.20
N SER C 107 -23.27 21.00 -8.50
CA SER C 107 -22.44 21.84 -9.36
C SER C 107 -23.08 21.92 -10.73
N VAL C 108 -23.40 23.13 -11.17
CA VAL C 108 -24.03 23.35 -12.47
C VAL C 108 -23.20 24.36 -13.25
N SER C 109 -23.00 24.09 -14.54
CA SER C 109 -22.26 25.00 -15.40
C SER C 109 -23.12 26.18 -15.83
N SER C 110 -24.43 25.98 -15.97
CA SER C 110 -25.34 27.07 -16.27
C SER C 110 -26.63 26.87 -15.49
N PHE C 111 -27.18 27.96 -14.97
CA PHE C 111 -28.41 27.89 -14.17
C PHE C 111 -29.17 29.19 -14.36
N GLU C 112 -30.30 29.11 -15.05
CA GLU C 112 -31.11 30.32 -15.28
C GLU C 112 -32.57 30.05 -14.94
N ARG C 113 -33.22 30.99 -14.28
CA ARG C 113 -34.63 30.87 -13.91
C ARG C 113 -35.50 31.59 -14.93
N PHE C 114 -36.54 30.91 -15.41
CA PHE C 114 -37.46 31.51 -16.37
C PHE C 114 -38.88 31.11 -16.03
N GLU C 115 -39.83 31.85 -16.60
CA GLU C 115 -41.25 31.64 -16.33
C GLU C 115 -41.78 30.60 -17.31
N ILE C 116 -41.95 29.37 -16.82
CA ILE C 116 -42.47 28.29 -17.66
C ILE C 116 -43.94 28.52 -17.96
N PHE C 117 -44.72 28.87 -16.95
CA PHE C 117 -46.14 29.20 -17.12
C PHE C 117 -46.40 30.59 -16.57
N PRO C 118 -46.58 31.61 -17.42
CA PRO C 118 -46.86 32.95 -16.91
C PRO C 118 -48.16 32.97 -16.10
N LYS C 119 -48.15 33.77 -15.03
CA LYS C 119 -49.29 33.81 -14.12
C LYS C 119 -50.49 34.50 -14.75
N THR C 120 -50.27 35.47 -15.61
CA THR C 120 -51.34 36.31 -16.14
C THR C 120 -51.96 35.77 -17.42
N SER C 121 -51.46 34.66 -17.96
CA SER C 121 -51.97 34.18 -19.24
C SER C 121 -52.14 32.67 -19.33
N SER C 122 -51.84 31.91 -18.28
CA SER C 122 -51.88 30.46 -18.37
C SER C 122 -53.03 29.81 -17.62
N TRP C 123 -53.60 30.47 -16.62
CA TRP C 123 -54.69 29.92 -15.81
C TRP C 123 -55.84 30.90 -15.82
N PRO C 124 -56.62 30.94 -16.90
CA PRO C 124 -57.73 31.90 -16.97
C PRO C 124 -58.99 31.40 -16.28
N ASN C 125 -59.17 30.08 -16.23
CA ASN C 125 -60.37 29.47 -15.67
C ASN C 125 -60.23 29.11 -14.21
N HIS C 126 -59.09 29.37 -13.59
CA HIS C 126 -58.85 29.04 -12.20
C HIS C 126 -58.37 30.27 -11.46
N ASP C 127 -58.40 30.20 -10.14
CA ASP C 127 -57.96 31.31 -9.30
C ASP C 127 -56.51 31.08 -8.89
N SER C 128 -55.66 32.05 -9.17
CA SER C 128 -54.23 31.97 -8.86
C SER C 128 -53.80 33.01 -7.84
N ASP C 129 -54.72 33.44 -6.98
CA ASP C 129 -54.43 34.47 -5.98
C ASP C 129 -54.78 34.08 -4.56
N LYS C 130 -55.67 33.11 -4.35
CA LYS C 130 -56.09 32.71 -3.02
C LYS C 130 -55.27 31.55 -2.46
N GLY C 131 -54.25 31.09 -3.18
CA GLY C 131 -53.44 30.00 -2.69
C GLY C 131 -52.35 30.46 -1.73
N VAL C 132 -52.76 30.97 -0.57
CA VAL C 132 -51.84 31.47 0.43
C VAL C 132 -52.10 30.75 1.74
N THR C 133 -51.04 30.58 2.54
CA THR C 133 -51.11 29.84 3.78
C THR C 133 -50.46 30.63 4.91
N ALA C 134 -50.85 30.31 6.13
CA ALA C 134 -50.19 30.84 7.31
C ALA C 134 -48.91 30.08 7.65
N ALA C 135 -48.68 28.93 7.02
CA ALA C 135 -47.46 28.16 7.22
C ALA C 135 -46.26 28.76 6.50
N CYS C 136 -46.49 29.68 5.57
CA CYS C 136 -45.42 30.35 4.83
C CYS C 136 -45.62 31.85 4.96
N PRO C 137 -45.32 32.41 6.13
CA PRO C 137 -45.53 33.85 6.32
C PRO C 137 -44.48 34.67 5.57
N HIS C 138 -44.89 35.87 5.17
CA HIS C 138 -43.99 36.83 4.54
C HIS C 138 -44.35 38.20 5.06
N ALA C 139 -43.54 38.72 5.98
CA ALA C 139 -43.80 39.99 6.65
C ALA C 139 -45.17 39.98 7.32
N GLY C 140 -45.52 38.87 7.96
CA GLY C 140 -46.77 38.71 8.66
C GLY C 140 -47.92 38.20 7.83
N ALA C 141 -48.04 38.71 6.60
CA ALA C 141 -49.13 38.30 5.74
C ALA C 141 -48.93 36.87 5.25
N LYS C 142 -50.04 36.20 4.97
CA LYS C 142 -49.98 34.86 4.42
C LYS C 142 -49.44 34.89 3.00
N SER C 143 -48.60 33.92 2.67
CA SER C 143 -47.94 33.89 1.38
C SER C 143 -47.77 32.44 0.95
N PHE C 144 -46.93 32.23 -0.07
CA PHE C 144 -46.66 30.91 -0.60
C PHE C 144 -45.33 30.96 -1.35
N TYR C 145 -44.92 29.82 -1.87
CA TYR C 145 -43.70 29.74 -2.65
C TYR C 145 -43.82 30.61 -3.90
N LYS C 146 -42.69 31.20 -4.30
CA LYS C 146 -42.67 32.04 -5.49
C LYS C 146 -42.53 31.25 -6.77
N ASN C 147 -41.95 30.06 -6.73
CA ASN C 147 -41.78 29.24 -7.92
C ASN C 147 -42.98 28.33 -8.19
N LEU C 148 -44.02 28.40 -7.37
CA LEU C 148 -45.20 27.58 -7.53
C LEU C 148 -46.45 28.44 -7.33
N ILE C 149 -47.52 28.08 -8.02
CA ILE C 149 -48.83 28.73 -7.85
C ILE C 149 -49.82 27.68 -7.39
N TRP C 150 -50.53 27.99 -6.31
CA TRP C 150 -51.56 27.11 -5.77
C TRP C 150 -52.90 27.53 -6.36
N LEU C 151 -53.39 26.76 -7.32
CA LEU C 151 -54.65 27.06 -7.97
C LEU C 151 -55.82 26.54 -7.15
N VAL C 152 -56.86 27.36 -7.04
CA VAL C 152 -58.09 27.01 -6.35
C VAL C 152 -59.26 27.27 -7.30
N LYS C 153 -60.45 26.89 -6.86
CA LYS C 153 -61.64 27.06 -7.68
C LYS C 153 -61.93 28.54 -7.93
N LYS C 154 -62.54 28.82 -9.06
CA LYS C 154 -62.97 30.17 -9.41
C LYS C 154 -64.49 30.22 -9.29
N GLY C 155 -64.97 30.48 -8.09
CA GLY C 155 -66.40 30.63 -7.88
C GLY C 155 -67.20 29.37 -8.10
N ASN C 156 -67.02 28.38 -7.22
CA ASN C 156 -67.78 27.13 -7.26
C ASN C 156 -67.64 26.41 -8.60
N SER C 157 -66.44 26.46 -9.17
CA SER C 157 -66.18 25.78 -10.43
C SER C 157 -64.69 25.58 -10.59
N TYR C 158 -64.29 24.32 -10.78
CA TYR C 158 -62.90 23.96 -11.05
C TYR C 158 -62.89 23.12 -12.31
N PRO C 159 -62.84 23.75 -13.48
CA PRO C 159 -62.83 22.99 -14.72
C PRO C 159 -61.53 22.21 -14.87
N LYS C 160 -61.58 21.21 -15.74
CA LYS C 160 -60.42 20.40 -16.03
C LYS C 160 -59.28 21.27 -16.54
N LEU C 161 -58.09 21.03 -16.01
CA LEU C 161 -56.90 21.81 -16.31
C LEU C 161 -56.00 21.00 -17.22
N ASN C 162 -55.60 21.59 -18.34
CA ASN C 162 -54.80 20.91 -19.35
C ASN C 162 -53.75 21.90 -19.84
N GLN C 163 -52.48 21.59 -19.59
CA GLN C 163 -51.41 22.50 -19.98
C GLN C 163 -50.20 21.71 -20.43
N THR C 164 -49.35 22.34 -21.23
CA THR C 164 -48.16 21.71 -21.75
C THR C 164 -47.06 22.75 -21.91
N TYR C 165 -45.82 22.30 -21.78
CA TYR C 165 -44.66 23.14 -22.08
C TYR C 165 -43.69 22.33 -22.92
N ILE C 166 -43.25 22.92 -24.03
CA ILE C 166 -42.26 22.31 -24.91
C ILE C 166 -40.92 22.98 -24.66
N ASN C 167 -39.89 22.17 -24.44
CA ASN C 167 -38.56 22.68 -24.07
C ASN C 167 -37.84 23.16 -25.33
N ASP C 168 -37.99 24.45 -25.62
CA ASP C 168 -37.32 25.06 -26.77
C ASP C 168 -35.88 25.45 -26.47
N LYS C 169 -35.48 25.51 -25.22
CA LYS C 169 -34.08 25.78 -24.89
C LYS C 169 -33.22 24.59 -25.29
N GLY C 170 -31.93 24.85 -25.45
CA GLY C 170 -31.02 23.79 -25.80
C GLY C 170 -30.52 22.95 -24.65
N LYS C 171 -30.95 23.26 -23.43
CA LYS C 171 -30.46 22.58 -22.24
C LYS C 171 -31.62 21.93 -21.50
N GLU C 172 -31.28 21.09 -20.52
CA GLU C 172 -32.27 20.46 -19.69
C GLU C 172 -32.97 21.50 -18.83
N VAL C 173 -34.25 21.26 -18.55
CA VAL C 173 -35.08 22.19 -17.78
C VAL C 173 -35.64 21.44 -16.58
N LEU C 174 -35.27 21.88 -15.39
CA LEU C 174 -35.83 21.33 -14.17
C LEU C 174 -37.16 21.99 -13.87
N VAL C 175 -38.19 21.16 -13.69
CA VAL C 175 -39.56 21.60 -13.43
C VAL C 175 -39.99 20.98 -12.11
N LEU C 176 -40.52 21.82 -11.22
CA LEU C 176 -40.98 21.39 -9.91
C LEU C 176 -42.48 21.68 -9.78
N TRP C 177 -43.19 20.75 -9.16
CA TRP C 177 -44.62 20.93 -8.90
C TRP C 177 -44.96 20.27 -7.57
N GLY C 178 -46.23 20.37 -7.19
CA GLY C 178 -46.66 19.81 -5.93
C GLY C 178 -48.08 19.27 -6.02
N ILE C 179 -48.36 18.32 -5.14
CA ILE C 179 -49.68 17.74 -4.97
C ILE C 179 -50.13 17.96 -3.55
N HIS C 180 -51.30 18.58 -3.38
CA HIS C 180 -51.82 18.95 -2.07
C HIS C 180 -52.78 17.89 -1.58
N HIS C 181 -52.62 17.48 -0.32
CA HIS C 181 -53.51 16.51 0.32
C HIS C 181 -54.24 17.20 1.46
N PRO C 182 -55.51 17.56 1.28
CA PRO C 182 -56.25 18.24 2.33
C PRO C 182 -56.57 17.30 3.48
N PRO C 183 -56.86 17.84 4.66
CA PRO C 183 -57.19 16.96 5.79
C PRO C 183 -58.57 16.35 5.71
N THR C 184 -59.57 17.09 5.25
CA THR C 184 -60.94 16.63 5.25
C THR C 184 -61.56 16.79 3.88
N ILE C 185 -62.67 16.08 3.67
CA ILE C 185 -63.40 16.18 2.41
C ILE C 185 -63.97 17.58 2.23
N ALA C 186 -64.41 18.19 3.33
CA ALA C 186 -64.95 19.55 3.25
C ALA C 186 -63.90 20.52 2.75
N ALA C 187 -62.65 20.37 3.20
CA ALA C 187 -61.57 21.20 2.68
C ALA C 187 -61.37 20.98 1.19
N GLN C 188 -61.44 19.72 0.75
CA GLN C 188 -61.28 19.41 -0.67
C GLN C 188 -62.37 20.09 -1.50
N GLU C 189 -63.61 20.05 -1.03
CA GLU C 189 -64.69 20.69 -1.77
C GLU C 189 -64.60 22.20 -1.72
N SER C 190 -64.11 22.75 -0.61
CA SER C 190 -63.98 24.20 -0.50
C SER C 190 -62.79 24.73 -1.28
N LEU C 191 -61.83 23.88 -1.64
CA LEU C 191 -60.68 24.32 -2.41
C LEU C 191 -60.76 23.95 -3.89
N TYR C 192 -61.35 22.81 -4.22
CA TYR C 192 -61.38 22.33 -5.59
C TYR C 192 -62.74 21.87 -6.06
N GLN C 193 -63.76 21.76 -5.23
CA GLN C 193 -65.12 21.43 -5.72
C GLN C 193 -65.04 20.23 -6.64
N ASN C 194 -64.62 19.10 -6.11
CA ASN C 194 -64.44 17.87 -6.92
C ASN C 194 -63.84 16.86 -5.96
N ALA C 195 -64.68 16.14 -5.22
CA ALA C 195 -64.18 15.21 -4.18
C ALA C 195 -63.25 14.16 -4.77
N ASP C 196 -63.53 13.70 -5.98
CA ASP C 196 -62.69 12.67 -6.65
C ASP C 196 -61.79 13.38 -7.64
N ALA C 197 -60.69 13.94 -7.16
CA ALA C 197 -59.81 14.71 -8.07
C ALA C 197 -58.62 13.87 -8.45
N TYR C 198 -57.94 14.25 -9.51
CA TYR C 198 -56.78 13.48 -9.99
C TYR C 198 -55.83 14.39 -10.67
N VAL C 199 -54.55 14.16 -10.45
CA VAL C 199 -53.52 14.90 -11.19
C VAL C 199 -52.78 13.91 -12.06
N PHE C 200 -52.20 14.40 -13.15
CA PHE C 200 -51.40 13.57 -14.04
C PHE C 200 -50.31 14.42 -14.66
N VAL C 201 -49.05 14.01 -14.46
CA VAL C 201 -47.91 14.70 -15.03
C VAL C 201 -47.16 13.72 -15.92
N GLY C 202 -46.93 14.14 -17.17
CA GLY C 202 -46.29 13.24 -18.12
C GLY C 202 -45.26 13.86 -19.03
N THR C 203 -44.15 13.16 -19.24
CA THR C 203 -43.16 13.53 -20.25
C THR C 203 -42.91 12.32 -21.15
N SER C 204 -41.89 12.38 -22.00
CA SER C 204 -41.56 11.24 -22.83
C SER C 204 -41.07 10.05 -22.02
N ARG C 205 -40.48 10.28 -20.85
CA ARG C 205 -40.04 9.20 -19.98
C ARG C 205 -40.84 9.11 -18.69
N TYR C 206 -41.19 10.23 -18.09
CA TYR C 206 -41.90 10.27 -16.82
C TYR C 206 -43.40 10.32 -17.08
N SER C 207 -44.14 9.44 -16.42
CA SER C 207 -45.59 9.45 -16.48
C SER C 207 -46.12 9.01 -15.13
N LYS C 208 -46.89 9.87 -14.48
CA LYS C 208 -47.38 9.52 -13.15
C LYS C 208 -48.75 10.13 -12.93
N LYS C 209 -49.60 9.38 -12.23
CA LYS C 209 -50.95 9.81 -11.85
C LYS C 209 -51.01 9.88 -10.34
N PHE C 210 -51.39 11.05 -9.82
CA PHE C 210 -51.46 11.30 -8.39
C PHE C 210 -52.91 11.42 -7.96
N LYS C 211 -53.23 10.83 -6.81
CA LYS C 211 -54.54 10.92 -6.22
C LYS C 211 -54.44 11.53 -4.82
N PRO C 212 -55.33 12.45 -4.47
CA PRO C 212 -55.30 13.04 -3.13
C PRO C 212 -55.50 11.99 -2.06
N GLU C 213 -54.80 12.19 -0.93
CA GLU C 213 -54.86 11.32 0.23
C GLU C 213 -55.51 12.13 1.34
N ILE C 214 -56.83 12.04 1.45
CA ILE C 214 -57.61 12.93 2.31
C ILE C 214 -57.75 12.28 3.68
N ALA C 215 -56.93 12.73 4.63
CA ALA C 215 -57.02 12.30 6.02
C ALA C 215 -56.30 13.32 6.88
N THR C 216 -56.59 13.29 8.18
CA THR C 216 -56.02 14.24 9.12
C THR C 216 -54.69 13.73 9.63
N ARG C 217 -53.66 14.54 9.48
CA ARG C 217 -52.32 14.24 9.94
C ARG C 217 -52.01 14.98 11.23
N PRO C 218 -50.98 14.57 11.96
CA PRO C 218 -50.53 15.37 13.11
C PRO C 218 -50.16 16.78 12.68
N LYS C 219 -50.50 17.74 13.54
CA LYS C 219 -50.40 19.15 13.19
C LYS C 219 -48.95 19.58 13.14
N VAL C 220 -48.51 20.04 11.97
CA VAL C 220 -47.18 20.61 11.78
C VAL C 220 -47.36 22.01 11.22
N ARG C 221 -46.83 23.00 11.92
CA ARG C 221 -46.95 24.40 11.53
C ARG C 221 -48.42 24.79 11.33
N ASP C 222 -49.27 24.37 12.26
CA ASP C 222 -50.69 24.72 12.27
C ASP C 222 -51.38 24.25 10.99
N GLN C 223 -50.91 23.13 10.44
CA GLN C 223 -51.50 22.56 9.24
C GLN C 223 -51.73 21.07 9.45
N GLU C 224 -52.92 20.61 9.07
CA GLU C 224 -53.28 19.20 9.18
C GLU C 224 -53.04 18.45 7.87
N GLY C 225 -53.16 19.12 6.74
CA GLY C 225 -52.90 18.51 5.45
C GLY C 225 -51.42 18.49 5.13
N ARG C 226 -51.11 18.04 3.92
CA ARG C 226 -49.72 17.91 3.49
C ARG C 226 -49.58 18.38 2.05
N MET C 227 -48.34 18.48 1.61
CA MET C 227 -48.04 18.86 0.22
C MET C 227 -46.78 18.12 -0.21
N ASN C 228 -46.93 17.21 -1.16
CA ASN C 228 -45.80 16.43 -1.67
C ASN C 228 -45.23 17.13 -2.90
N TYR C 229 -43.92 17.37 -2.88
CA TYR C 229 -43.25 18.10 -3.94
C TYR C 229 -42.49 17.14 -4.84
N TYR C 230 -42.68 17.28 -6.15
CA TYR C 230 -42.04 16.43 -7.13
C TYR C 230 -41.27 17.29 -8.13
N TRP C 231 -40.25 16.69 -8.73
CA TRP C 231 -39.42 17.39 -9.71
C TRP C 231 -39.10 16.45 -10.87
N THR C 232 -38.84 17.05 -12.03
CA THR C 232 -38.45 16.28 -13.20
C THR C 232 -37.52 17.11 -14.06
N LEU C 233 -36.76 16.43 -14.91
CA LEU C 233 -35.87 17.07 -15.87
C LEU C 233 -36.41 16.83 -17.27
N VAL C 234 -36.69 17.91 -17.98
CA VAL C 234 -37.18 17.86 -19.35
C VAL C 234 -36.00 18.06 -20.27
N GLU C 235 -35.77 17.09 -21.14
CA GLU C 235 -34.68 17.12 -22.10
C GLU C 235 -35.00 18.07 -23.26
N PRO C 236 -33.98 18.51 -23.99
CA PRO C 236 -34.26 19.34 -25.16
C PRO C 236 -35.14 18.63 -26.16
N GLY C 237 -36.12 19.37 -26.70
CA GLY C 237 -37.06 18.81 -27.65
C GLY C 237 -38.20 18.04 -27.03
N ASP C 238 -38.26 17.95 -25.71
CA ASP C 238 -39.31 17.22 -25.02
C ASP C 238 -40.38 18.17 -24.51
N LYS C 239 -41.47 17.59 -24.04
CA LYS C 239 -42.59 18.37 -23.52
C LYS C 239 -43.10 17.74 -22.24
N ILE C 240 -43.58 18.59 -21.34
CA ILE C 240 -44.16 18.16 -20.08
C ILE C 240 -45.63 18.59 -20.07
N THR C 241 -46.51 17.64 -19.75
CA THR C 241 -47.95 17.84 -19.82
C THR C 241 -48.54 17.68 -18.43
N PHE C 242 -49.34 18.66 -18.02
CA PHE C 242 -50.06 18.65 -16.76
C PHE C 242 -51.55 18.54 -17.02
N GLU C 243 -52.20 17.65 -16.28
CA GLU C 243 -53.65 17.49 -16.32
C GLU C 243 -54.14 17.44 -14.88
N ALA C 244 -55.20 18.18 -14.58
CA ALA C 244 -55.61 18.28 -13.18
C ALA C 244 -57.10 18.56 -13.05
N THR C 245 -57.78 17.69 -12.32
CA THR C 245 -59.12 17.98 -11.81
C THR C 245 -59.06 18.74 -10.50
N GLY C 246 -57.97 18.61 -9.76
CA GLY C 246 -57.74 19.41 -8.58
C GLY C 246 -56.44 19.02 -7.92
N ASN C 247 -56.11 19.73 -6.85
CA ASN C 247 -54.99 19.39 -5.96
C ASN C 247 -53.64 19.48 -6.66
N LEU C 248 -53.46 20.49 -7.50
CA LEU C 248 -52.20 20.67 -8.23
C LEU C 248 -51.60 22.03 -7.88
N VAL C 249 -50.36 22.02 -7.42
CA VAL C 249 -49.59 23.23 -7.21
C VAL C 249 -48.69 23.37 -8.43
N VAL C 250 -49.11 24.20 -9.38
CA VAL C 250 -48.51 24.25 -10.70
C VAL C 250 -47.17 24.98 -10.64
N PRO C 251 -46.24 24.68 -11.54
CA PRO C 251 -45.01 25.47 -11.63
C PRO C 251 -45.29 26.87 -12.13
N ARG C 252 -44.51 27.81 -11.63
CA ARG C 252 -44.46 29.15 -12.20
C ARG C 252 -43.11 29.47 -12.80
N TYR C 253 -42.02 29.02 -12.17
CA TYR C 253 -40.68 29.23 -12.66
C TYR C 253 -39.99 27.88 -12.79
N ALA C 254 -39.37 27.64 -13.94
CA ALA C 254 -38.52 26.49 -14.16
C ALA C 254 -37.08 26.95 -14.24
N PHE C 255 -36.15 26.00 -14.13
CA PHE C 255 -34.73 26.31 -14.10
C PHE C 255 -34.02 25.56 -15.20
N THR C 256 -33.56 26.28 -16.22
CA THR C 256 -32.73 25.66 -17.25
C THR C 256 -31.31 25.51 -16.73
N MET C 257 -30.78 24.30 -16.78
CA MET C 257 -29.51 23.98 -16.15
C MET C 257 -28.65 23.12 -17.04
N GLU C 258 -27.34 23.35 -16.96
CA GLU C 258 -26.32 22.50 -17.54
C GLU C 258 -25.33 22.14 -16.44
N ARG C 259 -25.09 20.85 -16.27
CA ARG C 259 -24.40 20.29 -15.11
C ARG C 259 -22.97 19.87 -15.46
N ASP C 260 -22.11 19.92 -14.45
CA ASP C 260 -20.73 19.45 -14.58
C ASP C 260 -20.66 17.99 -14.14
N ALA C 261 -19.44 17.50 -13.92
CA ALA C 261 -19.26 16.11 -13.51
C ALA C 261 -19.91 15.85 -12.16
N GLY C 262 -19.76 16.77 -11.22
CA GLY C 262 -20.37 16.60 -9.92
C GLY C 262 -19.51 17.05 -8.76
N SER C 263 -20.14 17.63 -7.75
CA SER C 263 -19.47 18.09 -6.54
C SER C 263 -20.39 17.79 -5.36
N GLY C 264 -20.12 18.42 -4.23
CA GLY C 264 -20.89 18.16 -3.05
C GLY C 264 -21.49 19.38 -2.39
N ILE C 265 -21.97 19.22 -1.17
CA ILE C 265 -22.54 20.30 -0.38
C ILE C 265 -21.79 20.34 0.95
N ILE C 266 -21.32 21.53 1.33
CA ILE C 266 -20.57 21.71 2.56
C ILE C 266 -21.48 22.40 3.57
N ILE C 267 -21.68 21.77 4.72
CA ILE C 267 -22.47 22.34 5.80
C ILE C 267 -21.47 22.87 6.83
N SER C 268 -21.29 24.19 6.83
CA SER C 268 -20.38 24.82 7.78
C SER C 268 -20.72 26.30 7.88
N ASP C 269 -20.23 26.92 8.96
CA ASP C 269 -20.44 28.33 9.22
C ASP C 269 -19.23 29.18 8.88
N THR C 270 -18.25 28.61 8.19
CA THR C 270 -17.05 29.35 7.83
C THR C 270 -17.40 30.45 6.83
N PRO C 271 -16.86 31.66 7.01
CA PRO C 271 -17.18 32.75 6.10
C PRO C 271 -16.65 32.52 4.70
N VAL C 272 -17.30 33.16 3.73
CA VAL C 272 -16.99 33.00 2.31
C VAL C 272 -16.13 34.17 1.87
N HIS C 273 -14.99 33.87 1.27
CA HIS C 273 -14.07 34.88 0.76
C HIS C 273 -13.71 34.57 -0.69
N ASP C 274 -12.87 35.44 -1.26
CA ASP C 274 -12.44 35.36 -2.66
C ASP C 274 -11.06 34.73 -2.80
N CYS C 275 -10.90 33.44 -2.55
CA CYS C 275 -9.63 32.76 -2.77
C CYS C 275 -9.55 32.29 -4.21
N ASN C 276 -8.57 31.43 -4.46
CA ASN C 276 -8.57 30.50 -5.59
C ASN C 276 -7.89 29.24 -5.11
N THR C 277 -8.66 28.30 -4.56
CA THR C 277 -8.10 27.12 -3.93
C THR C 277 -8.41 25.89 -4.76
N THR C 278 -7.69 24.81 -4.47
CA THR C 278 -7.88 23.53 -5.13
C THR C 278 -8.60 22.52 -4.25
N CYS C 279 -8.36 22.51 -2.95
CA CYS C 279 -9.01 21.60 -2.02
C CYS C 279 -9.78 22.39 -0.98
N GLN C 280 -11.04 22.03 -0.77
CA GLN C 280 -11.90 22.71 0.20
C GLN C 280 -12.40 21.70 1.22
N THR C 281 -12.43 22.11 2.48
CA THR C 281 -12.98 21.37 3.61
C THR C 281 -13.95 22.27 4.35
N PRO C 282 -14.87 21.71 5.12
CA PRO C 282 -15.84 22.56 5.85
C PRO C 282 -15.17 23.56 6.77
N GLU C 283 -13.96 23.29 7.24
CA GLU C 283 -13.25 24.23 8.08
C GLU C 283 -12.43 25.25 7.30
N GLY C 284 -12.06 24.95 6.06
CA GLY C 284 -11.27 25.88 5.29
C GLY C 284 -10.58 25.19 4.13
N ALA C 285 -9.75 25.97 3.44
CA ALA C 285 -9.11 25.49 2.22
C ALA C 285 -7.71 24.97 2.50
N ILE C 286 -7.24 24.10 1.62
CA ILE C 286 -5.87 23.61 1.63
C ILE C 286 -5.22 24.01 0.31
N ASN C 287 -4.07 24.66 0.41
CA ASN C 287 -3.26 25.02 -0.76
C ASN C 287 -1.87 24.47 -0.50
N THR C 288 -1.65 23.21 -0.86
CA THR C 288 -0.34 22.61 -0.70
C THR C 288 -0.18 21.49 -1.72
N SER C 289 1.07 21.17 -2.03
CA SER C 289 1.42 20.04 -2.86
C SER C 289 1.72 18.80 -2.04
N LEU C 290 1.62 18.89 -0.72
CA LEU C 290 1.93 17.76 0.14
C LEU C 290 0.91 16.65 -0.07
N PRO C 291 1.34 15.39 -0.12
CA PRO C 291 0.40 14.32 -0.50
C PRO C 291 -0.60 13.96 0.57
N PHE C 292 -0.38 14.34 1.83
CA PHE C 292 -1.27 13.93 2.92
C PHE C 292 -1.71 15.14 3.73
N GLN C 293 -2.85 14.99 4.40
CA GLN C 293 -3.40 16.01 5.27
C GLN C 293 -4.18 15.35 6.39
N ASN C 294 -4.37 16.07 7.48
CA ASN C 294 -5.12 15.59 8.63
C ASN C 294 -6.03 16.67 9.18
N VAL C 295 -6.64 17.45 8.31
CA VAL C 295 -7.49 18.56 8.73
C VAL C 295 -8.97 18.19 8.68
N HIS C 296 -9.39 17.34 7.74
CA HIS C 296 -10.78 16.93 7.64
C HIS C 296 -10.96 15.79 6.65
N PRO C 297 -11.83 14.82 6.94
CA PRO C 297 -12.04 13.74 5.98
C PRO C 297 -12.90 14.16 4.79
N ILE C 298 -13.88 15.02 5.01
CA ILE C 298 -14.78 15.47 3.95
C ILE C 298 -14.09 16.60 3.18
N THR C 299 -13.88 16.39 1.89
CA THR C 299 -13.15 17.33 1.06
C THR C 299 -13.79 17.41 -0.32
N ILE C 300 -13.68 18.57 -0.94
CA ILE C 300 -14.16 18.79 -2.29
C ILE C 300 -12.99 19.30 -3.13
N GLY C 301 -12.73 18.64 -4.25
CA GLY C 301 -11.67 19.02 -5.15
C GLY C 301 -10.50 18.04 -5.09
N LYS C 302 -9.47 18.35 -5.86
CA LYS C 302 -8.24 17.58 -5.85
C LYS C 302 -7.55 17.76 -4.51
N CYS C 303 -7.59 16.73 -3.66
CA CYS C 303 -7.25 16.92 -2.27
C CYS C 303 -6.19 15.94 -1.82
N PRO C 304 -5.33 16.34 -0.88
CA PRO C 304 -4.40 15.39 -0.29
C PRO C 304 -5.15 14.29 0.46
N LYS C 305 -4.57 13.10 0.45
CA LYS C 305 -5.21 11.95 1.07
C LYS C 305 -5.23 12.10 2.58
N TYR C 306 -6.41 11.97 3.16
CA TYR C 306 -6.60 12.16 4.59
C TYR C 306 -6.01 11.00 5.37
N VAL C 307 -5.26 11.33 6.42
CA VAL C 307 -4.60 10.34 7.26
C VAL C 307 -4.88 10.67 8.73
N LYS C 308 -4.66 9.67 9.58
CA LYS C 308 -4.84 9.82 11.02
C LYS C 308 -3.53 10.13 11.74
N SER C 309 -2.44 10.28 11.00
CA SER C 309 -1.16 10.60 11.61
C SER C 309 -1.15 12.05 12.09
N THR C 310 -0.33 12.30 13.11
CA THR C 310 -0.12 13.63 13.62
C THR C 310 1.21 14.24 13.22
N LYS C 311 2.12 13.44 12.67
CA LYS C 311 3.44 13.94 12.28
C LYS C 311 4.04 12.98 11.26
N LEU C 312 4.33 13.47 10.07
CA LEU C 312 4.96 12.68 9.00
C LEU C 312 6.11 13.51 8.45
N ARG C 313 7.29 13.34 9.04
CA ARG C 313 8.47 14.12 8.67
C ARG C 313 9.45 13.23 7.93
N LEU C 314 9.91 13.70 6.78
CA LEU C 314 10.83 12.95 5.94
C LEU C 314 12.23 13.50 6.12
N ALA C 315 13.17 12.62 6.45
CA ALA C 315 14.54 13.03 6.72
C ALA C 315 15.26 13.35 5.42
N THR C 316 15.83 14.55 5.33
CA THR C 316 16.48 15.02 4.10
C THR C 316 17.95 15.23 4.34
N GLY C 317 18.33 15.56 5.56
CA GLY C 317 19.74 15.77 5.93
C GLY C 317 20.33 14.60 6.66
N LEU C 318 21.40 14.81 7.42
CA LEU C 318 22.16 13.71 8.05
C LEU C 318 21.75 13.52 9.50
N ARG C 319 22.18 12.43 10.14
CA ARG C 319 21.96 12.37 11.57
C ARG C 319 22.83 13.38 12.27
N ASN C 320 22.22 14.23 13.08
CA ASN C 320 22.90 15.37 13.69
C ASN C 320 23.57 14.90 14.97
N VAL C 321 24.87 14.63 14.89
CA VAL C 321 25.66 14.22 16.05
C VAL C 321 26.83 15.19 16.21
N PRO C 322 26.75 16.15 17.13
CA PRO C 322 27.82 17.12 17.38
C PRO C 322 28.70 16.73 18.56
N GLU D 2 7.54 -24.34 -31.98
CA GLU D 2 8.80 -23.63 -31.89
C GLU D 2 9.74 -24.08 -33.00
N LYS D 3 9.96 -23.21 -33.98
CA LYS D 3 10.82 -23.58 -35.10
C LYS D 3 11.52 -22.34 -35.64
N LEU D 4 12.66 -22.58 -36.29
CA LEU D 4 13.42 -21.56 -37.00
C LEU D 4 13.56 -21.99 -38.45
N VAL D 5 13.17 -21.11 -39.37
CA VAL D 5 13.16 -21.42 -40.80
C VAL D 5 14.08 -20.45 -41.50
N GLU D 6 14.99 -20.99 -42.31
CA GLU D 6 16.00 -20.22 -43.02
C GLU D 6 15.66 -20.14 -44.50
N SER D 7 16.09 -19.04 -45.14
CA SER D 7 15.86 -18.81 -46.55
C SER D 7 16.98 -17.92 -47.07
N GLY D 8 17.17 -17.95 -48.39
CA GLY D 8 18.16 -17.12 -49.03
C GLY D 8 19.37 -17.83 -49.58
N GLY D 9 19.39 -19.16 -49.58
CA GLY D 9 20.52 -19.87 -50.11
C GLY D 9 20.52 -19.94 -51.62
N GLY D 10 21.62 -20.42 -52.17
CA GLY D 10 21.72 -20.56 -53.62
C GLY D 10 23.17 -20.58 -54.06
N LEU D 11 23.39 -20.14 -55.30
CA LEU D 11 24.69 -20.10 -55.91
C LEU D 11 25.12 -18.66 -56.11
N VAL D 12 26.31 -18.31 -55.65
CA VAL D 12 26.87 -16.98 -55.78
C VAL D 12 28.31 -17.09 -56.24
N GLN D 13 28.69 -16.26 -57.22
CA GLN D 13 30.05 -16.28 -57.72
C GLN D 13 31.02 -15.74 -56.66
N PRO D 14 32.28 -16.18 -56.70
CA PRO D 14 33.26 -15.66 -55.73
C PRO D 14 33.38 -14.16 -55.82
N GLY D 15 33.55 -13.52 -54.67
CA GLY D 15 33.57 -12.08 -54.58
C GLY D 15 32.21 -11.43 -54.50
N GLY D 16 31.14 -12.22 -54.46
CA GLY D 16 29.79 -11.68 -54.43
C GLY D 16 29.26 -11.48 -53.03
N SER D 17 27.96 -11.19 -52.95
CA SER D 17 27.27 -10.98 -51.70
C SER D 17 25.99 -11.80 -51.67
N LEU D 18 25.64 -12.32 -50.50
CA LEU D 18 24.45 -13.13 -50.36
C LEU D 18 23.84 -12.88 -48.99
N ARG D 19 22.52 -12.82 -48.93
CA ARG D 19 21.81 -12.50 -47.69
C ARG D 19 20.91 -13.66 -47.31
N LEU D 20 21.08 -14.15 -46.08
CA LEU D 20 20.27 -15.22 -45.53
C LEU D 20 19.37 -14.66 -44.45
N SER D 21 18.12 -15.13 -44.40
CA SER D 21 17.14 -14.68 -43.44
C SER D 21 16.64 -15.87 -42.64
N CYS D 22 16.41 -15.66 -41.35
CA CYS D 22 15.92 -16.70 -40.46
C CYS D 22 14.73 -16.13 -39.70
N VAL D 23 13.58 -16.76 -39.83
CA VAL D 23 12.36 -16.34 -39.15
C VAL D 23 11.97 -17.41 -38.15
N GLY D 24 11.57 -16.98 -36.96
CA GLY D 24 11.25 -17.88 -35.87
C GLY D 24 9.76 -17.81 -35.55
N SER D 25 9.19 -18.95 -35.21
CA SER D 25 7.81 -19.03 -34.76
C SER D 25 7.73 -19.84 -33.49
N GLY D 26 6.76 -19.49 -32.64
CA GLY D 26 6.55 -20.17 -31.39
C GLY D 26 7.22 -19.52 -30.19
N PHE D 27 7.99 -18.45 -30.40
CA PHE D 27 8.67 -17.78 -29.31
C PHE D 27 9.01 -16.37 -29.75
N THR D 28 9.64 -15.61 -28.86
CA THR D 28 10.03 -14.23 -29.12
C THR D 28 11.55 -14.14 -29.20
N PHE D 29 12.04 -13.43 -30.21
CA PHE D 29 13.47 -13.27 -30.38
C PHE D 29 14.10 -12.39 -29.32
N SER D 30 13.30 -11.72 -28.49
CA SER D 30 13.84 -10.76 -27.54
C SER D 30 14.73 -11.43 -26.50
N ASN D 31 14.28 -12.56 -25.95
CA ASN D 31 14.98 -13.21 -24.85
C ASN D 31 15.93 -14.30 -25.30
N TYR D 32 16.49 -14.18 -26.51
CA TYR D 32 17.43 -15.17 -27.03
C TYR D 32 18.49 -14.47 -27.85
N GLU D 33 19.65 -15.10 -27.96
CA GLU D 33 20.70 -14.65 -28.87
C GLU D 33 20.65 -15.50 -30.14
N ILE D 34 20.71 -14.85 -31.29
CA ILE D 34 20.61 -15.56 -32.56
C ILE D 34 22.01 -15.63 -33.17
N SER D 35 22.45 -16.86 -33.45
CA SER D 35 23.78 -17.11 -33.98
C SER D 35 23.67 -17.89 -35.28
N TRP D 36 24.74 -17.84 -36.06
CA TRP D 36 24.81 -18.53 -37.33
C TRP D 36 25.99 -19.51 -37.29
N VAL D 37 25.72 -20.78 -37.61
CA VAL D 37 26.71 -21.83 -37.58
C VAL D 37 26.76 -22.51 -38.94
N ARG D 38 27.95 -22.64 -39.51
CA ARG D 38 28.09 -23.26 -40.82
C ARG D 38 28.80 -24.60 -40.71
N GLN D 39 28.40 -25.53 -41.58
CA GLN D 39 28.97 -26.87 -41.66
C GLN D 39 29.41 -27.12 -43.09
N ALA D 40 30.71 -27.21 -43.31
CA ALA D 40 31.24 -27.53 -44.62
C ALA D 40 31.11 -29.02 -44.89
N PRO D 41 31.04 -29.42 -46.16
CA PRO D 41 30.94 -30.85 -46.48
C PRO D 41 32.16 -31.61 -45.99
N GLY D 42 31.92 -32.60 -45.15
CA GLY D 42 32.98 -33.43 -44.61
C GLY D 42 33.59 -32.90 -43.32
N LYS D 43 33.73 -31.59 -43.19
CA LYS D 43 34.30 -31.00 -41.99
C LYS D 43 33.20 -30.83 -40.94
N GLY D 44 33.53 -30.20 -39.82
CA GLY D 44 32.60 -30.02 -38.73
C GLY D 44 31.99 -28.62 -38.70
N LEU D 45 31.23 -28.38 -37.63
CA LEU D 45 30.55 -27.10 -37.47
C LEU D 45 31.55 -25.98 -37.22
N GLU D 46 31.16 -24.77 -37.61
CA GLU D 46 31.97 -23.57 -37.36
C GLU D 46 31.05 -22.43 -36.99
N TRP D 47 31.25 -21.87 -35.81
CA TRP D 47 30.47 -20.72 -35.35
C TRP D 47 30.94 -19.46 -36.05
N LEU D 48 29.99 -18.66 -36.52
CA LEU D 48 30.30 -17.49 -37.34
C LEU D 48 29.98 -16.18 -36.64
N ALA D 49 28.73 -15.97 -36.25
CA ALA D 49 28.33 -14.69 -35.69
C ALA D 49 27.18 -14.88 -34.72
N GLY D 50 27.03 -13.92 -33.84
CA GLY D 50 25.95 -13.93 -32.86
C GLY D 50 25.47 -12.53 -32.59
N ASP D 51 24.17 -12.42 -32.31
CA ASP D 51 23.52 -11.13 -32.11
C ASP D 51 22.55 -11.25 -30.96
N TYR D 52 22.74 -10.40 -29.96
CA TYR D 52 21.77 -10.19 -28.88
C TYR D 52 21.17 -8.82 -29.12
N SER D 53 19.99 -8.79 -29.74
CA SER D 53 19.39 -7.54 -30.18
C SER D 53 18.96 -6.68 -29.01
N ARG D 54 18.40 -7.30 -27.97
CA ARG D 54 17.95 -6.52 -26.83
C ARG D 54 19.12 -5.84 -26.13
N GLY D 55 20.24 -6.54 -25.98
CA GLY D 55 21.44 -5.94 -25.44
C GLY D 55 22.27 -5.18 -26.44
N GLY D 56 21.89 -5.22 -27.72
CA GLY D 56 22.62 -4.51 -28.75
C GLY D 56 24.04 -4.98 -28.93
N THR D 57 24.30 -6.27 -28.75
CA THR D 57 25.66 -6.81 -28.83
C THR D 57 25.79 -7.71 -30.06
N THR D 58 26.91 -7.56 -30.74
CA THR D 58 27.19 -8.33 -31.95
C THR D 58 28.60 -8.90 -31.84
N PHE D 59 28.73 -10.20 -32.08
CA PHE D 59 30.01 -10.89 -31.95
C PHE D 59 30.30 -11.66 -33.22
N TYR D 60 31.56 -11.61 -33.66
CA TYR D 60 31.98 -12.23 -34.90
C TYR D 60 33.21 -13.08 -34.68
N ALA D 61 33.29 -14.17 -35.44
CA ALA D 61 34.48 -15.00 -35.43
C ALA D 61 35.61 -14.32 -36.20
N ASP D 62 36.84 -14.70 -35.89
CA ASP D 62 38.00 -14.11 -36.54
C ASP D 62 38.06 -14.45 -38.02
N SER D 63 37.43 -15.55 -38.44
CA SER D 63 37.47 -15.94 -39.84
C SER D 63 36.56 -15.07 -40.71
N VAL D 64 35.44 -14.59 -40.16
CA VAL D 64 34.45 -13.84 -40.93
C VAL D 64 34.37 -12.40 -40.50
N LYS D 65 35.32 -11.91 -39.70
CA LYS D 65 35.28 -10.53 -39.26
C LYS D 65 35.60 -9.60 -40.41
N GLY D 66 34.77 -8.57 -40.59
CA GLY D 66 34.92 -7.62 -41.66
C GLY D 66 34.18 -7.96 -42.93
N ARG D 67 33.76 -9.21 -43.10
CA ARG D 67 33.01 -9.63 -44.27
C ARG D 67 31.52 -9.81 -43.97
N PHE D 68 31.21 -10.62 -42.96
CA PHE D 68 29.84 -10.95 -42.62
C PHE D 68 29.28 -9.89 -41.68
N THR D 69 27.96 -9.69 -41.76
CA THR D 69 27.28 -8.76 -40.87
C THR D 69 25.92 -9.34 -40.49
N ILE D 70 25.63 -9.40 -39.20
CA ILE D 70 24.40 -9.99 -38.69
C ILE D 70 23.56 -8.90 -38.04
N SER D 71 22.27 -8.89 -38.37
CA SER D 71 21.32 -7.94 -37.82
C SER D 71 20.07 -8.68 -37.40
N SER D 72 19.32 -8.08 -36.47
CA SER D 72 18.12 -8.72 -35.95
C SER D 72 17.01 -7.68 -35.84
N ASP D 73 15.78 -8.15 -36.04
CA ASP D 73 14.59 -7.32 -35.88
C ASP D 73 13.61 -8.11 -35.02
N ASN D 74 13.45 -7.68 -33.76
CA ASN D 74 12.58 -8.39 -32.83
C ASN D 74 11.11 -8.18 -33.15
N SER D 75 10.75 -7.00 -33.68
CA SER D 75 9.37 -6.73 -34.01
C SER D 75 8.86 -7.67 -35.08
N GLN D 76 9.64 -7.89 -36.13
CA GLN D 76 9.28 -8.82 -37.19
C GLN D 76 9.79 -10.24 -36.93
N ASN D 77 10.57 -10.43 -35.86
CA ASN D 77 11.03 -11.75 -35.44
C ASN D 77 11.94 -12.39 -36.50
N THR D 78 12.88 -11.61 -37.01
CA THR D 78 13.77 -12.08 -38.06
C THR D 78 15.23 -11.79 -37.70
N ALA D 79 16.12 -12.58 -38.30
CA ALA D 79 17.56 -12.35 -38.19
C ALA D 79 18.20 -12.54 -39.56
N ASP D 80 19.00 -11.56 -39.98
CA ASP D 80 19.58 -11.55 -41.32
C ASP D 80 21.09 -11.56 -41.23
N LEU D 81 21.72 -12.42 -42.03
CA LEU D 81 23.17 -12.48 -42.15
C LEU D 81 23.55 -12.14 -43.58
N GLN D 82 24.40 -11.13 -43.74
CA GLN D 82 24.81 -10.64 -45.05
C GLN D 82 26.29 -10.96 -45.23
N MET D 83 26.60 -11.63 -46.34
CA MET D 83 27.94 -12.13 -46.62
C MET D 83 28.51 -11.39 -47.83
N ASN D 84 29.71 -10.84 -47.67
CA ASN D 84 30.39 -10.11 -48.71
C ASN D 84 31.77 -10.71 -48.95
N SER D 85 32.30 -10.48 -50.14
CA SER D 85 33.60 -11.01 -50.57
C SER D 85 33.67 -12.51 -50.30
N LEU D 86 32.65 -13.22 -50.75
CA LEU D 86 32.57 -14.66 -50.53
C LEU D 86 33.70 -15.38 -51.24
N ARG D 87 34.34 -16.32 -50.54
CA ARG D 87 35.42 -17.11 -51.08
C ARG D 87 34.94 -18.51 -51.39
N THR D 88 35.80 -19.28 -52.08
CA THR D 88 35.43 -20.64 -52.44
C THR D 88 35.27 -21.53 -51.22
N GLU D 89 35.97 -21.22 -50.14
CA GLU D 89 35.90 -22.03 -48.93
C GLU D 89 34.70 -21.67 -48.05
N ASP D 90 33.79 -20.84 -48.53
CA ASP D 90 32.60 -20.46 -47.78
C ASP D 90 31.39 -21.32 -48.14
N THR D 91 31.57 -22.33 -48.98
CA THR D 91 30.46 -23.20 -49.37
C THR D 91 30.15 -24.17 -48.23
N ALA D 92 28.91 -24.17 -47.77
CA ALA D 92 28.54 -24.94 -46.59
C ALA D 92 27.04 -24.89 -46.40
N ARG D 93 26.57 -25.66 -45.43
CA ARG D 93 25.18 -25.59 -44.98
C ARG D 93 25.12 -24.69 -43.75
N TYR D 94 24.24 -23.69 -43.81
CA TYR D 94 24.17 -22.67 -42.78
C TYR D 94 22.94 -22.87 -41.90
N TYR D 95 23.13 -22.74 -40.60
CA TYR D 95 22.10 -22.97 -39.60
C TYR D 95 21.91 -21.69 -38.79
N CYS D 96 20.65 -21.34 -38.56
CA CYS D 96 20.28 -20.25 -37.65
C CYS D 96 19.93 -20.88 -36.31
N VAL D 97 20.81 -20.73 -35.34
CA VAL D 97 20.65 -21.35 -34.03
C VAL D 97 20.31 -20.27 -33.02
N ARG D 98 19.56 -20.65 -31.99
CA ARG D 98 19.20 -19.73 -30.92
C ARG D 98 19.83 -20.21 -29.62
N GLY D 99 20.26 -19.26 -28.80
CA GLY D 99 20.92 -19.54 -27.55
C GLY D 99 20.21 -18.84 -26.40
N VAL D 100 20.14 -19.51 -25.26
CA VAL D 100 19.38 -19.03 -24.12
C VAL D 100 20.12 -17.87 -23.46
N SER D 101 19.38 -16.84 -23.09
CA SER D 101 19.94 -15.68 -22.40
C SER D 101 18.94 -15.24 -21.35
N VAL D 102 19.26 -15.44 -20.08
CA VAL D 102 18.40 -15.01 -18.98
C VAL D 102 19.01 -13.76 -18.37
N PHE D 103 18.22 -12.69 -18.32
CA PHE D 103 18.62 -11.43 -17.71
C PHE D 103 19.83 -10.81 -18.40
N GLY D 104 19.93 -10.99 -19.70
CA GLY D 104 21.03 -10.44 -20.47
C GLY D 104 22.31 -11.24 -20.43
N VAL D 105 22.33 -12.38 -19.77
CA VAL D 105 23.52 -13.19 -19.60
C VAL D 105 23.36 -14.45 -20.44
N LEU D 106 24.35 -14.71 -21.29
CA LEU D 106 24.33 -15.90 -22.13
C LEU D 106 24.77 -17.12 -21.34
N MET D 107 24.08 -18.24 -21.55
CA MET D 107 24.40 -19.49 -20.88
C MET D 107 24.91 -20.56 -21.82
N MET D 108 25.31 -20.20 -23.04
CA MET D 108 25.93 -21.13 -23.99
C MET D 108 25.08 -22.37 -24.21
N ALA D 109 23.78 -22.17 -24.38
CA ALA D 109 22.83 -23.25 -24.61
C ALA D 109 22.17 -23.02 -25.96
N MET D 110 22.78 -23.57 -27.02
CA MET D 110 22.24 -23.47 -28.37
C MET D 110 21.18 -24.56 -28.54
N ASP D 111 19.99 -24.27 -28.02
CA ASP D 111 18.97 -25.32 -27.86
C ASP D 111 18.26 -25.63 -29.16
N LEU D 112 17.90 -24.63 -29.95
CA LEU D 112 17.07 -24.81 -31.13
C LEU D 112 17.87 -24.49 -32.39
N TRP D 113 17.84 -25.39 -33.35
CA TRP D 113 18.51 -25.22 -34.63
C TRP D 113 17.49 -25.26 -35.77
N GLY D 114 17.84 -24.59 -36.86
CA GLY D 114 17.04 -24.65 -38.05
C GLY D 114 17.53 -25.72 -39.01
N PRO D 115 16.70 -26.07 -40.00
CA PRO D 115 17.13 -27.08 -40.98
C PRO D 115 18.38 -26.69 -41.75
N GLY D 116 18.58 -25.43 -42.04
CA GLY D 116 19.78 -24.99 -42.73
C GLY D 116 19.55 -24.77 -44.22
N VAL D 117 20.38 -23.92 -44.80
CA VAL D 117 20.32 -23.60 -46.22
C VAL D 117 21.71 -23.77 -46.82
N GLU D 118 21.77 -24.39 -47.99
CA GLU D 118 23.04 -24.66 -48.63
C GLU D 118 23.50 -23.46 -49.45
N VAL D 119 24.79 -23.16 -49.35
CA VAL D 119 25.40 -22.06 -50.07
C VAL D 119 26.62 -22.60 -50.81
N VAL D 120 26.62 -22.45 -52.13
CA VAL D 120 27.69 -22.91 -53.00
C VAL D 120 28.30 -21.69 -53.67
N VAL D 121 29.62 -21.54 -53.55
CA VAL D 121 30.29 -20.34 -54.01
C VAL D 121 31.24 -20.78 -55.13
N SER D 122 30.84 -21.81 -55.86
CA SER D 122 31.62 -22.26 -57.00
C SER D 122 31.57 -21.23 -58.13
N SER D 123 32.68 -21.10 -58.86
CA SER D 123 32.77 -20.16 -59.95
C SER D 123 32.25 -20.71 -61.26
N ALA D 124 31.92 -22.00 -61.32
CA ALA D 124 31.39 -22.58 -62.55
C ALA D 124 29.98 -22.07 -62.82
N SER D 125 29.62 -22.04 -64.10
CA SER D 125 28.30 -21.60 -64.51
C SER D 125 27.27 -22.70 -64.30
N THR D 126 26.01 -22.29 -64.14
CA THR D 126 24.92 -23.24 -63.96
C THR D 126 24.69 -24.02 -65.25
N LYS D 127 24.55 -25.34 -65.13
CA LYS D 127 24.31 -26.19 -66.27
C LYS D 127 22.98 -26.93 -66.14
N GLU E 2 2.13 -17.19 35.62
CA GLU E 2 1.88 -16.91 37.03
C GLU E 2 2.62 -17.87 37.95
N LYS E 3 2.56 -19.14 37.59
CA LYS E 3 3.17 -20.11 38.53
C LYS E 3 3.71 -21.35 37.82
N LEU E 4 4.66 -22.02 38.44
CA LEU E 4 5.21 -23.29 37.96
C LEU E 4 5.02 -24.31 39.07
N VAL E 5 4.40 -25.44 38.75
CA VAL E 5 4.15 -26.50 39.70
C VAL E 5 4.94 -27.73 39.30
N GLU E 6 5.73 -28.25 40.22
CA GLU E 6 6.55 -29.42 39.99
C GLU E 6 5.91 -30.65 40.63
N SER E 7 6.15 -31.80 40.02
CA SER E 7 5.62 -33.05 40.52
C SER E 7 6.56 -34.17 40.10
N GLY E 8 6.46 -35.30 40.79
CA GLY E 8 7.26 -36.46 40.48
C GLY E 8 8.35 -36.80 41.47
N GLY E 9 8.40 -36.14 42.62
CA GLY E 9 9.41 -36.46 43.60
C GLY E 9 9.07 -37.72 44.38
N GLY E 10 10.02 -38.15 45.19
CA GLY E 10 9.80 -39.32 46.02
C GLY E 10 11.11 -39.95 46.45
N LEU E 11 11.07 -41.24 46.69
CA LEU E 11 12.23 -42.02 47.13
C LEU E 11 12.55 -43.07 46.07
N VAL E 12 13.82 -43.12 45.67
CA VAL E 12 14.31 -44.09 44.71
C VAL E 12 15.58 -44.72 45.25
N GLN E 13 15.90 -45.89 44.75
CA GLN E 13 17.11 -46.58 45.15
C GLN E 13 18.30 -46.11 44.32
N PRO E 14 19.52 -46.19 44.87
CA PRO E 14 20.70 -45.84 44.09
C PRO E 14 20.79 -46.69 42.83
N GLY E 15 21.21 -46.05 41.75
CA GLY E 15 21.18 -46.68 40.44
C GLY E 15 19.83 -46.65 39.77
N GLY E 16 18.84 -46.01 40.37
CA GLY E 16 17.50 -45.98 39.82
C GLY E 16 17.30 -44.85 38.84
N SER E 17 16.04 -44.67 38.43
CA SER E 17 15.66 -43.63 37.49
C SER E 17 14.41 -42.94 38.01
N LEU E 18 14.25 -41.67 37.64
CA LEU E 18 13.11 -40.90 38.12
C LEU E 18 12.82 -39.76 37.16
N ARG E 19 11.55 -39.41 37.00
CA ARG E 19 11.14 -38.34 36.11
C ARG E 19 10.38 -37.29 36.90
N LEU E 20 10.80 -36.03 36.79
CA LEU E 20 10.07 -34.92 37.36
C LEU E 20 9.44 -34.10 36.23
N SER E 21 8.23 -33.62 36.46
CA SER E 21 7.51 -32.81 35.50
C SER E 21 7.21 -31.46 36.11
N CYS E 22 7.16 -30.44 35.26
CA CYS E 22 6.89 -29.08 35.70
C CYS E 22 5.89 -28.48 34.74
N VAL E 23 4.74 -28.09 35.26
CA VAL E 23 3.65 -27.50 34.47
C VAL E 23 3.52 -26.03 34.84
N GLY E 24 3.51 -25.18 33.83
CA GLY E 24 3.45 -23.74 34.03
C GLY E 24 2.08 -23.20 33.65
N SER E 25 1.55 -22.32 34.48
CA SER E 25 0.26 -21.69 34.25
C SER E 25 0.41 -20.18 34.32
N GLY E 26 -0.37 -19.49 33.50
CA GLY E 26 -0.36 -18.05 33.46
C GLY E 26 0.58 -17.43 32.44
N PHE E 27 1.33 -18.24 31.71
CA PHE E 27 2.23 -17.75 30.68
C PHE E 27 2.47 -18.86 29.67
N THR E 28 3.19 -18.53 28.60
CA THR E 28 3.50 -19.48 27.55
C THR E 28 4.96 -19.88 27.63
N PHE E 29 5.22 -21.18 27.52
CA PHE E 29 6.58 -21.68 27.58
C PHE E 29 7.41 -21.32 26.36
N SER E 30 6.78 -20.77 25.32
CA SER E 30 7.47 -20.60 24.04
C SER E 30 8.64 -19.63 24.16
N ASN E 31 8.44 -18.52 24.86
CA ASN E 31 9.43 -17.45 24.90
C ASN E 31 10.20 -17.42 26.22
N TYR E 32 10.52 -18.59 26.76
CA TYR E 32 11.32 -18.69 27.98
C TYR E 32 12.23 -19.90 27.90
N GLU E 33 13.25 -19.91 28.75
CA GLU E 33 14.10 -21.07 28.95
C GLU E 33 13.75 -21.74 30.27
N ILE E 34 13.66 -23.05 30.28
CA ILE E 34 13.29 -23.79 31.47
C ILE E 34 14.53 -24.50 32.00
N SER E 35 14.93 -24.18 33.22
CA SER E 35 16.10 -24.77 33.84
C SER E 35 15.68 -25.51 35.09
N TRP E 36 16.56 -26.40 35.54
CA TRP E 36 16.34 -27.17 36.76
C TRP E 36 17.49 -26.89 37.72
N VAL E 37 17.14 -26.48 38.94
CA VAL E 37 18.13 -26.10 39.95
C VAL E 37 17.87 -26.91 41.21
N ARG E 38 18.90 -27.55 41.75
CA ARG E 38 18.75 -28.39 42.92
C ARG E 38 19.49 -27.79 44.11
N GLN E 39 18.89 -27.94 45.29
CA GLN E 39 19.45 -27.48 46.54
C GLN E 39 19.56 -28.67 47.47
N ALA E 40 20.78 -29.06 47.79
CA ALA E 40 21.01 -30.17 48.71
C ALA E 40 20.77 -29.71 50.14
N PRO E 41 20.43 -30.64 51.04
CA PRO E 41 20.22 -30.25 52.44
C PRO E 41 21.46 -29.66 53.07
N GLY E 42 21.40 -28.37 53.41
CA GLY E 42 22.51 -27.67 54.01
C GLY E 42 23.41 -26.94 53.05
N LYS E 43 23.63 -27.48 51.86
CA LYS E 43 24.49 -26.85 50.87
C LYS E 43 23.69 -25.82 50.07
N GLY E 44 24.31 -25.26 49.04
CA GLY E 44 23.70 -24.20 48.26
C GLY E 44 23.08 -24.70 46.97
N LEU E 45 22.60 -23.75 46.18
CA LEU E 45 21.94 -24.07 44.92
C LEU E 45 22.94 -24.56 43.89
N GLU E 46 22.47 -25.40 42.98
CA GLU E 46 23.30 -25.98 41.92
C GLU E 46 22.48 -26.07 40.65
N TRP E 47 22.90 -25.35 39.63
CA TRP E 47 22.25 -25.41 38.33
C TRP E 47 22.58 -26.73 37.64
N LEU E 48 21.56 -27.38 37.07
CA LEU E 48 21.71 -28.70 36.49
C LEU E 48 21.56 -28.73 34.98
N ALA E 49 20.42 -28.27 34.46
CA ALA E 49 20.15 -28.37 33.03
C ALA E 49 19.23 -27.23 32.61
N GLY E 50 19.25 -26.95 31.31
CA GLY E 50 18.41 -25.91 30.75
C GLY E 50 17.96 -26.23 29.34
N ASP E 51 16.74 -25.84 28.99
CA ASP E 51 16.18 -26.13 27.68
C ASP E 51 15.48 -24.90 27.13
N TYR E 52 15.83 -24.53 25.90
CA TYR E 52 15.11 -23.53 25.13
C TYR E 52 14.47 -24.29 23.97
N SER E 53 13.16 -24.54 24.09
CA SER E 53 12.47 -25.40 23.12
C SER E 53 12.34 -24.73 21.77
N ARG E 54 12.01 -23.44 21.75
CA ARG E 54 11.84 -22.75 20.47
C ARG E 54 13.15 -22.65 19.71
N GLY E 55 14.27 -22.60 20.42
CA GLY E 55 15.56 -22.61 19.77
C GLY E 55 16.14 -24.00 19.67
N GLY E 56 15.49 -24.96 20.34
CA GLY E 56 15.95 -26.33 20.31
C GLY E 56 17.32 -26.54 20.91
N THR E 57 17.65 -25.81 21.98
CA THR E 57 18.97 -25.89 22.60
C THR E 57 18.84 -26.50 23.98
N THR E 58 19.74 -27.42 24.30
CA THR E 58 19.75 -28.13 25.57
C THR E 58 21.15 -28.06 26.16
N PHE E 59 21.24 -27.62 27.41
CA PHE E 59 22.52 -27.42 28.07
C PHE E 59 22.54 -28.21 29.37
N TYR E 60 23.67 -28.83 29.65
CA TYR E 60 23.82 -29.68 30.83
C TYR E 60 25.09 -29.31 31.59
N ALA E 61 25.02 -29.41 32.91
CA ALA E 61 26.19 -29.23 33.75
C ALA E 61 27.11 -30.44 33.61
N ASP E 62 28.40 -30.22 33.90
CA ASP E 62 29.37 -31.29 33.83
C ASP E 62 29.10 -32.38 34.87
N SER E 63 28.40 -32.05 35.95
CA SER E 63 28.13 -33.04 36.98
C SER E 63 27.02 -34.01 36.55
N VAL E 64 26.05 -33.54 35.78
CA VAL E 64 24.90 -34.36 35.41
C VAL E 64 24.86 -34.62 33.91
N LYS E 65 25.99 -34.48 33.22
CA LYS E 65 26.04 -34.78 31.80
C LYS E 65 26.09 -36.28 31.58
N GLY E 66 25.25 -36.78 30.69
CA GLY E 66 25.13 -38.20 30.43
C GLY E 66 24.18 -38.93 31.35
N ARG E 67 23.63 -38.27 32.37
CA ARG E 67 22.69 -38.85 33.29
C ARG E 67 21.32 -38.20 33.21
N PHE E 68 21.27 -36.88 33.11
CA PHE E 68 20.02 -36.14 33.11
C PHE E 68 19.63 -35.79 31.68
N THR E 69 18.34 -35.86 31.39
CA THR E 69 17.83 -35.49 30.08
C THR E 69 16.58 -34.63 30.27
N ILE E 70 16.59 -33.43 29.70
CA ILE E 70 15.49 -32.49 29.87
C ILE E 70 14.79 -32.31 28.54
N SER E 71 13.48 -32.47 28.55
CA SER E 71 12.64 -32.28 27.38
C SER E 71 11.54 -31.29 27.72
N SER E 72 10.97 -30.68 26.68
CA SER E 72 9.93 -29.69 26.88
C SER E 72 8.86 -29.84 25.80
N ASP E 73 7.64 -29.47 26.16
CA ASP E 73 6.51 -29.44 25.24
C ASP E 73 5.79 -28.11 25.43
N ASN E 74 5.89 -27.23 24.43
CA ASN E 74 5.28 -25.92 24.53
C ASN E 74 3.78 -25.99 24.35
N SER E 75 3.28 -26.96 23.59
CA SER E 75 1.84 -27.08 23.37
C SER E 75 1.10 -27.34 24.68
N GLN E 76 1.65 -28.22 25.51
CA GLN E 76 1.05 -28.54 26.80
C GLN E 76 1.67 -27.78 27.95
N ASN E 77 2.67 -26.93 27.69
CA ASN E 77 3.36 -26.15 28.72
C ASN E 77 3.95 -27.05 29.80
N THR E 78 4.71 -28.06 29.37
CA THR E 78 5.31 -29.00 30.31
C THR E 78 6.81 -29.07 30.07
N ALA E 79 7.55 -29.34 31.15
CA ALA E 79 8.99 -29.51 31.07
C ALA E 79 9.38 -30.67 31.98
N ASP E 80 10.02 -31.69 31.41
CA ASP E 80 10.33 -32.91 32.13
C ASP E 80 11.84 -33.09 32.24
N LEU E 81 12.28 -33.58 33.39
CA LEU E 81 13.67 -33.92 33.65
C LEU E 81 13.75 -35.38 34.06
N GLN E 82 14.56 -36.15 33.35
CA GLN E 82 14.70 -37.58 33.58
C GLN E 82 16.10 -37.86 34.11
N MET E 83 16.17 -38.55 35.26
CA MET E 83 17.41 -38.84 35.95
C MET E 83 17.67 -40.33 35.89
N ASN E 84 18.85 -40.71 35.44
CA ASN E 84 19.30 -42.09 35.39
C ASN E 84 20.60 -42.22 36.17
N SER E 85 20.85 -43.44 36.65
CA SER E 85 22.01 -43.74 37.48
C SER E 85 22.13 -42.74 38.63
N LEU E 86 21.05 -42.61 39.39
CA LEU E 86 21.03 -41.67 40.51
C LEU E 86 21.96 -42.14 41.62
N ARG E 87 22.79 -41.24 42.12
CA ARG E 87 23.73 -41.52 43.19
C ARG E 87 23.16 -41.01 44.51
N THR E 88 23.86 -41.37 45.60
CA THR E 88 23.40 -40.95 46.92
C THR E 88 23.55 -39.45 47.12
N GLU E 89 24.47 -38.82 46.40
CA GLU E 89 24.70 -37.39 46.52
C GLU E 89 23.71 -36.55 45.72
N ASP E 90 22.73 -37.19 45.10
CA ASP E 90 21.74 -36.49 44.30
C ASP E 90 20.45 -36.22 45.06
N THR E 91 20.44 -36.45 46.38
CA THR E 91 19.26 -36.16 47.18
C THR E 91 19.18 -34.67 47.44
N ALA E 92 18.08 -34.05 47.03
CA ALA E 92 17.98 -32.60 47.09
C ALA E 92 16.55 -32.17 46.80
N ARG E 93 16.30 -30.88 46.96
CA ARG E 93 15.05 -30.27 46.56
C ARG E 93 15.24 -29.64 45.18
N TYR E 94 14.39 -30.01 44.23
CA TYR E 94 14.53 -29.62 42.85
C TYR E 94 13.52 -28.54 42.49
N TYR E 95 13.97 -27.55 41.72
CA TYR E 95 13.17 -26.40 41.34
C TYR E 95 13.16 -26.29 39.82
N CYS E 96 11.97 -26.13 39.26
CA CYS E 96 11.81 -25.80 37.85
C CYS E 96 11.74 -24.29 37.74
N VAL E 97 12.79 -23.69 37.20
CA VAL E 97 12.93 -22.24 37.16
C VAL E 97 12.82 -21.77 35.72
N ARG E 98 12.29 -20.56 35.56
CA ARG E 98 12.09 -19.97 34.25
C ARG E 98 13.03 -18.79 34.06
N GLY E 99 13.67 -18.73 32.90
CA GLY E 99 14.59 -17.65 32.56
C GLY E 99 14.11 -16.89 31.36
N VAL E 100 14.27 -15.58 31.41
CA VAL E 100 13.74 -14.68 30.38
C VAL E 100 14.62 -14.75 29.15
N SER E 101 13.99 -14.77 27.98
CA SER E 101 14.70 -14.77 26.69
C SER E 101 13.92 -13.89 25.72
N VAL E 102 14.58 -12.86 25.20
CA VAL E 102 13.97 -11.96 24.23
C VAL E 102 14.66 -12.16 22.89
N PHE E 103 13.86 -12.42 21.85
CA PHE E 103 14.35 -12.60 20.48
C PHE E 103 15.37 -13.73 20.39
N GLY E 104 15.21 -14.76 21.21
CA GLY E 104 16.09 -15.91 21.18
C GLY E 104 17.36 -15.78 21.99
N VAL E 105 17.54 -14.69 22.71
CA VAL E 105 18.77 -14.43 23.47
C VAL E 105 18.45 -14.52 24.95
N LEU E 106 19.19 -15.37 25.65
CA LEU E 106 19.03 -15.50 27.09
C LEU E 106 19.64 -14.29 27.79
N MET E 107 18.92 -13.72 28.75
CA MET E 107 19.39 -12.57 29.52
C MET E 107 19.75 -12.92 30.95
N MET E 108 19.95 -14.20 31.23
CA MET E 108 20.41 -14.58 32.57
C MET E 108 19.51 -13.89 33.61
N ALA E 109 18.22 -14.20 33.59
CA ALA E 109 17.30 -13.67 34.59
C ALA E 109 16.29 -14.77 34.92
N MET E 110 16.60 -15.54 35.97
CA MET E 110 15.68 -16.56 36.48
C MET E 110 14.68 -15.87 37.38
N ASP E 111 13.54 -15.48 36.81
CA ASP E 111 12.60 -14.61 37.52
C ASP E 111 11.55 -15.38 38.30
N LEU E 112 11.13 -16.56 37.82
CA LEU E 112 10.06 -17.31 38.45
C LEU E 112 10.56 -18.69 38.85
N TRP E 113 10.33 -19.05 40.11
CA TRP E 113 10.74 -20.32 40.66
C TRP E 113 9.53 -21.11 41.14
N GLY E 114 9.62 -22.44 41.03
CA GLY E 114 8.58 -23.31 41.53
C GLY E 114 8.80 -23.67 42.98
N PRO E 115 7.76 -24.20 43.63
CA PRO E 115 7.91 -24.61 45.05
C PRO E 115 8.99 -25.63 45.28
N GLY E 116 9.20 -26.55 44.35
CA GLY E 116 10.25 -27.53 44.51
C GLY E 116 9.72 -28.86 44.99
N VAL E 117 10.43 -29.93 44.63
CA VAL E 117 10.05 -31.29 44.96
C VAL E 117 11.26 -32.00 45.54
N GLU E 118 11.06 -32.72 46.64
CA GLU E 118 12.16 -33.39 47.34
C GLU E 118 12.42 -34.75 46.72
N VAL E 119 13.69 -35.07 46.51
CA VAL E 119 14.10 -36.34 45.95
C VAL E 119 15.16 -36.95 46.86
N VAL E 120 14.92 -38.18 47.31
CA VAL E 120 15.81 -38.89 48.21
C VAL E 120 16.28 -40.15 47.51
N VAL E 121 17.58 -40.40 47.52
CA VAL E 121 18.16 -41.54 46.82
C VAL E 121 18.78 -42.47 47.86
N SER E 122 18.20 -42.50 49.05
CA SER E 122 18.70 -43.36 50.11
C SER E 122 18.41 -44.82 49.79
N SER E 123 19.36 -45.69 50.16
CA SER E 123 19.20 -47.12 49.97
C SER E 123 18.38 -47.79 51.06
N ALA E 124 18.08 -47.08 52.14
CA ALA E 124 17.29 -47.65 53.22
C ALA E 124 15.85 -47.87 52.76
N SER E 125 15.23 -48.91 53.29
CA SER E 125 13.85 -49.23 52.96
C SER E 125 12.89 -48.28 53.66
N THR E 126 11.69 -48.17 53.10
CA THR E 126 10.67 -47.29 53.67
C THR E 126 10.07 -47.93 54.91
N LYS E 127 9.93 -47.13 55.97
CA LYS E 127 9.28 -47.59 57.20
C LYS E 127 7.91 -46.95 57.35
N THR F 2 35.07 -22.25 40.88
CA THR F 2 34.01 -22.09 41.87
C THR F 2 33.84 -20.62 42.24
N VAL F 3 32.81 -20.32 43.02
CA VAL F 3 32.46 -18.97 43.40
C VAL F 3 32.60 -18.83 44.90
N ILE F 4 33.28 -17.78 45.33
CA ILE F 4 33.55 -17.53 46.74
C ILE F 4 32.64 -16.41 47.23
N GLN F 5 31.97 -16.66 48.34
CA GLN F 5 31.08 -15.70 48.98
C GLN F 5 31.35 -15.69 50.48
N GLU F 6 31.07 -14.55 51.11
CA GLU F 6 31.22 -14.45 52.55
C GLU F 6 30.23 -15.38 53.24
N PRO F 7 30.67 -16.21 54.19
CA PRO F 7 29.75 -17.20 54.77
C PRO F 7 28.70 -16.61 55.68
N ALA F 8 28.97 -15.45 56.29
CA ALA F 8 27.99 -14.82 57.16
C ALA F 8 28.40 -13.38 57.41
N MET F 9 27.41 -12.48 57.41
CA MET F 9 27.61 -11.11 57.87
C MET F 9 26.27 -10.55 58.31
N SER F 10 26.32 -9.57 59.22
CA SER F 10 25.12 -9.01 59.81
C SER F 10 25.27 -7.51 59.99
N VAL F 11 24.13 -6.81 59.96
CA VAL F 11 24.09 -5.37 60.18
C VAL F 11 22.96 -5.01 61.12
N SER F 12 23.08 -3.85 61.74
CA SER F 12 22.04 -3.31 62.60
C SER F 12 20.90 -2.74 61.76
N PRO F 13 19.67 -2.79 62.28
CA PRO F 13 18.53 -2.31 61.48
C PRO F 13 18.69 -0.86 61.07
N GLY F 14 18.28 -0.55 59.85
CA GLY F 14 18.40 0.78 59.29
C GLY F 14 19.72 1.10 58.66
N GLY F 15 20.71 0.21 58.75
CA GLY F 15 22.03 0.45 58.22
C GLY F 15 22.18 0.01 56.77
N THR F 16 23.43 -0.02 56.32
CA THR F 16 23.77 -0.43 54.97
C THR F 16 24.75 -1.60 55.03
N VAL F 17 24.71 -2.43 53.98
CA VAL F 17 25.57 -3.59 53.88
C VAL F 17 25.91 -3.84 52.41
N THR F 18 27.10 -4.38 52.19
CA THR F 18 27.51 -4.85 50.88
C THR F 18 27.89 -6.31 50.96
N LEU F 19 27.38 -7.11 50.02
CA LEU F 19 27.67 -8.53 49.92
C LEU F 19 28.52 -8.74 48.68
N THR F 20 29.61 -9.49 48.82
CA THR F 20 30.60 -9.63 47.76
C THR F 20 30.58 -11.05 47.22
N CYS F 21 30.77 -11.17 45.91
CA CYS F 21 30.78 -12.43 45.19
C CYS F 21 31.97 -12.42 44.25
N ALA F 22 32.86 -13.40 44.38
CA ALA F 22 34.09 -13.38 43.59
C ALA F 22 34.31 -14.76 42.99
N PHE F 23 35.25 -14.82 42.05
CA PHE F 23 35.67 -16.08 41.48
C PHE F 23 36.84 -16.64 42.31
N SER F 24 37.05 -17.94 42.19
CA SER F 24 38.18 -18.56 42.87
C SER F 24 39.50 -18.14 42.23
N SER F 25 39.54 -18.03 40.90
CA SER F 25 40.78 -17.76 40.20
C SER F 25 40.69 -16.67 39.14
N GLY F 26 39.50 -16.22 38.76
CA GLY F 26 39.39 -15.24 37.69
C GLY F 26 38.90 -13.88 38.14
N SER F 27 38.29 -13.15 37.22
CA SER F 27 37.75 -11.82 37.50
C SER F 27 36.29 -11.78 37.09
N VAL F 28 35.50 -10.99 37.83
CA VAL F 28 34.08 -10.84 37.57
C VAL F 28 33.88 -9.60 36.70
N THR F 29 33.21 -9.80 35.57
CA THR F 29 32.96 -8.74 34.61
C THR F 29 31.47 -8.65 34.34
N THR F 30 31.05 -7.56 33.69
CA THR F 30 29.66 -7.43 33.28
C THR F 30 29.25 -8.58 32.36
N SER F 31 30.20 -9.09 31.57
CA SER F 31 29.94 -10.22 30.69
C SER F 31 29.69 -11.51 31.46
N ASN F 32 29.99 -11.54 32.75
CA ASN F 32 29.67 -12.70 33.57
C ASN F 32 28.25 -12.67 34.10
N TYR F 33 27.52 -11.58 33.91
CA TYR F 33 26.12 -11.41 34.29
C TYR F 33 25.86 -11.81 35.72
N PRO F 34 26.39 -11.09 36.72
CA PRO F 34 26.04 -11.42 38.11
C PRO F 34 24.55 -11.29 38.36
N SER F 35 24.03 -12.24 39.12
CA SER F 35 22.63 -12.25 39.52
C SER F 35 22.56 -12.54 41.00
N TRP F 36 21.63 -11.88 41.69
CA TRP F 36 21.50 -11.96 43.13
C TRP F 36 20.09 -12.42 43.48
N PHE F 37 20.01 -13.52 44.24
CA PHE F 37 18.77 -14.14 44.67
C PHE F 37 18.69 -14.12 46.19
N GLN F 38 17.47 -14.04 46.71
CA GLN F 38 17.20 -14.03 48.14
C GLN F 38 16.31 -15.20 48.50
N GLN F 39 16.65 -15.90 49.58
CA GLN F 39 15.92 -17.09 50.01
C GLN F 39 15.71 -17.03 51.51
N THR F 40 14.48 -16.76 51.92
CA THR F 40 14.10 -16.94 53.31
C THR F 40 14.08 -18.42 53.64
N PRO F 41 14.61 -18.83 54.79
CA PRO F 41 14.69 -20.26 55.11
C PRO F 41 13.32 -20.92 55.00
N GLY F 42 13.28 -22.04 54.29
CA GLY F 42 12.03 -22.76 54.06
C GLY F 42 11.17 -22.21 52.94
N GLN F 43 11.71 -21.34 52.08
CA GLN F 43 10.94 -20.73 51.01
C GLN F 43 11.73 -20.81 49.70
N THR F 44 11.01 -20.59 48.60
CA THR F 44 11.63 -20.61 47.28
C THR F 44 12.45 -19.35 47.05
N PRO F 45 13.56 -19.45 46.32
CA PRO F 45 14.39 -18.27 46.08
C PRO F 45 13.67 -17.22 45.25
N ARG F 46 14.00 -15.96 45.52
CA ARG F 46 13.41 -14.81 44.83
C ARG F 46 14.51 -14.01 44.16
N LEU F 47 14.31 -13.68 42.89
CA LEU F 47 15.30 -12.93 42.14
C LEU F 47 15.28 -11.47 42.56
N LEU F 48 16.44 -10.97 43.00
CA LEU F 48 16.57 -9.58 43.41
C LEU F 48 17.22 -8.72 42.33
N ILE F 49 18.36 -9.15 41.80
CA ILE F 49 19.10 -8.35 40.83
C ILE F 49 19.55 -9.25 39.69
N TYR F 50 19.43 -8.75 38.46
CA TYR F 50 19.96 -9.45 37.30
C TYR F 50 20.74 -8.48 36.43
N ARG F 51 21.81 -8.99 35.82
CA ARG F 51 22.68 -8.21 34.94
C ARG F 51 23.32 -7.04 35.67
N THR F 52 23.58 -7.24 36.96
CA THR F 52 24.41 -6.41 37.83
C THR F 52 23.80 -5.08 38.24
N ASN F 53 22.75 -4.64 37.58
CA ASN F 53 22.14 -3.38 37.98
C ASN F 53 20.63 -3.33 37.80
N SER F 54 19.99 -4.39 37.35
CA SER F 54 18.59 -4.35 36.98
C SER F 54 17.77 -5.12 38.01
N ARG F 55 16.71 -4.51 38.48
CA ARG F 55 15.84 -5.15 39.42
C ARG F 55 14.48 -5.41 38.78
N PRO F 56 13.84 -6.52 39.12
CA PRO F 56 12.50 -6.77 38.58
C PRO F 56 11.47 -5.77 39.09
N SER F 57 10.23 -5.89 38.63
CA SER F 57 9.20 -4.92 38.94
C SER F 57 8.65 -5.04 40.35
N GLY F 58 9.19 -5.92 41.18
CA GLY F 58 8.67 -6.10 42.52
C GLY F 58 9.69 -5.86 43.61
N VAL F 59 10.96 -5.81 43.25
CA VAL F 59 12.03 -5.66 44.23
C VAL F 59 12.07 -4.24 44.73
N PRO F 60 12.22 -4.01 46.04
CA PRO F 60 12.32 -2.64 46.55
C PRO F 60 13.56 -1.94 46.02
N THR F 61 13.48 -0.61 45.96
CA THR F 61 14.56 0.19 45.41
C THR F 61 15.85 0.05 46.20
N ARG F 62 15.75 -0.21 47.51
CA ARG F 62 16.93 -0.22 48.37
C ARG F 62 17.94 -1.29 47.97
N PHE F 63 17.53 -2.31 47.23
CA PHE F 63 18.45 -3.32 46.73
C PHE F 63 19.12 -2.80 45.47
N SER F 64 20.45 -2.78 45.45
CA SER F 64 21.19 -2.30 44.29
C SER F 64 22.36 -3.24 44.03
N GLY F 65 22.95 -3.13 42.84
CA GLY F 65 24.06 -3.96 42.48
C GLY F 65 25.11 -3.18 41.71
N ALA F 66 26.34 -3.68 41.78
CA ALA F 66 27.44 -3.06 41.07
C ALA F 66 28.57 -4.06 40.93
N ILE F 67 29.59 -3.69 40.16
CA ILE F 67 30.84 -4.42 40.07
C ILE F 67 31.94 -3.52 40.59
N SER F 68 32.67 -4.00 41.60
CA SER F 68 33.74 -3.23 42.20
C SER F 68 34.89 -4.15 42.56
N GLY F 69 36.10 -3.71 42.25
CA GLY F 69 37.29 -4.42 42.68
C GLY F 69 37.35 -5.86 42.23
N ASN F 70 36.96 -6.11 40.97
CA ASN F 70 36.94 -7.44 40.38
C ASN F 70 35.96 -8.37 41.08
N LYS F 71 34.95 -7.83 41.77
CA LYS F 71 33.94 -8.65 42.42
C LYS F 71 32.57 -8.04 42.16
N ALA F 72 31.53 -8.83 42.43
CA ALA F 72 30.16 -8.38 42.28
C ALA F 72 29.58 -8.05 43.64
N ASP F 73 28.97 -6.87 43.77
CA ASP F 73 28.52 -6.35 45.04
C ASP F 73 27.02 -6.13 45.00
N LEU F 74 26.34 -6.61 46.03
CA LEU F 74 24.92 -6.32 46.27
C LEU F 74 24.83 -5.41 47.49
N ILE F 75 24.22 -4.25 47.31
CA ILE F 75 24.15 -3.22 48.33
C ILE F 75 22.72 -3.14 48.84
N ILE F 76 22.55 -3.30 50.15
CA ILE F 76 21.27 -3.10 50.83
C ILE F 76 21.40 -1.84 51.66
N THR F 77 20.53 -0.86 51.39
CA THR F 77 20.51 0.40 52.10
C THR F 77 19.23 0.47 52.93
N GLY F 78 19.38 0.67 54.23
CA GLY F 78 18.23 0.65 55.11
C GLY F 78 17.67 -0.74 55.28
N ALA F 79 18.44 -1.60 55.94
CA ALA F 79 18.01 -2.98 56.14
C ALA F 79 16.82 -3.04 57.08
N GLN F 80 15.76 -3.72 56.65
CA GLN F 80 14.59 -3.92 57.49
C GLN F 80 14.71 -5.27 58.18
N ALA F 81 13.67 -5.66 58.91
CA ALA F 81 13.64 -6.95 59.59
C ALA F 81 13.31 -8.11 58.66
N ASN F 82 12.72 -7.82 57.50
CA ASN F 82 12.40 -8.86 56.52
C ASN F 82 13.54 -9.11 55.54
N ASP F 83 14.66 -8.42 55.70
CA ASP F 83 15.83 -8.65 54.87
C ASP F 83 16.76 -9.70 55.45
N GLU F 84 16.36 -10.38 56.51
CA GLU F 84 17.15 -11.46 57.08
C GLU F 84 16.87 -12.74 56.30
N ALA F 85 17.78 -13.09 55.40
CA ALA F 85 17.62 -14.28 54.58
C ALA F 85 18.99 -14.69 54.06
N ASP F 86 19.02 -15.80 53.32
CA ASP F 86 20.24 -16.27 52.68
C ASP F 86 20.32 -15.68 51.27
N TYR F 87 21.47 -15.07 50.95
CA TYR F 87 21.65 -14.39 49.68
C TYR F 87 22.63 -15.17 48.82
N PHE F 88 22.23 -15.44 47.58
CA PHE F 88 23.01 -16.24 46.65
C PHE F 88 23.39 -15.40 45.43
N CYS F 89 24.58 -15.65 44.90
CA CYS F 89 25.05 -15.01 43.68
C CYS F 89 25.29 -16.06 42.61
N ASN F 90 24.75 -15.81 41.43
CA ASN F 90 24.93 -16.67 40.27
C ASN F 90 25.73 -15.93 39.22
N LEU F 91 26.83 -16.54 38.78
CA LEU F 91 27.71 -15.98 37.78
C LEU F 91 27.72 -16.88 36.56
N TYR F 92 27.59 -16.27 35.38
CA TYR F 92 27.56 -16.99 34.12
C TYR F 92 28.98 -17.04 33.56
N LYS F 93 29.53 -18.25 33.45
CA LYS F 93 30.85 -18.45 32.87
C LYS F 93 30.81 -19.07 31.48
N SER F 94 29.83 -19.93 31.22
CA SER F 94 29.68 -20.57 29.92
C SER F 94 28.23 -21.01 29.79
N SER F 95 27.90 -21.51 28.60
CA SER F 95 26.54 -21.99 28.38
C SER F 95 26.23 -23.18 29.29
N ASP F 96 27.21 -24.06 29.49
CA ASP F 96 27.06 -25.21 30.37
C ASP F 96 27.51 -24.95 31.79
N ASN F 97 28.05 -23.77 32.07
CA ASN F 97 28.65 -23.46 33.37
C ASN F 97 27.99 -22.20 33.93
N ARG F 98 27.06 -22.37 34.85
CA ARG F 98 26.42 -21.25 35.54
C ARG F 98 26.51 -21.53 37.04
N ILE F 99 27.39 -20.82 37.73
CA ILE F 99 27.84 -21.20 39.06
C ILE F 99 27.11 -20.35 40.10
N PHE F 100 26.50 -21.03 41.06
CA PHE F 100 25.85 -20.37 42.19
C PHE F 100 26.85 -20.20 43.33
N GLY F 101 26.64 -19.17 44.12
CA GLY F 101 27.49 -18.93 45.27
C GLY F 101 27.16 -19.84 46.43
N GLY F 102 28.06 -19.85 47.41
CA GLY F 102 27.85 -20.66 48.60
C GLY F 102 26.67 -20.18 49.43
N GLY F 103 26.57 -18.87 49.64
CA GLY F 103 25.48 -18.32 50.43
C GLY F 103 25.94 -17.35 51.50
N THR F 104 25.00 -16.56 52.03
CA THR F 104 25.31 -15.60 53.07
C THR F 104 24.13 -15.40 54.02
N THR G 2 42.68 -24.62 -31.12
CA THR G 2 41.72 -25.55 -31.70
C THR G 2 41.31 -26.60 -30.68
N VAL G 3 40.36 -27.45 -31.05
CA VAL G 3 39.77 -28.43 -30.16
C VAL G 3 40.05 -29.82 -30.72
N ILE G 4 40.55 -30.71 -29.88
CA ILE G 4 40.91 -32.06 -30.28
C ILE G 4 39.85 -33.02 -29.77
N GLN G 5 39.35 -33.86 -30.68
CA GLN G 5 38.36 -34.88 -30.38
C GLN G 5 38.78 -36.19 -31.03
N GLU G 6 38.37 -37.29 -30.41
CA GLU G 6 38.64 -38.60 -30.99
C GLU G 6 37.91 -38.72 -32.32
N PRO G 7 38.56 -39.19 -33.38
CA PRO G 7 37.93 -39.17 -34.70
C PRO G 7 36.85 -40.23 -34.87
N ALA G 8 36.96 -41.35 -34.16
CA ALA G 8 35.97 -42.41 -34.27
C ALA G 8 36.12 -43.37 -33.11
N MET G 9 35.02 -43.63 -32.40
CA MET G 9 34.98 -44.66 -31.38
C MET G 9 33.69 -45.46 -31.53
N SER G 10 33.72 -46.70 -31.05
CA SER G 10 32.61 -47.62 -31.20
C SER G 10 32.33 -48.29 -29.86
N VAL G 11 31.07 -48.66 -29.66
CA VAL G 11 30.64 -49.34 -28.44
C VAL G 11 29.71 -50.48 -28.82
N SER G 12 29.59 -51.44 -27.90
CA SER G 12 28.67 -52.56 -28.02
C SER G 12 27.34 -52.22 -27.36
N PRO G 13 26.23 -52.67 -27.93
CA PRO G 13 24.92 -52.25 -27.39
C PRO G 13 24.76 -52.65 -25.94
N GLY G 14 24.15 -51.75 -25.16
CA GLY G 14 23.97 -51.95 -23.75
C GLY G 14 25.15 -51.57 -22.89
N GLY G 15 26.27 -51.15 -23.50
CA GLY G 15 27.46 -50.79 -22.76
C GLY G 15 27.58 -49.29 -22.54
N THR G 16 28.70 -48.90 -21.95
CA THR G 16 29.00 -47.51 -21.67
C THR G 16 30.19 -47.05 -22.49
N VAL G 17 30.24 -45.74 -22.72
CA VAL G 17 31.30 -45.13 -23.52
C VAL G 17 31.50 -43.70 -23.04
N THR G 18 32.74 -43.22 -23.18
CA THR G 18 33.07 -41.84 -22.86
C THR G 18 33.71 -41.19 -24.08
N LEU G 19 33.24 -39.99 -24.40
CA LEU G 19 33.76 -39.20 -25.51
C LEU G 19 34.50 -38.01 -24.93
N THR G 20 35.72 -37.78 -25.42
CA THR G 20 36.65 -36.84 -24.83
C THR G 20 36.88 -35.65 -25.75
N CYS G 21 36.78 -34.45 -25.18
CA CYS G 21 37.03 -33.19 -25.86
C CYS G 21 38.12 -32.45 -25.11
N ALA G 22 39.15 -31.99 -25.83
CA ALA G 22 40.28 -31.35 -25.19
C ALA G 22 40.72 -30.14 -25.98
N PHE G 23 41.52 -29.30 -25.34
CA PHE G 23 42.15 -28.18 -26.03
C PHE G 23 43.48 -28.62 -26.61
N SER G 24 43.93 -27.91 -27.63
CA SER G 24 45.22 -28.22 -28.23
C SER G 24 46.38 -27.78 -27.35
N SER G 25 46.20 -26.69 -26.59
CA SER G 25 47.28 -26.13 -25.80
C SER G 25 46.91 -25.76 -24.37
N GLY G 26 45.63 -25.70 -24.04
CA GLY G 26 45.23 -25.26 -22.70
C GLY G 26 44.58 -26.34 -21.87
N SER G 27 43.75 -25.92 -20.92
CA SER G 27 43.02 -26.82 -20.03
C SER G 27 41.54 -26.51 -20.09
N VAL G 28 40.72 -27.54 -19.97
CA VAL G 28 39.27 -27.41 -20.04
C VAL G 28 38.73 -27.22 -18.62
N THR G 29 37.99 -26.15 -18.41
CA THR G 29 37.45 -25.78 -17.11
C THR G 29 35.96 -25.55 -17.25
N THR G 30 35.26 -25.58 -16.11
CA THR G 30 33.84 -25.27 -16.11
C THR G 30 33.59 -23.87 -16.64
N SER G 31 34.58 -22.98 -16.53
CA SER G 31 34.49 -21.64 -17.09
C SER G 31 34.47 -21.65 -18.62
N ASN G 32 34.81 -22.77 -19.25
CA ASN G 32 34.74 -22.90 -20.69
C ASN G 32 33.37 -23.37 -21.17
N TYR G 33 32.47 -23.73 -20.25
CA TYR G 33 31.10 -24.15 -20.53
C TYR G 33 31.02 -25.17 -21.66
N PRO G 34 31.61 -26.36 -21.51
CA PRO G 34 31.53 -27.34 -22.60
C PRO G 34 30.10 -27.76 -22.89
N SER G 35 29.81 -27.93 -24.18
CA SER G 35 28.50 -28.34 -24.65
C SER G 35 28.67 -29.51 -25.61
N TRP G 36 27.70 -30.42 -25.61
CA TRP G 36 27.73 -31.63 -26.41
C TRP G 36 26.48 -31.69 -27.27
N PHE G 37 26.68 -31.81 -28.58
CA PHE G 37 25.63 -31.88 -29.58
C PHE G 37 25.68 -33.22 -30.29
N GLN G 38 24.52 -33.69 -30.76
CA GLN G 38 24.40 -34.94 -31.49
C GLN G 38 23.80 -34.66 -32.86
N GLN G 39 24.35 -35.30 -33.89
CA GLN G 39 23.92 -35.07 -35.27
C GLN G 39 23.87 -36.40 -36.00
N THR G 40 22.67 -36.88 -36.26
CA THR G 40 22.49 -37.95 -37.23
C THR G 40 22.76 -37.39 -38.63
N PRO G 41 23.52 -38.11 -39.46
CA PRO G 41 23.88 -37.56 -40.78
C PRO G 41 22.64 -37.16 -41.57
N GLY G 42 22.71 -35.99 -42.19
CA GLY G 42 21.58 -35.46 -42.93
C GLY G 42 20.51 -34.82 -42.09
N GLN G 43 20.77 -34.53 -40.83
CA GLN G 43 19.79 -33.94 -39.93
C GLN G 43 20.41 -32.78 -39.16
N THR G 44 19.55 -31.95 -38.59
CA THR G 44 20.02 -30.80 -37.84
C THR G 44 20.61 -31.24 -36.50
N PRO G 45 21.65 -30.57 -36.02
CA PRO G 45 22.25 -30.96 -34.74
C PRO G 45 21.29 -30.74 -33.57
N ARG G 46 21.46 -31.57 -32.55
CA ARG G 46 20.61 -31.57 -31.38
C ARG G 46 21.44 -31.32 -30.12
N LEU G 47 20.94 -30.44 -29.25
CA LEU G 47 21.65 -30.12 -28.02
C LEU G 47 21.43 -31.23 -27.01
N LEU G 48 22.51 -31.93 -26.66
CA LEU G 48 22.45 -32.97 -25.64
C LEU G 48 22.77 -32.42 -24.27
N ILE G 49 23.88 -31.72 -24.12
CA ILE G 49 24.35 -31.29 -22.80
C ILE G 49 24.94 -29.90 -22.90
N TYR G 50 24.65 -29.06 -21.91
CA TYR G 50 25.27 -27.75 -21.81
C TYR G 50 25.75 -27.50 -20.39
N ARG G 51 26.84 -26.74 -20.28
CA ARG G 51 27.45 -26.40 -18.99
C ARG G 51 27.94 -27.63 -18.24
N THR G 52 28.26 -28.70 -18.97
CA THR G 52 28.90 -29.93 -18.50
C THR G 52 28.02 -30.81 -17.62
N ASN G 53 26.88 -30.33 -17.19
CA ASN G 53 26.06 -31.17 -16.33
C ASN G 53 24.57 -31.01 -16.55
N SER G 54 24.13 -30.21 -17.52
CA SER G 54 22.72 -29.87 -17.67
C SER G 54 22.17 -30.47 -18.95
N ARG G 55 21.01 -31.08 -18.86
CA ARG G 55 20.33 -31.65 -20.00
C ARG G 55 19.03 -30.92 -20.27
N PRO G 56 18.73 -30.63 -21.53
CA PRO G 56 17.41 -30.06 -21.85
C PRO G 56 16.30 -31.03 -21.50
N SER G 57 15.08 -30.52 -21.54
CA SER G 57 13.91 -31.28 -21.09
C SER G 57 13.57 -32.46 -21.99
N GLY G 58 14.33 -32.80 -23.02
CA GLY G 58 13.96 -33.89 -23.89
C GLY G 58 15.05 -34.93 -24.08
N VAL G 59 16.22 -34.69 -23.52
CA VAL G 59 17.36 -35.59 -23.67
C VAL G 59 17.20 -36.76 -22.70
N PRO G 60 17.45 -38.00 -23.15
CA PRO G 60 17.36 -39.14 -22.23
C PRO G 60 18.36 -39.04 -21.09
N THR G 61 18.00 -39.67 -19.97
CA THR G 61 18.79 -39.57 -18.75
C THR G 61 20.17 -40.21 -18.92
N ARG G 62 20.29 -41.21 -19.80
CA ARG G 62 21.53 -41.96 -19.91
C ARG G 62 22.71 -41.09 -20.32
N PHE G 63 22.47 -39.95 -20.95
CA PHE G 63 23.55 -39.03 -21.28
C PHE G 63 23.97 -38.26 -20.05
N SER G 64 25.29 -38.16 -19.83
CA SER G 64 25.82 -37.42 -18.70
C SER G 64 27.09 -36.71 -19.14
N GLY G 65 27.52 -35.74 -18.34
CA GLY G 65 28.72 -35.00 -18.66
C GLY G 65 29.54 -34.72 -17.42
N ALA G 66 30.84 -34.53 -17.64
CA ALA G 66 31.74 -34.20 -16.54
C ALA G 66 33.00 -33.58 -17.10
N ILE G 67 33.85 -33.11 -16.19
CA ILE G 67 35.19 -32.65 -16.51
C ILE G 67 36.16 -33.54 -15.76
N SER G 68 37.01 -34.25 -16.50
CA SER G 68 37.98 -35.17 -15.92
C SER G 68 39.32 -34.97 -16.59
N GLY G 69 40.37 -34.86 -15.78
CA GLY G 69 41.73 -34.85 -16.30
C GLY G 69 42.00 -33.75 -17.30
N ASN G 70 41.52 -32.55 -17.03
CA ASN G 70 41.68 -31.39 -17.91
C ASN G 70 41.00 -31.58 -19.25
N LYS G 71 39.99 -32.46 -19.32
CA LYS G 71 39.25 -32.70 -20.55
C LYS G 71 37.76 -32.78 -20.23
N ALA G 72 36.94 -32.54 -21.24
CA ALA G 72 35.48 -32.63 -21.10
C ALA G 72 35.03 -34.00 -21.58
N ASP G 73 34.15 -34.63 -20.80
CA ASP G 73 33.75 -36.00 -21.06
C ASP G 73 32.24 -36.08 -21.16
N LEU G 74 31.77 -36.76 -22.21
CA LEU G 74 30.35 -37.09 -22.37
C LEU G 74 30.21 -38.60 -22.23
N ILE G 75 29.40 -39.03 -21.26
CA ILE G 75 29.26 -40.43 -20.91
C ILE G 75 27.90 -40.90 -21.40
N ILE G 76 27.90 -41.95 -22.23
CA ILE G 76 26.69 -42.62 -22.68
C ILE G 76 26.65 -43.98 -22.01
N THR G 77 25.61 -44.21 -21.23
CA THR G 77 25.44 -45.46 -20.49
C THR G 77 24.30 -46.24 -21.11
N GLY G 78 24.58 -47.45 -21.56
CA GLY G 78 23.56 -48.27 -22.18
C GLY G 78 23.08 -47.70 -23.49
N ALA G 79 23.93 -47.72 -24.51
CA ALA G 79 23.60 -47.12 -25.80
C ALA G 79 22.63 -48.00 -26.59
N GLN G 80 21.57 -47.39 -27.11
CA GLN G 80 20.70 -48.03 -28.08
C GLN G 80 21.33 -47.96 -29.47
N ALA G 81 20.55 -48.30 -30.49
CA ALA G 81 20.96 -48.11 -31.87
C ALA G 81 20.68 -46.70 -32.38
N ASN G 82 19.95 -45.89 -31.64
CA ASN G 82 19.72 -44.50 -32.01
C ASN G 82 20.90 -43.61 -31.73
N ASP G 83 21.92 -44.12 -31.05
CA ASP G 83 23.08 -43.33 -30.65
C ASP G 83 24.18 -43.34 -31.69
N GLU G 84 23.94 -43.93 -32.86
CA GLU G 84 24.91 -43.92 -33.94
C GLU G 84 24.82 -42.57 -34.65
N ALA G 85 25.65 -41.62 -34.24
CA ALA G 85 25.63 -40.28 -34.82
C ALA G 85 26.95 -39.60 -34.51
N ASP G 86 27.14 -38.42 -35.11
CA ASP G 86 28.34 -37.62 -34.85
C ASP G 86 28.12 -36.76 -33.62
N TYR G 87 29.07 -36.81 -32.69
CA TYR G 87 28.98 -36.07 -31.44
C TYR G 87 30.00 -34.94 -31.45
N PHE G 88 29.53 -33.72 -31.25
CA PHE G 88 30.35 -32.51 -31.36
C PHE G 88 30.45 -31.85 -29.99
N CYS G 89 31.62 -31.29 -29.70
CA CYS G 89 31.84 -30.54 -28.48
C CYS G 89 32.10 -29.09 -28.82
N ASN G 90 31.39 -28.20 -28.15
CA ASN G 90 31.57 -26.76 -28.27
C ASN G 90 32.19 -26.23 -26.99
N LEU G 91 33.34 -25.59 -27.11
CA LEU G 91 34.05 -25.01 -25.98
C LEU G 91 34.09 -23.49 -26.14
N TYR G 92 33.69 -22.79 -25.09
CA TYR G 92 33.64 -21.34 -25.08
C TYR G 92 34.98 -20.82 -24.56
N LYS G 93 35.76 -20.18 -25.44
CA LYS G 93 37.02 -19.59 -25.05
C LYS G 93 36.92 -18.08 -24.85
N SER G 94 36.13 -17.40 -25.67
CA SER G 94 35.93 -15.96 -25.56
C SER G 94 34.60 -15.63 -26.22
N SER G 95 34.22 -14.36 -26.14
CA SER G 95 32.97 -13.93 -26.76
C SER G 95 32.99 -14.13 -28.27
N ASP G 96 34.12 -13.81 -28.90
CA ASP G 96 34.28 -14.00 -30.33
C ASP G 96 34.84 -15.36 -30.70
N ASN G 97 35.22 -16.17 -29.73
CA ASN G 97 35.88 -17.45 -29.96
C ASN G 97 35.07 -18.56 -29.30
N ARG G 98 34.28 -19.27 -30.09
CA ARG G 98 33.52 -20.43 -29.63
C ARG G 98 33.83 -21.59 -30.57
N ILE G 99 34.62 -22.54 -30.09
CA ILE G 99 35.26 -23.53 -30.97
C ILE G 99 34.46 -24.82 -30.92
N PHE G 100 34.10 -25.33 -32.10
CA PHE G 100 33.47 -26.62 -32.23
C PHE G 100 34.53 -27.70 -32.42
N GLY G 101 34.20 -28.91 -32.02
CA GLY G 101 35.10 -30.03 -32.17
C GLY G 101 35.06 -30.64 -33.55
N GLY G 102 36.04 -31.51 -33.81
CA GLY G 102 36.08 -32.19 -35.09
C GLY G 102 34.92 -33.15 -35.30
N GLY G 103 34.60 -33.94 -34.29
CA GLY G 103 33.50 -34.88 -34.38
C GLY G 103 33.89 -36.31 -34.07
N THR G 104 32.91 -37.14 -33.75
CA THR G 104 33.15 -38.54 -33.43
C THR G 104 32.05 -39.44 -33.97
N GLU H 2 8.60 39.94 -3.55
CA GLU H 2 9.72 39.49 -2.73
C GLU H 2 10.63 40.67 -2.37
N LYS H 3 10.62 41.06 -1.10
CA LYS H 3 11.44 42.18 -0.67
C LYS H 3 11.83 42.01 0.78
N LEU H 4 12.91 42.69 1.16
CA LEU H 4 13.37 42.79 2.54
C LEU H 4 13.45 44.27 2.90
N VAL H 5 12.67 44.67 3.90
CA VAL H 5 12.59 46.07 4.32
C VAL H 5 13.30 46.21 5.66
N GLU H 6 14.21 47.17 5.74
CA GLU H 6 15.00 47.41 6.94
C GLU H 6 14.49 48.64 7.66
N SER H 7 14.68 48.64 8.98
CA SER H 7 14.23 49.74 9.83
C SER H 7 15.10 49.76 11.07
N GLY H 8 15.05 50.88 11.79
CA GLY H 8 15.78 51.02 13.03
C GLY H 8 17.05 51.82 12.98
N GLY H 9 17.37 52.45 11.86
CA GLY H 9 18.57 53.24 11.78
C GLY H 9 18.43 54.60 12.46
N GLY H 10 19.54 55.32 12.51
CA GLY H 10 19.52 56.63 13.11
C GLY H 10 20.90 57.03 13.58
N LEU H 11 20.92 57.91 14.58
CA LEU H 11 22.15 58.45 15.15
C LEU H 11 22.26 58.01 16.60
N VAL H 12 23.44 57.51 16.97
CA VAL H 12 23.72 57.11 18.34
C VAL H 12 25.09 57.64 18.74
N GLN H 13 25.28 57.81 20.03
CA GLN H 13 26.54 58.29 20.56
C GLN H 13 27.56 57.14 20.63
N PRO H 14 28.84 57.45 20.50
CA PRO H 14 29.86 56.40 20.65
C PRO H 14 29.76 55.72 22.01
N GLY H 15 29.96 54.41 22.02
CA GLY H 15 29.72 53.62 23.20
C GLY H 15 28.27 53.27 23.45
N GLY H 16 27.37 53.64 22.54
CA GLY H 16 25.96 53.37 22.70
C GLY H 16 25.53 52.05 22.10
N SER H 17 24.22 51.87 22.03
CA SER H 17 23.62 50.64 21.51
C SER H 17 22.53 50.98 20.53
N LEU H 18 22.29 50.08 19.59
CA LEU H 18 21.27 50.28 18.56
C LEU H 18 20.72 48.94 18.14
N ARG H 19 19.61 48.96 17.43
CA ARG H 19 18.95 47.74 16.98
C ARG H 19 18.25 47.97 15.65
N LEU H 20 18.64 47.21 14.64
CA LEU H 20 17.97 47.23 13.35
C LEU H 20 17.12 45.98 13.19
N SER H 21 16.03 46.12 12.45
CA SER H 21 15.11 45.03 12.17
C SER H 21 14.90 44.94 10.66
N CYS H 22 14.65 43.73 10.20
CA CYS H 22 14.48 43.46 8.78
C CYS H 22 13.29 42.53 8.62
N VAL H 23 12.28 42.97 7.89
CA VAL H 23 11.06 42.21 7.68
C VAL H 23 11.00 41.80 6.21
N GLY H 24 10.78 40.51 5.97
CA GLY H 24 10.74 39.98 4.63
C GLY H 24 9.31 39.66 4.21
N SER H 25 8.97 40.07 2.99
CA SER H 25 7.65 39.83 2.43
C SER H 25 7.79 39.11 1.10
N GLY H 26 6.91 38.14 0.87
CA GLY H 26 6.90 37.41 -0.37
C GLY H 26 7.58 36.07 -0.33
N PHE H 27 8.16 35.69 0.79
CA PHE H 27 8.80 34.38 0.94
C PHE H 27 8.81 34.03 2.41
N THR H 28 9.44 32.91 2.73
CA THR H 28 9.54 32.42 4.09
C THR H 28 11.00 32.47 4.55
N PHE H 29 11.22 32.97 5.75
CA PHE H 29 12.56 33.04 6.30
C PHE H 29 13.12 31.67 6.66
N SER H 30 12.29 30.63 6.64
CA SER H 30 12.69 29.33 7.15
C SER H 30 13.76 28.69 6.27
N ASN H 31 13.58 28.74 4.95
CA ASN H 31 14.49 28.06 4.03
C ASN H 31 15.60 28.95 3.51
N TYR H 32 15.96 30.00 4.25
CA TYR H 32 17.01 30.91 3.84
C TYR H 32 17.86 31.27 5.04
N GLU H 33 19.04 31.81 4.77
CA GLU H 33 19.93 32.33 5.80
C GLU H 33 19.98 33.84 5.72
N ILE H 34 19.81 34.52 6.85
CA ILE H 34 19.74 35.98 6.85
C ILE H 34 21.07 36.53 7.36
N SER H 35 21.71 37.38 6.57
CA SER H 35 22.98 37.96 6.92
C SER H 35 22.88 39.48 6.91
N TRP H 36 23.86 40.12 7.52
CA TRP H 36 23.92 41.58 7.60
C TRP H 36 25.25 42.05 7.02
N VAL H 37 25.18 42.95 6.03
CA VAL H 37 26.36 43.43 5.32
C VAL H 37 26.35 44.95 5.36
N ARG H 38 27.47 45.56 5.72
CA ARG H 38 27.55 47.00 5.81
C ARG H 38 28.52 47.57 4.79
N GLN H 39 28.18 48.76 4.30
CA GLN H 39 29.01 49.52 3.37
C GLN H 39 29.34 50.85 4.00
N ALA H 40 30.62 51.09 4.26
CA ALA H 40 31.06 52.34 4.84
C ALA H 40 31.13 53.42 3.76
N PRO H 41 31.03 54.70 4.16
CA PRO H 41 31.12 55.77 3.16
C PRO H 41 32.46 55.78 2.45
N GLY H 42 32.45 55.49 1.15
CA GLY H 42 33.64 55.46 0.34
C GLY H 42 34.34 54.11 0.28
N LYS H 43 34.31 53.35 1.38
CA LYS H 43 34.96 52.05 1.41
C LYS H 43 34.04 51.00 0.79
N GLY H 44 34.41 49.72 0.94
CA GLY H 44 33.67 48.64 0.33
C GLY H 44 32.75 47.92 1.30
N LEU H 45 32.14 46.85 0.81
CA LEU H 45 31.21 46.07 1.60
C LEU H 45 31.95 45.25 2.65
N GLU H 46 31.23 44.87 3.70
CA GLU H 46 31.80 44.09 4.79
C GLU H 46 30.72 43.22 5.40
N TRP H 47 30.93 41.90 5.38
CA TRP H 47 30.01 40.96 5.97
C TRP H 47 30.17 40.98 7.49
N LEU H 48 29.04 41.01 8.21
CA LEU H 48 29.08 41.14 9.67
C LEU H 48 28.57 39.90 10.38
N ALA H 49 27.35 39.46 10.09
CA ALA H 49 26.76 38.35 10.84
C ALA H 49 25.83 37.58 9.93
N GLY H 50 25.57 36.33 10.32
CA GLY H 50 24.68 35.46 9.59
C GLY H 50 23.93 34.52 10.51
N ASP H 51 22.67 34.26 10.21
CA ASP H 51 21.82 33.43 11.05
C ASP H 51 21.03 32.47 10.19
N TYR H 52 21.11 31.18 10.50
CA TYR H 52 20.25 30.16 9.94
C TYR H 52 19.37 29.65 11.08
N SER H 53 18.11 30.08 11.09
CA SER H 53 17.24 29.86 12.24
C SER H 53 16.78 28.42 12.34
N ARG H 54 16.46 27.80 11.20
CA ARG H 54 16.01 26.40 11.24
C ARG H 54 17.12 25.48 11.73
N GLY H 55 18.37 25.77 11.39
CA GLY H 55 19.49 25.03 11.90
C GLY H 55 20.05 25.53 13.21
N GLY H 56 19.53 26.65 13.71
CA GLY H 56 20.01 27.19 14.97
C GLY H 56 21.47 27.58 14.94
N THR H 57 21.96 28.06 13.81
CA THR H 57 23.37 28.40 13.67
C THR H 57 23.54 29.89 13.49
N THR H 58 24.60 30.42 14.10
CA THR H 58 24.90 31.84 14.08
C THR H 58 26.38 32.04 13.88
N PHE H 59 26.75 32.93 12.97
CA PHE H 59 28.15 33.18 12.64
C PHE H 59 28.43 34.67 12.63
N TYR H 60 29.56 35.06 13.23
CA TYR H 60 29.93 36.45 13.33
C TYR H 60 31.33 36.67 12.76
N ALA H 61 31.52 37.81 12.12
CA ALA H 61 32.85 38.21 11.69
C ALA H 61 33.69 38.59 12.89
N ASP H 62 35.02 38.50 12.74
CA ASP H 62 35.92 38.83 13.82
C ASP H 62 35.84 40.29 14.22
N SER H 63 35.40 41.16 13.31
CA SER H 63 35.33 42.58 13.62
C SER H 63 34.18 42.91 14.56
N VAL H 64 33.13 42.09 14.57
CA VAL H 64 31.93 42.38 15.35
C VAL H 64 31.64 41.29 16.39
N LYS H 65 32.58 40.38 16.62
CA LYS H 65 32.36 39.33 17.59
C LYS H 65 32.38 39.90 19.01
N GLY H 66 31.34 39.57 19.78
CA GLY H 66 31.20 40.08 21.12
C GLY H 66 30.47 41.40 21.24
N ARG H 67 30.17 42.06 20.12
CA ARG H 67 29.44 43.31 20.10
C ARG H 67 28.09 43.19 19.44
N PHE H 68 28.03 42.56 18.27
CA PHE H 68 26.79 42.40 17.53
C PHE H 68 26.14 41.08 17.90
N THR H 69 24.83 41.08 18.03
CA THR H 69 24.06 39.86 18.25
C THR H 69 22.89 39.83 17.27
N ILE H 70 22.79 38.77 16.49
CA ILE H 70 21.75 38.64 15.48
C ILE H 70 20.74 37.59 15.95
N SER H 71 19.46 37.89 15.78
CA SER H 71 18.38 37.00 16.15
C SER H 71 17.39 36.94 14.99
N SER H 72 16.63 35.85 14.93
CA SER H 72 15.65 35.67 13.86
C SER H 72 14.38 35.08 14.43
N ASP H 73 13.26 35.40 13.78
CA ASP H 73 11.94 34.87 14.14
C ASP H 73 11.24 34.48 12.85
N ASN H 74 11.17 33.18 12.57
CA ASN H 74 10.55 32.70 11.35
C ASN H 74 9.04 32.85 11.38
N SER H 75 8.44 32.78 12.57
CA SER H 75 6.99 32.89 12.68
C SER H 75 6.51 34.26 12.22
N GLN H 76 7.19 35.32 12.65
CA GLN H 76 6.85 36.67 12.24
C GLN H 76 7.65 37.13 11.02
N ASN H 77 8.57 36.30 10.52
CA ASN H 77 9.33 36.59 9.31
C ASN H 77 10.21 37.83 9.49
N THR H 78 10.91 37.88 10.62
CA THR H 78 11.75 39.04 10.94
C THR H 78 13.15 38.59 11.34
N ALA H 79 14.09 39.52 11.23
CA ALA H 79 15.46 39.28 11.68
C ALA H 79 16.03 40.57 12.24
N ASP H 80 16.59 40.50 13.44
CA ASP H 80 17.07 41.68 14.15
C ASP H 80 18.57 41.58 14.38
N LEU H 81 19.22 42.74 14.38
CA LEU H 81 20.64 42.86 14.70
C LEU H 81 20.80 43.92 15.78
N GLN H 82 21.47 43.56 16.87
CA GLN H 82 21.67 44.43 18.01
C GLN H 82 23.15 44.77 18.16
N MET H 83 23.45 46.06 18.22
CA MET H 83 24.82 46.56 18.30
C MET H 83 25.06 47.16 19.68
N ASN H 84 26.16 46.74 20.30
CA ASN H 84 26.58 47.25 21.59
C ASN H 84 27.99 47.78 21.48
N SER H 85 28.28 48.80 22.28
CA SER H 85 29.57 49.51 22.27
C SER H 85 29.96 49.91 20.85
N LEU H 86 29.10 50.70 20.23
CA LEU H 86 29.34 51.14 18.86
C LEU H 86 30.51 52.11 18.80
N ARG H 87 31.44 51.84 17.91
CA ARG H 87 32.61 52.69 17.69
C ARG H 87 32.34 53.66 16.55
N THR H 88 33.24 54.63 16.42
CA THR H 88 33.07 55.65 15.38
C THR H 88 33.24 55.07 13.99
N GLU H 89 33.98 53.97 13.86
CA GLU H 89 34.19 53.34 12.56
C GLU H 89 33.03 52.46 12.12
N ASP H 90 31.95 52.42 12.89
CA ASP H 90 30.78 51.61 12.56
C ASP H 90 29.71 52.39 11.82
N THR H 91 29.97 53.65 11.46
CA THR H 91 29.01 54.43 10.70
C THR H 91 29.00 53.94 9.26
N ALA H 92 27.85 53.46 8.81
CA ALA H 92 27.78 52.83 7.49
C ALA H 92 26.31 52.62 7.12
N ARG H 93 26.10 52.12 5.92
CA ARG H 93 24.77 51.72 5.45
C ARG H 93 24.66 50.21 5.60
N TYR H 94 23.63 49.76 6.32
CA TYR H 94 23.46 48.36 6.66
C TYR H 94 22.38 47.73 5.78
N TYR H 95 22.69 46.54 5.26
CA TYR H 95 21.82 45.77 4.38
C TYR H 95 21.49 44.44 5.04
N CYS H 96 20.22 44.06 4.97
CA CYS H 96 19.77 42.74 5.39
C CYS H 96 19.68 41.87 4.14
N VAL H 97 20.62 40.94 3.99
CA VAL H 97 20.72 40.13 2.80
C VAL H 97 20.21 38.73 3.08
N ARG H 98 19.78 38.07 2.02
CA ARG H 98 19.19 36.73 2.09
C ARG H 98 20.03 35.78 1.25
N GLY H 99 20.37 34.64 1.82
CA GLY H 99 21.20 33.66 1.15
C GLY H 99 20.50 32.34 1.02
N VAL H 100 20.71 31.70 -0.13
CA VAL H 100 20.00 30.47 -0.46
C VAL H 100 20.61 29.31 0.32
N SER H 101 19.74 28.48 0.90
CA SER H 101 20.15 27.29 1.63
C SER H 101 19.25 26.14 1.21
N VAL H 102 19.84 25.10 0.62
CA VAL H 102 19.11 23.92 0.20
C VAL H 102 19.43 22.79 1.16
N PHE H 103 18.39 22.17 1.72
CA PHE H 103 18.52 21.02 2.60
C PHE H 103 19.43 21.30 3.79
N GLY H 104 19.45 22.55 4.26
CA GLY H 104 20.30 22.91 5.36
C GLY H 104 21.74 23.20 5.00
N VAL H 105 22.05 23.32 3.72
CA VAL H 105 23.41 23.58 3.25
C VAL H 105 23.42 24.94 2.57
N LEU H 106 24.34 25.81 3.01
CA LEU H 106 24.43 27.14 2.44
C LEU H 106 25.12 27.09 1.07
N MET H 107 24.52 27.74 0.09
CA MET H 107 25.05 27.76 -1.28
C MET H 107 25.86 29.01 -1.60
N MET H 108 26.07 29.89 -0.62
CA MET H 108 26.84 31.11 -0.81
C MET H 108 26.27 31.95 -1.96
N ALA H 109 24.94 32.12 -1.94
CA ALA H 109 24.22 32.86 -2.96
C ALA H 109 23.39 33.93 -2.27
N MET H 110 23.96 35.12 -2.12
CA MET H 110 23.26 36.26 -1.53
C MET H 110 22.49 36.97 -2.65
N ASP H 111 21.27 36.49 -2.90
CA ASP H 111 20.52 36.90 -4.08
C ASP H 111 19.62 38.10 -3.85
N LEU H 112 19.04 38.23 -2.66
CA LEU H 112 18.11 39.31 -2.37
C LEU H 112 18.73 40.25 -1.35
N TRP H 113 18.63 41.55 -1.61
CA TRP H 113 19.18 42.58 -0.74
C TRP H 113 18.10 43.59 -0.38
N GLY H 114 18.28 44.25 0.76
CA GLY H 114 17.37 45.28 1.19
C GLY H 114 17.89 46.66 0.86
N PRO H 115 17.00 47.67 0.91
CA PRO H 115 17.45 49.03 0.60
C PRO H 115 18.57 49.53 1.49
N GLY H 116 18.57 49.18 2.76
CA GLY H 116 19.63 49.61 3.65
C GLY H 116 19.20 50.75 4.55
N VAL H 117 19.85 50.84 5.71
CA VAL H 117 19.59 51.89 6.68
C VAL H 117 20.91 52.53 7.08
N GLU H 118 20.93 53.85 7.15
CA GLU H 118 22.16 54.58 7.46
C GLU H 118 22.31 54.73 8.97
N VAL H 119 23.48 54.38 9.50
CA VAL H 119 23.78 54.47 10.91
C VAL H 119 25.00 55.35 11.08
N VAL H 120 24.87 56.40 11.90
CA VAL H 120 25.93 57.35 12.18
C VAL H 120 26.21 57.33 13.67
N VAL H 121 27.48 57.17 14.04
CA VAL H 121 27.87 57.03 15.43
C VAL H 121 28.73 58.26 15.74
N SER H 122 28.47 59.35 15.04
CA SER H 122 29.21 60.59 15.27
C SER H 122 28.90 61.15 16.65
N SER H 123 29.94 61.65 17.32
CA SER H 123 29.79 62.25 18.64
C SER H 123 29.25 63.67 18.61
N ALA H 124 29.14 64.27 17.43
CA ALA H 124 28.65 65.64 17.32
C ALA H 124 27.19 65.73 17.74
N SER H 125 26.79 66.92 18.19
CA SER H 125 25.42 67.14 18.60
C SER H 125 24.47 67.06 17.41
N THR H 126 23.22 66.72 17.69
CA THR H 126 22.22 66.59 16.65
C THR H 126 21.88 67.95 16.06
N THR I 2 43.06 39.10 3.11
CA THR I 2 42.24 40.09 2.42
C THR I 2 42.18 39.77 0.94
N VAL I 3 41.29 40.45 0.23
CA VAL I 3 41.04 40.18 -1.19
C VAL I 3 41.50 41.38 -2.00
N ILE I 4 42.31 41.12 -3.02
CA ILE I 4 42.83 42.15 -3.88
C ILE I 4 42.03 42.17 -5.17
N GLN I 5 41.58 43.37 -5.55
CA GLN I 5 40.84 43.61 -6.78
C GLN I 5 41.44 44.83 -7.47
N GLU I 6 41.32 44.86 -8.78
CA GLU I 6 41.80 46.00 -9.54
C GLU I 6 40.99 47.23 -9.18
N PRO I 7 41.62 48.34 -8.77
CA PRO I 7 40.85 49.48 -8.28
C PRO I 7 39.97 50.13 -9.35
N ALA I 8 40.38 50.12 -10.62
CA ALA I 8 39.60 50.77 -11.66
C ALA I 8 39.99 50.22 -13.01
N MET I 9 39.00 49.88 -13.83
CA MET I 9 39.23 49.43 -15.19
C MET I 9 38.17 50.03 -16.11
N SER I 10 38.52 50.10 -17.40
CA SER I 10 37.65 50.70 -18.41
C SER I 10 37.59 49.79 -19.63
N VAL I 11 36.45 49.84 -20.31
CA VAL I 11 36.23 49.07 -21.53
C VAL I 11 35.46 49.94 -22.52
N SER I 12 35.55 49.55 -23.79
CA SER I 12 34.85 50.22 -24.87
C SER I 12 33.56 49.47 -25.20
N PRO I 13 32.50 50.18 -25.61
CA PRO I 13 31.23 49.51 -25.87
C PRO I 13 31.37 48.44 -26.95
N GLY I 14 30.66 47.34 -26.75
CA GLY I 14 30.72 46.21 -27.66
C GLY I 14 31.91 45.30 -27.45
N GLY I 15 32.81 45.63 -26.51
CA GLY I 15 34.01 44.84 -26.28
C GLY I 15 33.84 43.87 -25.12
N THR I 16 34.94 43.18 -24.82
CA THR I 16 34.98 42.21 -23.74
C THR I 16 35.99 42.67 -22.69
N VAL I 17 35.63 42.45 -21.44
CA VAL I 17 36.48 42.83 -20.31
C VAL I 17 36.49 41.69 -19.31
N THR I 18 37.57 41.60 -18.54
CA THR I 18 37.72 40.62 -17.49
C THR I 18 38.13 41.30 -16.20
N LEU I 19 37.41 40.99 -15.12
CA LEU I 19 37.68 41.53 -13.80
C LEU I 19 38.24 40.41 -12.93
N THR I 20 39.37 40.67 -12.27
CA THR I 20 40.09 39.65 -11.53
C THR I 20 39.93 39.87 -10.03
N CYS I 21 39.99 38.78 -9.28
CA CYS I 21 39.83 38.78 -7.83
C CYS I 21 40.79 37.76 -7.26
N ALA I 22 41.66 38.20 -6.36
CA ALA I 22 42.72 37.33 -5.86
C ALA I 22 42.79 37.42 -4.34
N PHE I 23 43.39 36.40 -3.75
CA PHE I 23 43.70 36.43 -2.32
C PHE I 23 45.00 37.18 -2.09
N SER I 24 45.15 37.70 -0.88
CA SER I 24 46.39 38.37 -0.53
C SER I 24 47.58 37.41 -0.54
N SER I 25 47.40 36.21 -0.01
CA SER I 25 48.51 35.27 0.13
C SER I 25 48.18 33.83 -0.26
N GLY I 26 46.94 33.54 -0.65
CA GLY I 26 46.58 32.17 -0.96
C GLY I 26 46.21 31.95 -2.41
N SER I 27 45.52 30.85 -2.68
CA SER I 27 45.06 30.52 -4.02
C SER I 27 43.55 30.34 -4.01
N VAL I 28 42.89 30.89 -5.02
CA VAL I 28 41.44 30.87 -5.11
C VAL I 28 41.01 29.60 -5.84
N THR I 29 40.09 28.86 -5.23
CA THR I 29 39.63 27.57 -5.74
C THR I 29 38.11 27.58 -5.77
N THR I 30 37.54 26.55 -6.39
CA THR I 30 36.09 26.39 -6.38
C THR I 30 35.56 26.29 -4.95
N SER I 31 36.35 25.71 -4.04
CA SER I 31 35.96 25.60 -2.64
C SER I 31 35.84 26.95 -1.97
N ASN I 32 36.38 28.01 -2.56
CA ASN I 32 36.20 29.36 -2.03
C ASN I 32 34.89 29.99 -2.46
N TYR I 33 34.15 29.35 -3.36
CA TYR I 33 32.85 29.81 -3.82
C TYR I 33 32.85 31.30 -4.21
N PRO I 34 33.60 31.67 -5.25
CA PRO I 34 33.59 33.07 -5.68
C PRO I 34 32.20 33.52 -6.10
N SER I 35 31.87 34.75 -5.71
CA SER I 35 30.60 35.37 -6.06
C SER I 35 30.88 36.77 -6.56
N TRP I 36 30.06 37.24 -7.50
CA TRP I 36 30.27 38.53 -8.15
C TRP I 36 28.98 39.32 -8.12
N PHE I 37 29.07 40.54 -7.57
CA PHE I 37 27.95 41.46 -7.40
C PHE I 37 28.21 42.74 -8.19
N GLN I 38 27.12 43.39 -8.58
CA GLN I 38 27.16 44.65 -9.31
C GLN I 38 26.36 45.70 -8.54
N GLN I 39 26.90 46.91 -8.45
CA GLN I 39 26.26 47.99 -7.71
C GLN I 39 26.36 49.28 -8.50
N THR I 40 25.25 49.70 -9.08
CA THR I 40 25.17 51.06 -9.60
C THR I 40 25.18 52.04 -8.43
N PRO I 41 25.97 53.10 -8.48
CA PRO I 41 26.13 53.95 -7.29
C PRO I 41 24.80 54.48 -6.78
N GLY I 42 24.62 54.43 -5.47
CA GLY I 42 23.38 54.83 -4.86
C GLY I 42 22.28 53.80 -4.89
N GLN I 43 22.58 52.55 -5.24
CA GLN I 43 21.59 51.50 -5.33
C GLN I 43 22.10 50.25 -4.62
N THR I 44 21.17 49.32 -4.37
CA THR I 44 21.47 48.08 -3.69
C THR I 44 22.19 47.12 -4.63
N PRO I 45 23.20 46.40 -4.14
CA PRO I 45 23.92 45.47 -5.01
C PRO I 45 23.04 44.32 -5.45
N ARG I 46 23.36 43.80 -6.64
CA ARG I 46 22.64 42.67 -7.21
C ARG I 46 23.62 41.53 -7.46
N LEU I 47 23.10 40.30 -7.44
CA LEU I 47 23.92 39.11 -7.59
C LEU I 47 24.04 38.77 -9.06
N LEU I 48 25.26 38.87 -9.60
CA LEU I 48 25.52 38.52 -10.99
C LEU I 48 25.93 37.07 -11.14
N ILE I 49 26.89 36.61 -10.35
CA ILE I 49 27.44 35.26 -10.50
C ILE I 49 27.64 34.66 -9.11
N TYR I 50 27.32 33.37 -8.96
CA TYR I 50 27.65 32.65 -7.74
C TYR I 50 28.20 31.29 -8.09
N ARG I 51 29.10 30.79 -7.24
CA ARG I 51 29.77 29.50 -7.43
C ARG I 51 30.56 29.46 -8.72
N THR I 52 31.02 30.62 -9.18
CA THR I 52 31.96 30.83 -10.27
C THR I 52 31.38 30.58 -11.66
N ASN I 53 30.23 29.96 -11.74
CA ASN I 53 29.67 29.70 -13.06
C ASN I 53 28.15 29.76 -13.10
N SER I 54 27.47 30.07 -12.02
CA SER I 54 26.02 30.00 -11.96
C SER I 54 25.44 31.41 -11.99
N ARG I 55 24.47 31.61 -12.85
CA ARG I 55 23.82 32.89 -13.02
C ARG I 55 22.39 32.83 -12.50
N PRO I 56 21.94 33.82 -11.73
CA PRO I 56 20.54 33.90 -11.36
C PRO I 56 19.65 34.02 -12.58
N SER I 57 18.36 33.85 -12.36
CA SER I 57 17.41 33.80 -13.48
C SER I 57 17.16 35.15 -14.12
N GLY I 58 17.86 36.22 -13.78
CA GLY I 58 17.59 37.50 -14.38
C GLY I 58 18.81 38.18 -14.96
N VAL I 59 19.97 37.56 -14.80
CA VAL I 59 21.23 38.15 -15.25
C VAL I 59 21.41 37.91 -16.75
N PRO I 60 21.82 38.91 -17.52
CA PRO I 60 22.08 38.69 -18.94
C PRO I 60 23.17 37.65 -19.16
N THR I 61 23.07 36.96 -20.29
CA THR I 61 24.00 35.87 -20.60
C THR I 61 25.42 36.36 -20.74
N ARG I 62 25.61 37.64 -21.07
CA ARG I 62 26.95 38.17 -21.33
C ARG I 62 27.86 38.12 -20.09
N PHE I 63 27.29 37.94 -18.91
CA PHE I 63 28.09 37.83 -17.69
C PHE I 63 28.46 36.37 -17.45
N SER I 64 29.75 36.10 -17.30
CA SER I 64 30.22 34.73 -17.07
C SER I 64 31.33 34.76 -16.02
N GLY I 65 31.67 33.58 -15.51
CA GLY I 65 32.71 33.48 -14.52
C GLY I 65 33.59 32.27 -14.77
N ALA I 66 34.81 32.34 -14.23
CA ALA I 66 35.75 31.24 -14.35
C ALA I 66 36.79 31.38 -13.25
N ILE I 67 37.59 30.33 -13.09
CA ILE I 67 38.75 30.35 -12.20
C ILE I 67 39.98 30.12 -13.07
N SER I 68 40.92 31.05 -13.02
CA SER I 68 42.12 30.97 -13.83
C SER I 68 43.30 31.54 -13.05
N GLY I 69 44.41 30.81 -13.07
CA GLY I 69 45.66 31.31 -12.52
C GLY I 69 45.58 31.72 -11.06
N ASN I 70 44.96 30.90 -10.23
CA ASN I 70 44.76 31.19 -8.81
C ASN I 70 43.99 32.48 -8.60
N LYS I 71 43.08 32.80 -9.53
CA LYS I 71 42.26 34.00 -9.42
C LYS I 71 40.85 33.67 -9.90
N ALA I 72 39.89 34.44 -9.41
CA ALA I 72 38.51 34.36 -9.88
C ALA I 72 38.26 35.47 -10.88
N ASP I 73 37.67 35.11 -12.02
CA ASP I 73 37.51 36.04 -13.13
C ASP I 73 36.04 36.17 -13.49
N LEU I 74 35.59 37.41 -13.67
CA LEU I 74 34.27 37.72 -14.21
C LEU I 74 34.46 38.31 -15.60
N ILE I 75 33.78 37.73 -16.58
CA ILE I 75 33.94 38.11 -17.98
C ILE I 75 32.65 38.77 -18.45
N ILE I 76 32.79 39.97 -19.00
CA ILE I 76 31.67 40.70 -19.60
C ILE I 76 31.93 40.79 -21.10
N THR I 77 30.99 40.28 -21.90
CA THR I 77 31.11 40.29 -23.35
C THR I 77 30.08 41.25 -23.92
N GLY I 78 30.54 42.20 -24.72
CA GLY I 78 29.65 43.21 -25.26
C GLY I 78 29.10 44.12 -24.19
N ALA I 79 29.97 44.92 -23.58
CA ALA I 79 29.54 45.81 -22.51
C ALA I 79 28.68 46.93 -23.07
N GLN I 80 27.51 47.11 -22.49
CA GLN I 80 26.62 48.20 -22.84
C GLN I 80 26.88 49.39 -21.89
N ALA I 81 25.99 50.38 -21.92
CA ALA I 81 26.12 51.50 -21.01
C ALA I 81 25.57 51.23 -19.62
N ASN I 82 24.80 50.14 -19.45
CA ASN I 82 24.30 49.76 -18.13
C ASN I 82 25.33 49.05 -17.28
N ASP I 83 26.50 48.74 -17.84
CA ASP I 83 27.53 48.01 -17.13
C ASP I 83 28.51 48.92 -16.40
N GLU I 84 28.25 50.22 -16.38
CA GLU I 84 29.09 51.17 -15.64
C GLU I 84 28.65 51.14 -14.18
N ALA I 85 29.31 50.32 -13.38
CA ALA I 85 28.96 50.17 -11.98
C ALA I 85 30.15 49.59 -11.23
N ASP I 86 30.05 49.58 -9.91
CA ASP I 86 31.09 49.00 -9.07
C ASP I 86 30.86 47.50 -8.95
N TYR I 87 31.89 46.72 -9.26
CA TYR I 87 31.80 45.27 -9.25
C TYR I 87 32.58 44.72 -8.07
N PHE I 88 31.95 43.83 -7.30
CA PHE I 88 32.52 43.29 -6.08
C PHE I 88 32.63 41.78 -6.17
N CYS I 89 33.69 41.23 -5.59
CA CYS I 89 33.88 39.79 -5.50
C CYS I 89 33.88 39.38 -4.03
N ASN I 90 33.13 38.34 -3.74
CA ASN I 90 33.04 37.77 -2.40
C ASN I 90 33.62 36.37 -2.42
N LEU I 91 34.53 36.09 -1.49
CA LEU I 91 35.20 34.81 -1.39
C LEU I 91 34.95 34.21 -0.01
N TYR I 92 34.58 32.94 0.01
CA TYR I 92 34.29 32.21 1.23
C TYR I 92 35.56 31.52 1.69
N LYS I 93 36.08 31.91 2.85
CA LYS I 93 37.22 31.23 3.45
C LYS I 93 36.83 30.35 4.63
N SER I 94 35.84 30.76 5.41
CA SER I 94 35.35 29.99 6.53
C SER I 94 33.95 30.46 6.85
N SER I 95 33.31 29.79 7.81
CA SER I 95 31.95 30.16 8.19
C SER I 95 31.90 31.57 8.75
N ASP I 96 32.90 31.95 9.54
CA ASP I 96 32.98 33.27 10.13
C ASP I 96 33.77 34.25 9.28
N ASN I 97 34.27 33.82 8.12
CA ASN I 97 35.17 34.63 7.30
C ASN I 97 34.69 34.60 5.86
N ARG I 98 33.97 35.64 5.44
CA ARG I 98 33.53 35.81 4.06
C ARG I 98 33.96 37.19 3.61
N ILE I 99 34.95 37.25 2.73
CA ILE I 99 35.69 38.48 2.46
C ILE I 99 35.16 39.11 1.18
N PHE I 100 34.88 40.40 1.24
CA PHE I 100 34.46 41.17 0.08
C PHE I 100 35.65 41.88 -0.53
N GLY I 101 35.60 42.07 -1.84
CA GLY I 101 36.66 42.77 -2.53
C GLY I 101 36.58 44.27 -2.34
N GLY I 102 37.65 44.95 -2.74
CA GLY I 102 37.66 46.40 -2.65
C GLY I 102 36.68 47.06 -3.59
N GLY I 103 36.60 46.56 -4.82
CA GLY I 103 35.67 47.11 -5.80
C GLY I 103 36.35 47.54 -7.08
N THR I 104 35.60 47.58 -8.17
CA THR I 104 36.15 48.02 -9.45
C THR I 104 35.17 48.91 -10.20
N LEU J 2 24.89 2.05 -0.94
CA LEU J 2 25.82 2.12 -2.06
C LEU J 2 27.22 1.77 -1.58
N PHE J 3 27.82 0.70 -2.11
CA PHE J 3 29.11 0.17 -1.59
C PHE J 3 30.32 0.59 -2.42
N GLY J 4 30.18 1.58 -3.29
CA GLY J 4 31.32 2.17 -4.02
C GLY J 4 32.10 1.26 -4.91
N ALA J 5 31.47 0.32 -5.62
CA ALA J 5 32.19 -0.53 -6.58
C ALA J 5 31.82 -0.14 -8.02
N ILE J 6 30.61 -0.46 -8.46
CA ILE J 6 30.14 -0.06 -9.81
C ILE J 6 30.20 1.46 -9.83
N ALA J 7 31.00 2.04 -10.73
CA ALA J 7 31.26 3.50 -10.76
C ALA J 7 32.21 3.92 -9.63
N GLY J 8 32.44 3.07 -8.62
CA GLY J 8 33.44 3.44 -7.64
C GLY J 8 34.85 3.18 -8.08
N PHE J 9 35.59 2.35 -7.33
CA PHE J 9 36.98 2.09 -7.68
C PHE J 9 37.12 1.24 -8.93
N ILE J 10 36.03 0.69 -9.43
CA ILE J 10 35.99 0.06 -10.75
C ILE J 10 35.09 0.91 -11.61
N GLU J 11 35.69 1.74 -12.46
CA GLU J 11 34.95 2.80 -13.16
C GLU J 11 34.36 2.36 -14.49
N GLY J 12 34.50 1.10 -14.87
CA GLY J 12 34.01 0.68 -16.16
C GLY J 12 33.50 -0.74 -16.14
N GLY J 13 32.62 -1.02 -17.08
CA GLY J 13 32.14 -2.37 -17.28
C GLY J 13 32.80 -3.01 -18.48
N TRP J 14 32.65 -4.31 -18.63
CA TRP J 14 33.25 -5.05 -19.71
C TRP J 14 32.17 -5.57 -20.66
N THR J 15 32.29 -5.21 -21.93
CA THR J 15 31.37 -5.67 -22.95
C THR J 15 31.73 -7.02 -23.54
N GLY J 16 32.99 -7.43 -23.49
CA GLY J 16 33.37 -8.75 -23.96
C GLY J 16 33.04 -9.87 -22.99
N MET J 17 32.58 -9.53 -21.79
CA MET J 17 32.19 -10.53 -20.81
C MET J 17 30.68 -10.72 -20.86
N VAL J 18 30.24 -11.78 -21.53
CA VAL J 18 28.83 -12.06 -21.70
C VAL J 18 28.37 -13.32 -20.96
N ASP J 19 29.30 -14.10 -20.42
CA ASP J 19 28.95 -15.34 -19.74
C ASP J 19 28.49 -15.12 -18.31
N GLY J 20 28.65 -13.91 -17.79
CA GLY J 20 28.23 -13.64 -16.43
C GLY J 20 28.02 -12.16 -16.15
N TRP J 21 27.82 -11.82 -14.87
CA TRP J 21 27.64 -10.44 -14.44
C TRP J 21 28.90 -9.88 -13.80
N TYR J 22 29.60 -10.67 -13.00
CA TYR J 22 30.84 -10.26 -12.35
C TYR J 22 31.91 -11.29 -12.66
N GLY J 23 33.17 -10.87 -12.58
CA GLY J 23 34.24 -11.82 -12.77
C GLY J 23 35.60 -11.15 -12.91
N TYR J 24 36.48 -11.85 -13.61
CA TYR J 24 37.90 -11.54 -13.60
C TYR J 24 38.43 -11.38 -15.02
N HIS J 25 39.46 -10.55 -15.16
CA HIS J 25 40.25 -10.45 -16.38
C HIS J 25 41.70 -10.69 -16.01
N HIS J 26 42.31 -11.70 -16.60
CA HIS J 26 43.64 -12.13 -16.23
C HIS J 26 44.59 -11.95 -17.39
N GLN J 27 45.82 -11.53 -17.08
CA GLN J 27 46.89 -11.36 -18.05
C GLN J 27 48.16 -11.98 -17.47
N ASN J 28 48.60 -13.09 -18.07
CA ASN J 28 49.87 -13.73 -17.74
C ASN J 28 50.64 -13.99 -19.04
N GLU J 29 51.70 -14.78 -18.94
CA GLU J 29 52.51 -15.11 -20.10
C GLU J 29 51.78 -15.97 -21.11
N GLN J 30 50.94 -16.89 -20.67
CA GLN J 30 50.19 -17.76 -21.57
C GLN J 30 49.08 -17.02 -22.31
N GLY J 31 48.55 -15.95 -21.75
CA GLY J 31 47.55 -15.18 -22.46
C GLY J 31 46.77 -14.29 -21.52
N SER J 32 45.73 -13.67 -22.07
CA SER J 32 44.82 -12.83 -21.33
C SER J 32 43.39 -13.20 -21.69
N GLY J 33 42.47 -12.94 -20.76
CA GLY J 33 41.10 -13.30 -21.03
C GLY J 33 40.17 -12.89 -19.91
N TYR J 34 38.87 -12.92 -20.25
CA TYR J 34 37.78 -12.65 -19.32
C TYR J 34 37.20 -13.99 -18.89
N ALA J 35 36.80 -14.08 -17.62
CA ALA J 35 36.12 -15.25 -17.09
C ALA J 35 35.10 -14.82 -16.05
N ALA J 36 33.94 -15.45 -16.07
CA ALA J 36 32.92 -15.08 -15.09
C ALA J 36 33.12 -15.85 -13.79
N ASP J 37 32.60 -15.28 -12.71
CA ASP J 37 32.56 -15.96 -11.41
C ASP J 37 31.25 -16.74 -11.38
N LEU J 38 31.36 -18.06 -11.58
CA LEU J 38 30.19 -18.89 -11.75
C LEU J 38 29.29 -18.86 -10.52
N LYS J 39 29.88 -18.97 -9.34
CA LYS J 39 29.10 -19.02 -8.12
C LYS J 39 28.31 -17.74 -7.89
N SER J 40 28.99 -16.59 -7.94
CA SER J 40 28.32 -15.32 -7.67
C SER J 40 27.27 -15.02 -8.73
N THR J 41 27.59 -15.28 -10.00
CA THR J 41 26.63 -15.04 -11.07
C THR J 41 25.39 -15.92 -10.90
N GLN J 42 25.58 -17.19 -10.59
CA GLN J 42 24.45 -18.10 -10.44
C GLN J 42 23.58 -17.68 -9.26
N ASN J 43 24.21 -17.34 -8.13
CA ASN J 43 23.46 -16.91 -6.96
C ASN J 43 22.67 -15.64 -7.27
N ALA J 44 23.30 -14.69 -7.93
CA ALA J 44 22.62 -13.44 -8.27
C ALA J 44 21.45 -13.69 -9.21
N ILE J 45 21.64 -14.56 -10.20
CA ILE J 45 20.57 -14.87 -11.14
C ILE J 45 19.39 -15.48 -10.41
N ASP J 46 19.65 -16.43 -9.52
CA ASP J 46 18.59 -17.07 -8.76
C ASP J 46 17.85 -16.06 -7.89
N LYS J 47 18.60 -15.18 -7.21
CA LYS J 47 17.99 -14.21 -6.32
C LYS J 47 17.11 -13.22 -7.10
N ILE J 48 17.60 -12.76 -8.26
CA ILE J 48 16.83 -11.81 -9.06
C ILE J 48 15.59 -12.48 -9.64
N THR J 49 15.71 -13.74 -10.02
CA THR J 49 14.56 -14.50 -10.51
C THR J 49 13.49 -14.61 -9.43
N ASN J 50 13.93 -14.92 -8.22
CA ASN J 50 13.00 -15.00 -7.09
C ASN J 50 12.36 -13.65 -6.82
N LYS J 51 13.13 -12.58 -6.97
CA LYS J 51 12.62 -11.23 -6.74
C LYS J 51 11.51 -10.88 -7.74
N VAL J 52 11.75 -11.17 -9.01
CA VAL J 52 10.76 -10.89 -10.05
C VAL J 52 9.51 -11.72 -9.81
N ASN J 53 9.69 -13.00 -9.47
CA ASN J 53 8.55 -13.87 -9.22
C ASN J 53 7.76 -13.41 -8.00
N SER J 54 8.45 -12.90 -6.98
CA SER J 54 7.76 -12.41 -5.79
C SER J 54 6.96 -11.16 -6.11
N VAL J 55 7.52 -10.27 -6.93
CA VAL J 55 6.79 -9.05 -7.29
C VAL J 55 5.56 -9.40 -8.12
N ILE J 56 5.69 -10.36 -9.03
CA ILE J 56 4.61 -10.68 -9.95
C ILE J 56 3.55 -11.57 -9.32
N GLU J 57 3.95 -12.72 -8.79
CA GLU J 57 3.02 -13.77 -8.39
C GLU J 57 2.35 -13.52 -7.05
N LYS J 58 2.86 -12.60 -6.22
CA LYS J 58 2.17 -12.34 -4.95
C LYS J 58 0.85 -11.62 -5.16
N MET J 59 0.58 -11.13 -6.36
CA MET J 59 -0.68 -10.45 -6.65
C MET J 59 -1.76 -11.49 -6.91
N ASN J 60 -2.70 -11.62 -5.99
CA ASN J 60 -3.85 -12.51 -6.17
C ASN J 60 -5.03 -11.70 -6.69
N THR J 61 -5.81 -12.32 -7.56
CA THR J 61 -6.97 -11.68 -8.15
C THR J 61 -8.15 -12.64 -8.13
N GLN J 62 -9.34 -12.06 -8.15
CA GLN J 62 -10.58 -12.81 -8.18
C GLN J 62 -11.40 -12.36 -9.38
N PHE J 63 -12.34 -13.21 -9.79
CA PHE J 63 -13.23 -12.85 -10.90
C PHE J 63 -14.05 -11.64 -10.52
N THR J 64 -13.82 -10.52 -11.21
CA THR J 64 -14.47 -9.26 -10.90
C THR J 64 -15.16 -8.74 -12.15
N ALA J 65 -16.21 -7.95 -11.93
CA ALA J 65 -17.01 -7.40 -13.00
C ALA J 65 -17.11 -5.89 -12.86
N VAL J 66 -15.97 -5.22 -12.69
CA VAL J 66 -15.90 -3.78 -12.53
C VAL J 66 -16.75 -3.08 -13.58
N GLY J 67 -17.71 -2.28 -13.13
CA GLY J 67 -18.61 -1.62 -14.03
C GLY J 67 -20.06 -2.00 -13.78
N LYS J 68 -20.87 -1.03 -13.38
CA LYS J 68 -22.28 -1.26 -13.09
C LYS J 68 -23.10 -0.21 -13.80
N GLU J 69 -24.40 -0.50 -13.95
CA GLU J 69 -25.32 0.39 -14.64
C GLU J 69 -26.33 0.92 -13.64
N PHE J 70 -26.43 2.24 -13.55
CA PHE J 70 -27.35 2.92 -12.65
C PHE J 70 -28.20 3.89 -13.45
N ASN J 71 -29.50 3.93 -13.16
CA ASN J 71 -30.36 4.87 -13.86
C ASN J 71 -30.27 6.26 -13.22
N HIS J 72 -30.87 7.23 -13.77
CA HIS J 72 -30.73 8.65 -13.37
C HIS J 72 -31.12 8.95 -11.93
N LEU J 73 -32.03 8.10 -11.38
CA LEU J 73 -32.45 8.34 -10.02
C LEU J 73 -31.52 7.75 -8.97
N GLU J 74 -30.41 7.15 -9.38
CA GLU J 74 -29.40 6.62 -8.46
C GLU J 74 -28.06 7.27 -8.69
N LYS J 75 -28.03 8.61 -8.70
CA LYS J 75 -26.77 9.32 -8.99
C LYS J 75 -25.85 9.26 -7.77
N ARG J 76 -26.39 9.00 -6.60
CA ARG J 76 -25.57 8.86 -5.40
C ARG J 76 -24.81 7.54 -5.35
N ILE J 77 -25.48 6.42 -5.66
CA ILE J 77 -24.78 5.14 -5.70
C ILE J 77 -23.75 5.12 -6.81
N GLU J 78 -24.05 5.77 -7.94
CA GLU J 78 -23.10 5.88 -9.04
C GLU J 78 -21.86 6.66 -8.61
N ASN J 79 -22.06 7.75 -7.88
CA ASN J 79 -20.95 8.54 -7.37
C ASN J 79 -20.15 7.74 -6.36
N LEU J 80 -20.82 6.95 -5.52
CA LEU J 80 -20.11 6.10 -4.57
C LEU J 80 -19.26 5.06 -5.28
N ASN J 81 -19.78 4.47 -6.35
CA ASN J 81 -19.04 3.51 -7.15
C ASN J 81 -17.83 4.16 -7.80
N LYS J 82 -18.06 5.46 -8.22
CA LYS J 82 -16.94 6.21 -8.84
C LYS J 82 -15.90 6.43 -7.77
N LYS J 83 -16.28 6.73 -6.59
CA LYS J 83 -15.33 6.95 -5.50
C LYS J 83 -14.53 5.69 -5.20
N VAL J 84 -15.21 4.55 -5.18
CA VAL J 84 -14.55 3.27 -4.91
C VAL J 84 -13.52 3.00 -5.98
N ASP J 85 -13.88 3.24 -7.24
CA ASP J 85 -12.97 2.99 -8.35
C ASP J 85 -11.75 3.90 -8.30
N ASP J 86 -11.97 5.21 -8.12
CA ASP J 86 -10.86 6.15 -8.09
C ASP J 86 -9.93 5.94 -6.91
N GLY J 87 -10.48 5.61 -5.74
CA GLY J 87 -9.64 5.34 -4.60
C GLY J 87 -8.70 4.18 -4.83
N PHE J 88 -9.24 3.10 -5.39
CA PHE J 88 -8.45 1.92 -5.72
C PHE J 88 -7.38 2.27 -6.75
N LEU J 89 -7.76 3.05 -7.77
CA LEU J 89 -6.83 3.44 -8.81
C LEU J 89 -5.67 4.23 -8.22
N ASP J 90 -5.98 5.17 -7.33
CA ASP J 90 -4.95 6.00 -6.69
C ASP J 90 -4.01 5.14 -5.85
N ILE J 91 -4.58 4.26 -5.03
CA ILE J 91 -3.80 3.40 -4.17
C ILE J 91 -2.85 2.56 -5.00
N TRP J 92 -3.37 1.93 -6.05
CA TRP J 92 -2.57 1.00 -6.83
C TRP J 92 -1.49 1.72 -7.61
N THR J 93 -1.80 2.91 -8.14
CA THR J 93 -0.79 3.69 -8.84
C THR J 93 0.35 4.05 -7.90
N TYR J 94 0.03 4.60 -6.73
CA TYR J 94 1.07 5.01 -5.79
C TYR J 94 1.91 3.81 -5.37
N ASN J 95 1.26 2.71 -5.03
CA ASN J 95 1.95 1.51 -4.59
C ASN J 95 2.86 0.95 -5.67
N ALA J 96 2.39 0.86 -6.90
CA ALA J 96 3.19 0.32 -7.99
C ALA J 96 4.41 1.19 -8.27
N GLU J 97 4.22 2.49 -8.41
CA GLU J 97 5.34 3.38 -8.68
C GLU J 97 6.38 3.32 -7.56
N LEU J 98 5.93 3.39 -6.31
CA LEU J 98 6.89 3.42 -5.21
C LEU J 98 7.59 2.09 -5.05
N LEU J 99 6.87 0.99 -5.26
CA LEU J 99 7.49 -0.34 -5.17
C LEU J 99 8.57 -0.49 -6.24
N VAL J 100 8.29 -0.08 -7.47
CA VAL J 100 9.32 -0.17 -8.50
C VAL J 100 10.51 0.72 -8.17
N LEU J 101 10.25 1.95 -7.71
CA LEU J 101 11.34 2.87 -7.39
C LEU J 101 12.24 2.31 -6.31
N LEU J 102 11.67 1.72 -5.26
CA LEU J 102 12.50 1.17 -4.18
C LEU J 102 13.22 -0.10 -4.62
N GLU J 103 12.53 -0.94 -5.38
CA GLU J 103 13.11 -2.23 -5.73
C GLU J 103 14.28 -2.07 -6.69
N ASN J 104 14.23 -1.06 -7.56
CA ASN J 104 15.34 -0.80 -8.46
C ASN J 104 16.60 -0.43 -7.68
N GLU J 105 16.44 0.43 -6.66
CA GLU J 105 17.52 0.75 -5.75
C GLU J 105 18.11 -0.51 -5.13
N ARG J 106 17.23 -1.34 -4.57
CA ARG J 106 17.70 -2.55 -3.91
C ARG J 106 18.51 -3.42 -4.86
N THR J 107 18.03 -3.56 -6.09
CA THR J 107 18.75 -4.40 -7.07
C THR J 107 20.12 -3.83 -7.40
N LEU J 108 20.19 -2.52 -7.64
CA LEU J 108 21.47 -1.93 -8.03
C LEU J 108 22.49 -2.04 -6.90
N ASP J 109 22.07 -1.77 -5.65
CA ASP J 109 22.99 -1.96 -4.54
C ASP J 109 23.34 -3.43 -4.33
N TYR J 110 22.44 -4.35 -4.65
CA TYR J 110 22.79 -5.77 -4.58
C TYR J 110 23.94 -6.09 -5.52
N HIS J 111 23.88 -5.58 -6.75
CA HIS J 111 24.96 -5.83 -7.71
C HIS J 111 26.26 -5.18 -7.24
N ASP J 112 26.17 -3.96 -6.71
CA ASP J 112 27.36 -3.29 -6.19
C ASP J 112 27.99 -4.08 -5.06
N SER J 113 27.17 -4.61 -4.15
CA SER J 113 27.63 -5.42 -3.04
C SER J 113 28.33 -6.66 -3.55
N ASN J 114 27.77 -7.30 -4.57
CA ASN J 114 28.41 -8.49 -5.12
C ASN J 114 29.79 -8.20 -5.68
N VAL J 115 29.93 -7.10 -6.43
CA VAL J 115 31.23 -6.74 -6.99
C VAL J 115 32.24 -6.48 -5.88
N LYS J 116 31.82 -5.70 -4.87
CA LYS J 116 32.70 -5.39 -3.75
C LYS J 116 33.12 -6.64 -3.01
N ASN J 117 32.19 -7.56 -2.79
CA ASN J 117 32.50 -8.79 -2.07
C ASN J 117 33.48 -9.65 -2.84
N LEU J 118 33.33 -9.71 -4.16
CA LEU J 118 34.27 -10.46 -4.99
C LEU J 118 35.66 -9.87 -4.87
N TYR J 119 35.75 -8.54 -4.92
CA TYR J 119 37.03 -7.86 -4.77
C TYR J 119 37.65 -8.14 -3.42
N GLU J 120 36.85 -8.12 -2.37
CA GLU J 120 37.33 -8.39 -1.02
C GLU J 120 37.84 -9.83 -0.89
N LYS J 121 37.12 -10.77 -1.50
CA LYS J 121 37.53 -12.17 -1.43
C LYS J 121 38.89 -12.37 -2.08
N VAL J 122 39.09 -11.80 -3.28
CA VAL J 122 40.36 -11.97 -3.98
C VAL J 122 41.47 -11.34 -3.16
N ARG J 123 41.21 -10.15 -2.60
CA ARG J 123 42.21 -9.43 -1.83
C ARG J 123 42.64 -10.20 -0.59
N ASN J 124 41.67 -10.74 0.15
CA ASN J 124 41.98 -11.49 1.35
C ASN J 124 42.63 -12.83 1.04
N GLN J 125 42.37 -13.39 -0.14
CA GLN J 125 43.12 -14.57 -0.55
C GLN J 125 44.57 -14.24 -0.83
N LEU J 126 44.81 -13.18 -1.60
CA LEU J 126 46.17 -12.88 -2.05
C LEU J 126 47.05 -12.39 -0.90
N LYS J 127 46.46 -11.60 0.01
CA LYS J 127 47.21 -11.00 1.13
C LYS J 127 48.30 -10.12 0.54
N ASN J 128 49.58 -10.34 0.86
CA ASN J 128 50.67 -9.52 0.33
C ASN J 128 51.38 -10.19 -0.83
N ASN J 129 50.88 -11.31 -1.34
CA ASN J 129 51.50 -11.94 -2.49
C ASN J 129 51.25 -11.14 -3.76
N ALA J 130 50.30 -10.22 -3.73
CA ALA J 130 50.03 -9.31 -4.82
C ALA J 130 49.88 -7.90 -4.27
N LYS J 131 49.73 -6.93 -5.16
CA LYS J 131 49.57 -5.53 -4.77
C LYS J 131 48.41 -4.93 -5.53
N GLU J 132 47.72 -3.98 -4.89
CA GLU J 132 46.51 -3.38 -5.44
C GLU J 132 46.89 -2.12 -6.20
N ILE J 133 46.60 -2.11 -7.50
CA ILE J 133 46.99 -0.97 -8.33
C ILE J 133 45.91 0.10 -8.34
N GLY J 134 44.66 -0.27 -8.07
CA GLY J 134 43.64 0.73 -7.83
C GLY J 134 42.34 0.57 -8.60
N ASN J 135 42.40 0.07 -9.82
CA ASN J 135 41.22 -0.06 -10.67
C ASN J 135 40.55 -1.41 -10.53
N GLY J 136 40.71 -2.06 -9.38
CA GLY J 136 40.21 -3.39 -9.19
C GLY J 136 41.17 -4.50 -9.56
N CYS J 137 42.41 -4.17 -9.88
CA CYS J 137 43.40 -5.17 -10.29
C CYS J 137 44.47 -5.38 -9.23
N PHE J 138 45.05 -6.58 -9.29
CA PHE J 138 46.16 -7.00 -8.44
C PHE J 138 47.30 -7.38 -9.36
N GLU J 139 48.48 -6.81 -9.12
CA GLU J 139 49.70 -7.21 -9.78
C GLU J 139 50.43 -8.20 -8.88
N PHE J 140 50.72 -9.38 -9.41
CA PHE J 140 51.32 -10.45 -8.61
C PHE J 140 52.80 -10.21 -8.45
N TYR J 141 53.29 -10.32 -7.21
CA TYR J 141 54.73 -10.24 -6.97
C TYR J 141 55.47 -11.47 -7.45
N HIS J 142 54.73 -12.56 -7.65
CA HIS J 142 55.32 -13.81 -8.17
C HIS J 142 54.79 -14.07 -9.57
N LYS J 143 54.93 -15.32 -10.04
CA LYS J 143 54.44 -15.70 -11.38
C LYS J 143 53.22 -16.61 -11.22
N CYS J 144 52.01 -16.10 -11.48
CA CYS J 144 50.77 -16.90 -11.32
C CYS J 144 50.42 -17.40 -12.73
N ASP J 145 50.58 -18.69 -12.98
CA ASP J 145 50.22 -19.32 -14.28
C ASP J 145 48.72 -19.60 -14.33
N ASN J 146 48.23 -20.27 -15.38
CA ASN J 146 46.81 -20.53 -15.48
C ASN J 146 46.29 -21.33 -14.29
N THR J 147 47.05 -22.31 -13.82
CA THR J 147 46.62 -23.09 -12.66
C THR J 147 46.45 -22.22 -11.42
N CYS J 148 47.43 -21.34 -11.16
CA CYS J 148 47.33 -20.43 -10.03
C CYS J 148 46.12 -19.51 -10.18
N MET J 149 45.85 -19.04 -11.40
CA MET J 149 44.73 -18.14 -11.60
C MET J 149 43.40 -18.84 -11.37
N GLU J 150 43.23 -20.05 -11.91
CA GLU J 150 41.98 -20.75 -11.63
C GLU J 150 41.86 -21.17 -10.18
N SER J 151 42.99 -21.30 -9.48
CA SER J 151 42.95 -21.42 -8.02
C SER J 151 42.42 -20.17 -7.36
N VAL J 152 42.81 -18.98 -7.84
CA VAL J 152 42.29 -17.75 -7.25
C VAL J 152 40.80 -17.63 -7.50
N LYS J 153 40.35 -17.94 -8.72
CA LYS J 153 38.95 -17.84 -9.09
C LYS J 153 38.09 -18.94 -8.51
N ASN J 154 38.64 -19.77 -7.62
CA ASN J 154 37.89 -20.85 -7.00
C ASN J 154 37.91 -20.83 -5.49
N GLY J 155 38.78 -20.03 -4.85
CA GLY J 155 38.89 -20.01 -3.41
C GLY J 155 39.95 -20.93 -2.86
N THR J 156 40.80 -21.51 -3.70
CA THR J 156 41.82 -22.45 -3.28
C THR J 156 43.24 -21.91 -3.52
N TYR J 157 43.46 -20.64 -3.26
CA TYR J 157 44.79 -20.07 -3.39
C TYR J 157 45.72 -20.65 -2.35
N ASP J 158 47.01 -20.64 -2.64
CA ASP J 158 47.99 -21.41 -1.88
C ASP J 158 49.13 -20.52 -1.39
N TYR J 159 48.80 -19.43 -0.72
CA TYR J 159 49.73 -18.42 -0.21
C TYR J 159 51.06 -18.99 0.29
N PRO J 160 51.08 -20.07 1.11
CA PRO J 160 52.37 -20.66 1.48
C PRO J 160 52.91 -21.62 0.43
N LYS J 161 52.86 -21.20 -0.83
CA LYS J 161 53.50 -21.90 -1.94
C LYS J 161 54.29 -20.89 -2.73
N TYR J 162 53.80 -19.66 -2.77
CA TYR J 162 54.48 -18.55 -3.44
C TYR J 162 54.89 -17.45 -2.46
N SER J 163 54.76 -17.70 -1.16
CA SER J 163 55.17 -16.70 -0.17
C SER J 163 56.64 -16.34 -0.31
N GLU J 164 57.52 -17.33 -0.49
CA GLU J 164 58.95 -17.06 -0.58
C GLU J 164 59.30 -16.26 -1.82
N GLU J 165 58.72 -16.64 -2.96
CA GLU J 165 58.98 -15.91 -4.20
C GLU J 165 58.47 -14.48 -4.11
N ALA J 166 57.29 -14.28 -3.55
CA ALA J 166 56.77 -12.93 -3.36
C ALA J 166 57.63 -12.10 -2.41
N LYS J 167 58.13 -12.69 -1.34
CA LYS J 167 59.03 -11.99 -0.44
C LYS J 167 60.32 -11.59 -1.13
N LEU J 168 60.87 -12.49 -1.96
CA LEU J 168 62.08 -12.15 -2.70
C LEU J 168 61.83 -11.01 -3.68
N ASN J 169 60.68 -10.99 -4.32
CA ASN J 169 60.38 -9.97 -5.32
C ASN J 169 59.74 -8.72 -4.72
N ARG J 170 59.92 -8.49 -3.43
CA ARG J 170 59.33 -7.32 -2.79
C ARG J 170 60.38 -6.47 -2.09
N LEU K 2 24.12 -6.34 1.23
CA LEU K 2 24.77 -7.50 1.81
C LEU K 2 26.26 -7.20 2.01
N PHE K 3 26.75 -7.37 3.25
CA PHE K 3 28.13 -6.93 3.61
C PHE K 3 29.19 -8.02 3.47
N GLY K 4 28.90 -9.28 3.78
CA GLY K 4 29.88 -10.35 3.54
C GLY K 4 30.36 -11.02 4.80
N ALA K 5 29.67 -10.83 5.92
CA ALA K 5 30.13 -11.39 7.20
C ALA K 5 29.44 -12.72 7.42
N ILE K 6 28.14 -12.66 7.63
CA ILE K 6 27.36 -13.91 7.87
C ILE K 6 27.39 -14.67 6.55
N ALA K 7 27.85 -15.91 6.58
CA ALA K 7 28.07 -16.70 5.35
C ALA K 7 29.31 -16.23 4.59
N GLY K 8 29.82 -14.99 4.80
CA GLY K 8 31.03 -14.66 4.09
C GLY K 8 32.29 -15.17 4.77
N PHE K 9 33.18 -14.25 5.16
CA PHE K 9 34.45 -14.68 5.73
C PHE K 9 34.30 -15.29 7.11
N ILE K 10 33.13 -15.16 7.74
CA ILE K 10 32.80 -15.90 8.94
C ILE K 10 31.70 -16.89 8.57
N GLU K 11 32.08 -18.12 8.20
CA GLU K 11 31.17 -19.03 7.53
C GLU K 11 30.39 -19.92 8.50
N GLY K 12 30.41 -19.63 9.78
CA GLY K 12 29.68 -20.44 10.74
C GLY K 12 29.24 -19.62 11.93
N GLY K 13 28.12 -20.05 12.51
CA GLY K 13 27.64 -19.49 13.76
C GLY K 13 28.06 -20.35 14.94
N TRP K 14 27.88 -19.79 16.12
CA TRP K 14 28.28 -20.43 17.37
C TRP K 14 27.04 -20.75 18.19
N THR K 15 26.80 -22.03 18.44
CA THR K 15 25.68 -22.42 19.29
C THR K 15 25.99 -22.14 20.75
N GLY K 16 27.26 -22.08 21.11
CA GLY K 16 27.62 -21.89 22.50
C GLY K 16 27.42 -20.49 23.00
N MET K 17 27.42 -19.51 22.10
CA MET K 17 27.20 -18.10 22.48
C MET K 17 25.70 -17.84 22.57
N VAL K 18 25.10 -18.13 23.72
CA VAL K 18 23.68 -17.92 23.93
C VAL K 18 23.39 -16.63 24.68
N ASP K 19 24.41 -15.91 25.15
CA ASP K 19 24.20 -14.68 25.89
C ASP K 19 23.92 -13.48 24.99
N GLY K 20 24.17 -13.60 23.69
CA GLY K 20 23.97 -12.49 22.80
C GLY K 20 23.91 -12.94 21.36
N TRP K 21 24.01 -11.96 20.48
CA TRP K 21 23.94 -12.19 19.04
C TRP K 21 25.31 -12.18 18.36
N TYR K 22 26.14 -11.21 18.73
CA TYR K 22 27.48 -11.04 18.12
C TYR K 22 28.52 -10.99 19.21
N GLY K 23 29.59 -11.77 19.15
CA GLY K 23 30.55 -11.82 20.22
C GLY K 23 31.91 -12.31 19.81
N TYR K 24 32.70 -12.64 20.83
CA TYR K 24 34.10 -13.00 20.69
C TYR K 24 34.34 -14.38 21.27
N HIS K 25 35.37 -15.05 20.73
CA HIS K 25 35.87 -16.31 21.26
C HIS K 25 37.37 -16.14 21.43
N HIS K 26 37.84 -16.19 22.67
CA HIS K 26 39.23 -15.94 22.99
C HIS K 26 39.90 -17.21 23.46
N GLN K 27 41.17 -17.36 23.10
CA GLN K 27 41.99 -18.49 23.53
C GLN K 27 43.37 -17.96 23.86
N ASN K 28 43.80 -18.13 25.11
CA ASN K 28 45.14 -17.75 25.52
C ASN K 28 45.68 -18.83 26.44
N GLU K 29 46.84 -18.56 27.04
CA GLU K 29 47.47 -19.53 27.92
C GLU K 29 46.74 -19.68 29.24
N GLN K 30 45.77 -18.82 29.53
CA GLN K 30 45.06 -18.88 30.78
C GLN K 30 43.62 -19.40 30.66
N GLY K 31 43.03 -19.34 29.47
CA GLY K 31 41.72 -19.92 29.27
C GLY K 31 41.22 -19.64 27.88
N SER K 32 40.08 -20.27 27.57
CA SER K 32 39.35 -20.05 26.34
C SER K 32 37.87 -19.89 26.66
N GLY K 33 37.17 -19.18 25.81
CA GLY K 33 35.73 -19.07 26.01
C GLY K 33 35.10 -18.03 25.12
N TYR K 34 33.77 -18.06 25.12
CA TYR K 34 32.91 -17.14 24.38
C TYR K 34 32.48 -15.99 25.29
N ALA K 35 32.12 -14.88 24.65
CA ALA K 35 31.64 -13.72 25.38
C ALA K 35 30.90 -12.80 24.40
N ALA K 36 29.64 -12.51 24.69
CA ALA K 36 28.88 -11.66 23.81
C ALA K 36 29.31 -10.21 23.92
N ASP K 37 29.18 -9.47 22.83
CA ASP K 37 29.42 -8.03 22.83
C ASP K 37 28.15 -7.36 23.35
N LEU K 38 28.26 -6.73 24.53
CA LEU K 38 27.07 -6.22 25.20
C LEU K 38 26.46 -5.05 24.45
N LYS K 39 27.29 -4.10 24.00
CA LYS K 39 26.75 -2.88 23.41
C LYS K 39 26.02 -3.16 22.11
N SER K 40 26.67 -3.88 21.20
CA SER K 40 26.04 -4.16 19.90
C SER K 40 24.81 -5.02 20.06
N THR K 41 24.87 -6.03 20.93
CA THR K 41 23.71 -6.89 21.15
C THR K 41 22.54 -6.11 21.73
N GLN K 42 22.81 -5.25 22.71
CA GLN K 42 21.72 -4.49 23.31
C GLN K 42 21.12 -3.52 22.31
N ASN K 43 21.96 -2.84 21.53
CA ASN K 43 21.44 -1.93 20.51
C ASN K 43 20.61 -2.68 19.48
N ALA K 44 21.09 -3.84 19.03
CA ALA K 44 20.33 -4.62 18.06
C ALA K 44 19.00 -5.07 18.63
N ILE K 45 18.99 -5.51 19.89
CA ILE K 45 17.75 -5.97 20.51
C ILE K 45 16.74 -4.83 20.57
N ASP K 46 17.20 -3.65 21.00
CA ASP K 46 16.30 -2.49 21.07
C ASP K 46 15.77 -2.11 19.70
N LYS K 47 16.64 -2.12 18.68
CA LYS K 47 16.20 -1.72 17.35
C LYS K 47 15.21 -2.70 16.76
N ILE K 48 15.43 -4.01 16.97
CA ILE K 48 14.51 -5.00 16.45
C ILE K 48 13.17 -4.93 17.19
N THR K 49 13.21 -4.65 18.50
CA THR K 49 11.97 -4.45 19.24
C THR K 49 11.19 -3.28 18.67
N ASN K 50 11.89 -2.19 18.36
CA ASN K 50 11.22 -1.03 17.77
C ASN K 50 10.66 -1.35 16.40
N LYS K 51 11.38 -2.16 15.61
CA LYS K 51 10.90 -2.53 14.29
C LYS K 51 9.60 -3.35 14.39
N VAL K 52 9.58 -4.33 15.28
CA VAL K 52 8.39 -5.15 15.45
C VAL K 52 7.22 -4.30 15.93
N ASN K 53 7.47 -3.41 16.90
CA ASN K 53 6.42 -2.55 17.40
C ASN K 53 5.92 -1.58 16.34
N SER K 54 6.80 -1.12 15.45
CA SER K 54 6.36 -0.22 14.38
C SER K 54 5.50 -0.97 13.37
N VAL K 55 5.88 -2.20 13.02
CA VAL K 55 5.08 -2.97 12.08
C VAL K 55 3.71 -3.29 12.69
N ILE K 56 3.66 -3.53 14.00
CA ILE K 56 2.40 -3.94 14.62
C ILE K 56 1.52 -2.74 14.95
N GLU K 57 2.04 -1.82 15.77
CA GLU K 57 1.23 -0.78 16.39
C GLU K 57 0.88 0.38 15.45
N LYS K 58 1.46 0.45 14.27
CA LYS K 58 1.09 1.53 13.35
C LYS K 58 -0.22 1.26 12.63
N MET K 59 -0.82 0.09 12.82
CA MET K 59 -2.10 -0.25 12.21
C MET K 59 -3.21 0.27 13.11
N ASN K 60 -3.91 1.29 12.65
CA ASN K 60 -5.07 1.83 13.35
C ASN K 60 -6.34 1.20 12.78
N THR K 61 -7.26 0.84 13.66
CA THR K 61 -8.53 0.24 13.26
C THR K 61 -9.68 0.93 13.99
N GLN K 62 -10.76 1.15 13.26
CA GLN K 62 -11.99 1.67 13.82
C GLN K 62 -13.00 0.54 13.98
N PHE K 63 -13.99 0.78 14.83
CA PHE K 63 -15.06 -0.19 15.01
C PHE K 63 -15.82 -0.36 13.71
N THR K 64 -15.67 -1.53 13.09
CA THR K 64 -16.25 -1.81 11.80
C THR K 64 -17.26 -2.94 11.92
N ALA K 65 -18.23 -2.96 11.00
CA ALA K 65 -19.30 -3.95 10.97
C ALA K 65 -19.39 -4.57 9.58
N VAL K 66 -18.25 -5.05 9.08
CA VAL K 66 -18.21 -5.70 7.77
C VAL K 66 -19.30 -6.76 7.70
N GLY K 67 -20.08 -6.72 6.63
CA GLY K 67 -21.20 -7.62 6.49
C GLY K 67 -22.52 -6.89 6.42
N LYS K 68 -23.14 -6.89 5.24
CA LYS K 68 -24.38 -6.19 5.00
C LYS K 68 -25.40 -7.15 4.38
N GLU K 69 -26.67 -6.83 4.56
CA GLU K 69 -27.75 -7.67 4.06
C GLU K 69 -28.56 -6.91 3.01
N PHE K 70 -28.73 -7.54 1.84
CA PHE K 70 -29.48 -6.98 0.74
C PHE K 70 -30.43 -8.02 0.20
N ASN K 71 -31.64 -7.60 -0.17
CA ASN K 71 -32.61 -8.52 -0.74
C ASN K 71 -32.33 -8.74 -2.23
N HIS K 72 -33.19 -9.54 -2.86
CA HIS K 72 -32.96 -9.94 -4.24
C HIS K 72 -33.09 -8.79 -5.22
N LEU K 73 -33.73 -7.70 -4.82
CA LEU K 73 -33.91 -6.54 -5.70
C LEU K 73 -32.80 -5.51 -5.55
N GLU K 74 -31.77 -5.80 -4.76
CA GLU K 74 -30.62 -4.94 -4.58
C GLU K 74 -29.34 -5.70 -4.87
N LYS K 75 -29.31 -6.41 -5.99
CA LYS K 75 -28.11 -7.15 -6.35
C LYS K 75 -26.96 -6.22 -6.72
N ARG K 76 -27.25 -5.03 -7.24
CA ARG K 76 -26.18 -4.13 -7.65
C ARG K 76 -25.44 -3.57 -6.44
N ILE K 77 -26.16 -3.16 -5.40
CA ILE K 77 -25.49 -2.67 -4.20
C ILE K 77 -24.74 -3.81 -3.52
N GLU K 78 -25.28 -5.03 -3.58
CA GLU K 78 -24.57 -6.18 -3.03
C GLU K 78 -23.26 -6.42 -3.77
N ASN K 79 -23.28 -6.33 -5.10
CA ASN K 79 -22.06 -6.47 -5.87
C ASN K 79 -21.08 -5.34 -5.60
N LEU K 80 -21.57 -4.12 -5.39
CA LEU K 80 -20.68 -3.02 -5.01
C LEU K 80 -20.01 -3.27 -3.67
N ASN K 81 -20.77 -3.75 -2.70
CA ASN K 81 -20.19 -4.10 -1.40
C ASN K 81 -19.16 -5.21 -1.56
N LYS K 82 -19.48 -6.22 -2.36
CA LYS K 82 -18.54 -7.30 -2.59
C LYS K 82 -17.27 -6.79 -3.24
N LYS K 83 -17.40 -5.85 -4.19
CA LYS K 83 -16.25 -5.26 -4.86
C LYS K 83 -15.35 -4.52 -3.88
N VAL K 84 -15.95 -3.71 -3.02
CA VAL K 84 -15.18 -3.04 -1.97
C VAL K 84 -14.42 -4.07 -1.16
N ASP K 85 -15.10 -5.16 -0.79
CA ASP K 85 -14.47 -6.18 0.04
C ASP K 85 -13.26 -6.80 -0.64
N ASP K 86 -13.41 -7.27 -1.88
CA ASP K 86 -12.27 -8.00 -2.43
C ASP K 86 -11.15 -7.04 -2.80
N GLY K 87 -11.49 -5.80 -3.17
CA GLY K 87 -10.44 -4.82 -3.42
C GLY K 87 -9.60 -4.56 -2.20
N PHE K 88 -10.25 -4.38 -1.05
CA PHE K 88 -9.51 -4.24 0.19
C PHE K 88 -8.68 -5.49 0.48
N LEU K 89 -9.25 -6.66 0.19
CA LEU K 89 -8.53 -7.90 0.41
C LEU K 89 -7.25 -7.97 -0.39
N ASP K 90 -7.31 -7.63 -1.68
CA ASP K 90 -6.11 -7.68 -2.50
C ASP K 90 -5.10 -6.63 -2.07
N ILE K 91 -5.55 -5.42 -1.76
CA ILE K 91 -4.64 -4.37 -1.31
C ILE K 91 -3.88 -4.84 -0.08
N TRP K 92 -4.61 -5.35 0.91
CA TRP K 92 -3.97 -5.73 2.16
C TRP K 92 -3.07 -6.94 2.00
N THR K 93 -3.49 -7.92 1.20
CA THR K 93 -2.65 -9.09 0.97
C THR K 93 -1.32 -8.70 0.32
N TYR K 94 -1.39 -7.95 -0.78
CA TYR K 94 -0.16 -7.56 -1.47
C TYR K 94 0.72 -6.72 -0.56
N ASN K 95 0.13 -5.76 0.15
CA ASN K 95 0.93 -4.88 1.00
C ASN K 95 1.60 -5.66 2.13
N ALA K 96 0.86 -6.54 2.79
CA ALA K 96 1.44 -7.30 3.89
C ALA K 96 2.55 -8.22 3.42
N GLU K 97 2.31 -8.95 2.33
CA GLU K 97 3.32 -9.89 1.84
C GLU K 97 4.59 -9.15 1.44
N LEU K 98 4.45 -8.07 0.67
CA LEU K 98 5.64 -7.34 0.23
C LEU K 98 6.35 -6.69 1.41
N LEU K 99 5.59 -6.15 2.37
CA LEU K 99 6.21 -5.53 3.53
C LEU K 99 7.04 -6.52 4.32
N VAL K 100 6.50 -7.72 4.57
CA VAL K 100 7.25 -8.72 5.32
C VAL K 100 8.47 -9.18 4.54
N LEU K 101 8.32 -9.37 3.23
CA LEU K 101 9.45 -9.79 2.40
C LEU K 101 10.58 -8.78 2.46
N LEU K 102 10.26 -7.49 2.42
CA LEU K 102 11.32 -6.48 2.46
C LEU K 102 11.89 -6.31 3.87
N GLU K 103 11.05 -6.42 4.88
CA GLU K 103 11.53 -6.22 6.26
C GLU K 103 12.48 -7.36 6.64
N ASN K 104 12.27 -8.58 6.14
CA ASN K 104 13.19 -9.66 6.43
C ASN K 104 14.57 -9.38 5.84
N GLU K 105 14.60 -8.82 4.63
CA GLU K 105 15.85 -8.41 4.02
C GLU K 105 16.56 -7.36 4.87
N ARG K 106 15.81 -6.36 5.31
CA ARG K 106 16.40 -5.31 6.13
C ARG K 106 17.01 -5.90 7.40
N THR K 107 16.31 -6.85 8.04
CA THR K 107 16.80 -7.43 9.29
C THR K 107 18.08 -8.23 9.06
N LEU K 108 18.10 -9.07 8.03
CA LEU K 108 19.29 -9.88 7.79
C LEU K 108 20.49 -9.00 7.42
N ASP K 109 20.26 -7.97 6.62
CA ASP K 109 21.33 -7.04 6.29
C ASP K 109 21.82 -6.31 7.54
N TYR K 110 20.91 -5.98 8.45
CA TYR K 110 21.30 -5.33 9.70
C TYR K 110 22.23 -6.21 10.50
N HIS K 111 21.90 -7.49 10.64
CA HIS K 111 22.76 -8.39 11.42
C HIS K 111 24.13 -8.56 10.75
N ASP K 112 24.14 -8.70 9.42
CA ASP K 112 25.41 -8.81 8.71
C ASP K 112 26.27 -7.56 8.91
N SER K 113 25.65 -6.39 8.84
CA SER K 113 26.39 -5.14 9.02
C SER K 113 26.94 -5.05 10.43
N ASN K 114 26.17 -5.48 11.43
CA ASN K 114 26.68 -5.46 12.80
C ASN K 114 27.92 -6.34 12.95
N VAL K 115 27.88 -7.55 12.40
CA VAL K 115 29.04 -8.43 12.49
C VAL K 115 30.25 -7.82 11.81
N LYS K 116 30.05 -7.27 10.61
CA LYS K 116 31.16 -6.64 9.88
C LYS K 116 31.73 -5.45 10.65
N ASN K 117 30.87 -4.64 11.24
CA ASN K 117 31.34 -3.48 11.98
C ASN K 117 32.12 -3.88 13.23
N LEU K 118 31.68 -4.93 13.91
CA LEU K 118 32.45 -5.44 15.05
C LEU K 118 33.83 -5.88 14.62
N TYR K 119 33.90 -6.63 13.52
CA TYR K 119 35.20 -7.07 13.01
C TYR K 119 36.09 -5.88 12.67
N GLU K 120 35.51 -4.86 12.03
CA GLU K 120 36.29 -3.68 11.65
C GLU K 120 36.78 -2.93 12.87
N LYS K 121 35.96 -2.83 13.90
CA LYS K 121 36.39 -2.16 15.12
C LYS K 121 37.59 -2.86 15.75
N VAL K 122 37.51 -4.18 15.88
CA VAL K 122 38.63 -4.92 16.47
C VAL K 122 39.88 -4.80 15.58
N ARG K 123 39.69 -4.84 14.26
CA ARG K 123 40.83 -4.70 13.35
C ARG K 123 41.52 -3.36 13.52
N ASN K 124 40.75 -2.27 13.50
CA ASN K 124 41.32 -0.94 13.65
C ASN K 124 41.94 -0.73 15.01
N GLN K 125 41.48 -1.44 16.04
CA GLN K 125 42.11 -1.30 17.37
C GLN K 125 43.44 -2.06 17.40
N LEU K 126 43.47 -3.28 16.86
CA LEU K 126 44.69 -4.06 16.99
C LEU K 126 45.78 -3.55 16.06
N LYS K 127 45.42 -3.06 14.88
CA LYS K 127 46.38 -2.54 13.90
C LYS K 127 47.35 -3.67 13.56
N ASN K 128 48.66 -3.45 13.60
CA ASN K 128 49.64 -4.48 13.27
C ASN K 128 50.12 -5.25 14.48
N ASN K 129 49.52 -5.04 15.65
CA ASN K 129 49.83 -5.84 16.82
C ASN K 129 49.26 -7.24 16.72
N ALA K 130 48.42 -7.51 15.72
CA ALA K 130 47.88 -8.84 15.50
C ALA K 130 47.66 -9.03 14.00
N LYS K 131 47.62 -10.29 13.58
CA LYS K 131 47.43 -10.65 12.18
C LYS K 131 46.08 -11.31 11.97
N GLU K 132 45.55 -11.13 10.77
CA GLU K 132 44.29 -11.73 10.36
C GLU K 132 44.60 -13.13 9.81
N ILE K 133 44.13 -14.15 10.51
CA ILE K 133 44.51 -15.52 10.16
C ILE K 133 43.37 -16.20 9.40
N GLY K 134 42.45 -15.42 8.86
CA GLY K 134 41.42 -16.01 8.04
C GLY K 134 40.00 -15.81 8.52
N ASN K 135 39.39 -16.86 9.05
CA ASN K 135 37.97 -16.87 9.35
C ASN K 135 37.74 -15.97 10.56
N GLY K 136 37.70 -14.68 10.31
CA GLY K 136 37.27 -13.72 11.31
C GLY K 136 38.05 -13.66 12.60
N CYS K 137 39.30 -14.16 12.60
CA CYS K 137 40.15 -14.29 13.81
C CYS K 137 41.50 -13.56 13.72
N PHE K 138 42.06 -13.07 14.83
CA PHE K 138 43.34 -12.39 14.93
C PHE K 138 44.25 -13.20 15.83
N GLU K 139 45.48 -13.39 15.38
CA GLU K 139 46.55 -13.95 16.19
C GLU K 139 47.44 -12.82 16.67
N PHE K 140 47.55 -12.66 17.99
CA PHE K 140 48.33 -11.58 18.55
C PHE K 140 49.81 -11.85 18.39
N TYR K 141 50.57 -10.78 18.11
CA TYR K 141 52.02 -10.85 18.08
C TYR K 141 52.64 -10.68 19.46
N HIS K 142 51.82 -10.48 20.49
CA HIS K 142 52.27 -10.37 21.86
C HIS K 142 51.43 -11.28 22.73
N LYS K 143 51.57 -11.13 24.05
CA LYS K 143 50.86 -11.96 25.01
C LYS K 143 49.63 -11.21 25.52
N CYS K 144 48.45 -11.68 25.11
CA CYS K 144 47.17 -11.16 25.60
C CYS K 144 46.72 -12.03 26.76
N ASP K 145 46.66 -11.45 27.95
CA ASP K 145 46.04 -12.09 29.10
C ASP K 145 44.55 -11.76 29.09
N ASN K 146 43.86 -12.07 30.18
CA ASN K 146 42.43 -11.78 30.23
C ASN K 146 42.17 -10.27 30.24
N THR K 147 43.05 -9.51 30.89
CA THR K 147 42.89 -8.06 30.92
C THR K 147 43.03 -7.46 29.53
N CYS K 148 44.02 -7.93 28.78
CA CYS K 148 44.22 -7.43 27.41
C CYS K 148 43.02 -7.75 26.53
N MET K 149 42.50 -8.98 26.64
CA MET K 149 41.32 -9.35 25.87
C MET K 149 40.11 -8.51 26.26
N GLU K 150 39.90 -8.32 27.56
CA GLU K 150 38.76 -7.51 28.00
C GLU K 150 38.89 -6.08 27.54
N SER K 151 40.12 -5.57 27.46
CA SER K 151 40.34 -4.25 26.87
C SER K 151 39.95 -4.24 25.40
N VAL K 152 40.28 -5.30 24.67
CA VAL K 152 39.88 -5.37 23.26
C VAL K 152 38.36 -5.36 23.14
N LYS K 153 37.68 -6.13 23.98
CA LYS K 153 36.23 -6.22 23.91
C LYS K 153 35.52 -4.99 24.48
N ASN K 154 36.21 -4.18 25.28
CA ASN K 154 35.62 -2.98 25.84
C ASN K 154 35.83 -1.74 24.99
N GLY K 155 36.80 -1.77 24.08
CA GLY K 155 37.09 -0.63 23.24
C GLY K 155 38.25 0.23 23.69
N THR K 156 39.01 -0.19 24.69
CA THR K 156 40.08 0.60 25.27
C THR K 156 41.42 -0.10 25.14
N TYR K 157 41.70 -0.65 23.96
CA TYR K 157 42.97 -1.32 23.74
C TYR K 157 44.11 -0.32 23.73
N ASP K 158 45.27 -0.74 24.22
CA ASP K 158 46.45 0.10 24.35
C ASP K 158 47.51 -0.39 23.36
N TYR K 159 47.52 0.21 22.17
CA TYR K 159 48.56 -0.12 21.18
C TYR K 159 49.95 0.23 21.69
N PRO K 160 50.22 1.45 22.19
CA PRO K 160 51.52 1.68 22.84
C PRO K 160 51.51 1.12 24.25
N LYS K 161 52.15 -0.03 24.41
CA LYS K 161 52.16 -0.85 25.62
C LYS K 161 52.61 -2.23 25.18
N TYR K 162 52.07 -2.68 24.05
CA TYR K 162 52.47 -3.91 23.41
C TYR K 162 53.11 -3.69 22.05
N SER K 163 53.25 -2.44 21.61
CA SER K 163 53.84 -2.19 20.30
C SER K 163 55.26 -2.74 20.21
N GLU K 164 56.06 -2.57 21.26
CA GLU K 164 57.45 -3.03 21.22
C GLU K 164 57.53 -4.55 21.13
N GLU K 165 56.74 -5.25 21.94
CA GLU K 165 56.73 -6.71 21.89
C GLU K 165 56.25 -7.21 20.54
N ALA K 166 55.21 -6.57 19.99
CA ALA K 166 54.72 -6.96 18.68
C ALA K 166 55.79 -6.76 17.60
N LYS K 167 56.52 -5.65 17.67
CA LYS K 167 57.59 -5.42 16.73
C LYS K 167 58.68 -6.47 16.85
N LEU K 168 59.02 -6.86 18.08
CA LEU K 168 60.03 -7.87 18.27
C LEU K 168 59.60 -9.21 17.67
N ASN K 169 58.35 -9.60 17.89
CA ASN K 169 57.90 -10.91 17.41
C ASN K 169 57.52 -10.93 15.94
N ARG K 170 57.32 -9.77 15.33
CA ARG K 170 56.91 -9.72 13.93
C ARG K 170 58.10 -9.98 13.01
N LEU L 2 23.71 -0.31 7.44
CA LEU L 2 24.52 0.62 8.23
C LEU L 2 26.00 0.34 7.97
N PHE L 3 26.77 1.38 7.63
CA PHE L 3 28.18 1.17 7.17
C PHE L 3 29.21 1.39 8.24
N GLY L 4 29.06 2.38 9.11
CA GLY L 4 30.00 2.48 10.24
C GLY L 4 30.70 3.80 10.30
N ALA L 5 30.30 4.76 9.49
CA ALA L 5 31.02 6.04 9.45
C ALA L 5 30.34 7.00 10.41
N ILE L 6 29.16 7.48 10.04
CA ILE L 6 28.47 8.47 10.90
C ILE L 6 28.19 7.79 12.23
N ALA L 7 28.75 8.31 13.31
CA ALA L 7 28.68 7.67 14.64
C ALA L 7 29.61 6.46 14.74
N GLY L 8 30.06 5.84 13.63
CA GLY L 8 31.04 4.80 13.81
C GLY L 8 32.42 5.35 14.13
N PHE L 9 33.39 5.12 13.24
CA PHE L 9 34.75 5.54 13.55
C PHE L 9 34.94 7.04 13.49
N ILE L 10 34.00 7.79 12.92
CA ILE L 10 33.99 9.25 13.02
C ILE L 10 32.87 9.61 13.99
N GLU L 11 33.22 9.98 15.22
CA GLU L 11 32.26 10.04 16.31
C GLU L 11 31.52 11.37 16.41
N GLY L 12 31.82 12.35 15.57
CA GLY L 12 31.15 13.62 15.67
C GLY L 12 31.13 14.36 14.35
N GLY L 13 30.17 15.28 14.25
CA GLY L 13 30.06 16.15 13.11
C GLY L 13 30.73 17.50 13.35
N TRP L 14 30.77 18.30 12.30
CA TRP L 14 31.41 19.61 12.32
C TRP L 14 30.35 20.68 12.14
N THR L 15 30.11 21.44 13.21
CA THR L 15 29.19 22.57 13.14
C THR L 15 29.75 23.69 12.26
N GLY L 16 31.06 23.79 12.16
CA GLY L 16 31.70 24.83 11.37
C GLY L 16 31.72 24.61 9.88
N MET L 17 31.39 23.41 9.42
CA MET L 17 31.30 23.13 7.99
C MET L 17 29.85 23.29 7.57
N VAL L 18 29.56 24.40 6.89
CA VAL L 18 28.20 24.71 6.45
C VAL L 18 28.05 24.67 4.94
N ASP L 19 29.14 24.56 4.19
CA ASP L 19 29.08 24.63 2.74
C ASP L 19 28.78 23.28 2.10
N GLY L 20 28.69 22.21 2.89
CA GLY L 20 28.41 20.91 2.34
C GLY L 20 28.00 19.94 3.42
N TRP L 21 27.84 18.68 3.04
CA TRP L 21 27.44 17.64 4.00
C TRP L 21 28.65 16.79 4.36
N TYR L 22 29.53 16.52 3.40
CA TYR L 22 30.71 15.65 3.61
C TYR L 22 31.94 16.45 3.21
N GLY L 23 33.06 16.29 3.90
CA GLY L 23 34.21 17.16 3.61
C GLY L 23 35.48 16.85 4.37
N TYR L 24 36.46 17.75 4.32
CA TYR L 24 37.79 17.56 4.87
C TYR L 24 38.14 18.71 5.80
N HIS L 25 39.00 18.41 6.76
CA HIS L 25 39.62 19.40 7.63
C HIS L 25 41.12 19.20 7.53
N HIS L 26 41.81 20.17 6.95
CA HIS L 26 43.25 20.06 6.76
C HIS L 26 43.99 20.96 7.74
N GLN L 27 45.16 20.50 8.13
CA GLN L 27 46.04 21.25 9.01
C GLN L 27 47.47 21.04 8.53
N ASN L 28 48.14 22.13 8.14
CA ASN L 28 49.52 22.05 7.70
C ASN L 28 50.26 23.27 8.26
N GLU L 29 51.47 23.50 7.76
CA GLU L 29 52.31 24.58 8.26
C GLU L 29 51.87 25.95 7.77
N GLN L 30 50.94 26.02 6.83
CA GLN L 30 50.45 27.31 6.34
C GLN L 30 48.96 27.50 6.56
N GLY L 31 48.34 26.73 7.44
CA GLY L 31 46.97 27.01 7.83
C GLY L 31 46.20 25.75 8.11
N SER L 32 45.01 25.94 8.68
CA SER L 32 44.06 24.88 8.91
C SER L 32 42.67 25.37 8.52
N GLY L 33 41.85 24.45 8.04
CA GLY L 33 40.50 24.84 7.67
C GLY L 33 39.68 23.68 7.16
N TYR L 34 38.38 23.96 7.04
CA TYR L 34 37.37 23.04 6.54
C TYR L 34 37.11 23.31 5.06
N ALA L 35 36.69 22.26 4.37
CA ALA L 35 36.36 22.37 2.94
C ALA L 35 35.50 21.19 2.56
N ALA L 36 34.27 21.45 2.12
CA ALA L 36 33.37 20.36 1.75
C ALA L 36 33.79 19.75 0.41
N ASP L 37 33.43 18.48 0.24
CA ASP L 37 33.67 17.79 -1.02
C ASP L 37 32.54 18.16 -1.97
N LEU L 38 32.90 18.88 -3.04
CA LEU L 38 31.88 19.44 -3.92
C LEU L 38 31.11 18.35 -4.66
N LYS L 39 31.81 17.37 -5.22
CA LYS L 39 31.16 16.36 -6.04
C LYS L 39 30.16 15.55 -5.24
N SER L 40 30.60 14.99 -4.11
CA SER L 40 29.73 14.13 -3.32
C SER L 40 28.55 14.91 -2.75
N THR L 41 28.80 16.12 -2.25
CA THR L 41 27.72 16.92 -1.70
C THR L 41 26.70 17.27 -2.77
N GLN L 42 27.15 17.67 -3.96
CA GLN L 42 26.22 18.02 -5.01
C GLN L 42 25.41 16.81 -5.47
N ASN L 43 26.07 15.66 -5.62
CA ASN L 43 25.35 14.45 -6.00
C ASN L 43 24.30 14.09 -4.94
N ALA L 44 24.68 14.19 -3.67
CA ALA L 44 23.74 13.86 -2.60
C ALA L 44 22.56 14.83 -2.59
N ILE L 45 22.82 16.11 -2.84
CA ILE L 45 21.75 17.11 -2.86
C ILE L 45 20.77 16.78 -3.98
N ASP L 46 21.30 16.46 -5.17
CA ASP L 46 20.44 16.11 -6.29
C ASP L 46 19.63 14.86 -6.00
N LYS L 47 20.26 13.84 -5.40
CA LYS L 47 19.55 12.60 -5.13
C LYS L 47 18.46 12.79 -4.08
N ILE L 48 18.73 13.56 -3.04
CA ILE L 48 17.71 13.79 -2.01
C ILE L 48 16.57 14.63 -2.58
N THR L 49 16.87 15.59 -3.44
CA THR L 49 15.83 16.34 -4.12
C THR L 49 14.94 15.41 -4.92
N ASN L 50 15.54 14.50 -5.67
CA ASN L 50 14.77 13.56 -6.46
C ASN L 50 13.94 12.64 -5.56
N LYS L 51 14.50 12.23 -4.43
CA LYS L 51 13.77 11.35 -3.51
C LYS L 51 12.52 12.05 -2.98
N VAL L 52 12.67 13.31 -2.55
CA VAL L 52 11.54 14.07 -2.04
C VAL L 52 10.50 14.28 -3.13
N ASN L 53 10.94 14.62 -4.34
CA ASN L 53 9.99 14.83 -5.43
C ASN L 53 9.28 13.54 -5.82
N SER L 54 9.96 12.39 -5.74
CA SER L 54 9.30 11.14 -6.04
C SER L 54 8.26 10.79 -4.98
N VAL L 55 8.56 11.08 -3.72
CA VAL L 55 7.58 10.83 -2.67
C VAL L 55 6.37 11.74 -2.82
N ILE L 56 6.59 12.99 -3.23
CA ILE L 56 5.50 13.96 -3.25
C ILE L 56 4.67 13.84 -4.53
N GLU L 57 5.32 13.90 -5.69
CA GLU L 57 4.64 14.06 -6.96
C GLU L 57 4.14 12.76 -7.58
N LYS L 58 4.53 11.60 -7.04
CA LYS L 58 3.99 10.35 -7.57
C LYS L 58 2.55 10.12 -7.15
N MET L 59 2.01 10.94 -6.25
CA MET L 59 0.63 10.80 -5.80
C MET L 59 -0.25 11.65 -6.70
N ASN L 60 -1.07 10.99 -7.50
CA ASN L 60 -2.04 11.67 -8.35
C ASN L 60 -3.34 11.87 -7.59
N THR L 61 -4.13 12.84 -8.03
CA THR L 61 -5.40 13.13 -7.41
C THR L 61 -6.40 13.52 -8.50
N GLN L 62 -7.64 13.08 -8.32
CA GLN L 62 -8.73 13.44 -9.21
C GLN L 62 -9.76 14.24 -8.44
N PHE L 63 -10.57 15.01 -9.17
CA PHE L 63 -11.63 15.77 -8.54
C PHE L 63 -12.63 14.85 -7.87
N THR L 64 -12.69 14.90 -6.55
CA THR L 64 -13.55 14.04 -5.76
C THR L 64 -14.43 14.89 -4.86
N ALA L 65 -15.58 14.34 -4.51
CA ALA L 65 -16.57 14.99 -3.67
C ALA L 65 -16.92 14.09 -2.51
N VAL L 66 -15.89 13.62 -1.80
CA VAL L 66 -16.09 12.77 -0.63
C VAL L 66 -17.14 13.40 0.28
N GLY L 67 -18.16 12.61 0.60
CA GLY L 67 -19.29 13.14 1.36
C GLY L 67 -20.59 13.00 0.62
N LYS L 68 -21.48 12.17 1.15
CA LYS L 68 -22.75 11.86 0.50
C LYS L 68 -23.88 12.08 1.49
N GLU L 69 -25.10 12.21 0.96
CA GLU L 69 -26.28 12.50 1.77
C GLU L 69 -27.29 11.37 1.59
N PHE L 70 -27.74 10.81 2.70
CA PHE L 70 -28.69 9.72 2.70
C PHE L 70 -29.75 9.98 3.77
N ASN L 71 -30.99 9.61 3.47
CA ASN L 71 -32.06 9.76 4.44
C ASN L 71 -32.07 8.57 5.40
N HIS L 72 -33.06 8.55 6.28
CA HIS L 72 -33.14 7.51 7.31
C HIS L 72 -33.44 6.14 6.74
N LEU L 73 -33.97 6.06 5.53
CA LEU L 73 -34.30 4.79 4.92
C LEU L 73 -33.17 4.21 4.08
N GLU L 74 -32.01 4.87 4.04
CA GLU L 74 -30.84 4.33 3.37
C GLU L 74 -29.66 4.23 4.31
N LYS L 75 -29.89 3.64 5.48
CA LYS L 75 -28.80 3.47 6.45
C LYS L 75 -27.75 2.49 5.94
N ARG L 76 -28.16 1.46 5.19
CA ARG L 76 -27.19 0.48 4.70
C ARG L 76 -26.20 1.11 3.73
N ILE L 77 -26.68 1.95 2.81
CA ILE L 77 -25.77 2.60 1.88
C ILE L 77 -24.87 3.58 2.62
N GLU L 78 -25.40 4.24 3.66
CA GLU L 78 -24.57 5.13 4.46
C GLU L 78 -23.46 4.36 5.17
N ASN L 79 -23.78 3.17 5.68
CA ASN L 79 -22.76 2.34 6.31
C ASN L 79 -21.76 1.84 5.29
N LEU L 80 -22.20 1.57 4.06
CA LEU L 80 -21.25 1.20 3.01
C LEU L 80 -20.30 2.33 2.68
N ASN L 81 -20.83 3.56 2.62
CA ASN L 81 -19.98 4.72 2.41
C ASN L 81 -18.97 4.89 3.54
N LYS L 82 -19.42 4.67 4.77
CA LYS L 82 -18.52 4.78 5.93
C LYS L 82 -17.45 3.70 5.79
N LYS L 83 -17.82 2.49 5.42
CA LYS L 83 -16.84 1.42 5.28
C LYS L 83 -15.79 1.78 4.26
N VAL L 84 -16.21 2.33 3.12
CA VAL L 84 -15.25 2.74 2.10
C VAL L 84 -14.31 3.81 2.64
N ASP L 85 -14.87 4.81 3.33
CA ASP L 85 -14.05 5.90 3.84
C ASP L 85 -13.05 5.40 4.88
N ASP L 86 -13.49 4.59 5.84
CA ASP L 86 -12.58 4.11 6.87
C ASP L 86 -11.53 3.16 6.31
N GLY L 87 -11.91 2.30 5.37
CA GLY L 87 -10.92 1.44 4.76
C GLY L 87 -9.84 2.21 4.03
N PHE L 88 -10.24 3.22 3.26
CA PHE L 88 -9.25 4.05 2.59
C PHE L 88 -8.38 4.79 3.60
N LEU L 89 -8.99 5.27 4.69
CA LEU L 89 -8.24 5.97 5.72
C LEU L 89 -7.17 5.08 6.32
N ASP L 90 -7.54 3.85 6.68
CA ASP L 90 -6.56 2.94 7.26
C ASP L 90 -5.46 2.59 6.27
N ILE L 91 -5.82 2.32 5.01
CA ILE L 91 -4.81 1.97 4.02
C ILE L 91 -3.81 3.10 3.87
N TRP L 92 -4.31 4.33 3.72
CA TRP L 92 -3.41 5.46 3.50
C TRP L 92 -2.57 5.76 4.73
N THR L 93 -3.16 5.65 5.92
CA THR L 93 -2.39 5.89 7.14
C THR L 93 -1.23 4.90 7.27
N TYR L 94 -1.53 3.61 7.14
CA TYR L 94 -0.48 2.60 7.27
C TYR L 94 0.59 2.79 6.21
N ASN L 95 0.17 3.04 4.97
CA ASN L 95 1.14 3.18 3.89
C ASN L 95 2.03 4.40 4.10
N ALA L 96 1.45 5.52 4.53
CA ALA L 96 2.24 6.72 4.76
C ALA L 96 3.24 6.53 5.87
N GLU L 97 2.80 6.02 7.02
CA GLU L 97 3.73 5.85 8.14
C GLU L 97 4.85 4.89 7.77
N LEU L 98 4.51 3.75 7.16
CA LEU L 98 5.55 2.79 6.84
C LEU L 98 6.50 3.34 5.79
N LEU L 99 5.98 4.04 4.78
CA LEU L 99 6.84 4.60 3.74
C LEU L 99 7.82 5.59 4.34
N VAL L 100 7.35 6.48 5.22
CA VAL L 100 8.25 7.45 5.84
C VAL L 100 9.29 6.73 6.69
N LEU L 101 8.86 5.72 7.45
CA LEU L 101 9.77 5.03 8.35
C LEU L 101 10.90 4.34 7.58
N LEU L 102 10.58 3.65 6.48
CA LEU L 102 11.64 3.02 5.70
C LEU L 102 12.49 4.03 4.93
N GLU L 103 11.85 5.10 4.44
CA GLU L 103 12.57 6.09 3.64
C GLU L 103 13.60 6.82 4.47
N ASN L 104 13.31 7.05 5.75
CA ASN L 104 14.29 7.68 6.64
C ASN L 104 15.51 6.78 6.82
N GLU L 105 15.29 5.47 6.99
CA GLU L 105 16.40 4.54 7.07
C GLU L 105 17.26 4.61 5.81
N ARG L 106 16.62 4.62 4.65
CA ARG L 106 17.37 4.68 3.41
C ARG L 106 18.21 5.95 3.34
N THR L 107 17.65 7.09 3.75
CA THR L 107 18.38 8.35 3.68
C THR L 107 19.59 8.35 4.61
N LEU L 108 19.39 7.95 5.87
CA LEU L 108 20.50 7.95 6.81
C LEU L 108 21.60 6.99 6.37
N ASP L 109 21.22 5.79 5.91
CA ASP L 109 22.21 4.85 5.41
C ASP L 109 22.93 5.39 4.19
N TYR L 110 22.24 6.15 3.34
CA TYR L 110 22.88 6.75 2.18
C TYR L 110 23.96 7.74 2.59
N HIS L 111 23.66 8.59 3.57
CA HIS L 111 24.67 9.54 4.03
C HIS L 111 25.87 8.82 4.66
N ASP L 112 25.59 7.76 5.44
CA ASP L 112 26.67 6.98 6.02
C ASP L 112 27.55 6.34 4.95
N SER L 113 26.92 5.82 3.89
CA SER L 113 27.68 5.25 2.79
C SER L 113 28.55 6.29 2.12
N ASN L 114 28.03 7.50 1.95
CA ASN L 114 28.82 8.55 1.32
C ASN L 114 30.05 8.89 2.16
N VAL L 115 29.89 8.98 3.47
CA VAL L 115 31.04 9.27 4.33
C VAL L 115 32.08 8.16 4.23
N LYS L 116 31.62 6.91 4.29
CA LYS L 116 32.55 5.78 4.20
C LYS L 116 33.28 5.77 2.87
N ASN L 117 32.58 6.07 1.78
CA ASN L 117 33.20 6.03 0.46
C ASN L 117 34.21 7.16 0.30
N LEU L 118 33.93 8.34 0.86
CA LEU L 118 34.92 9.41 0.83
C LEU L 118 36.18 9.02 1.59
N TYR L 119 36.00 8.42 2.77
CA TYR L 119 37.16 7.96 3.53
C TYR L 119 37.96 6.93 2.75
N GLU L 120 37.27 5.98 2.11
CA GLU L 120 37.94 4.97 1.30
C GLU L 120 38.69 5.57 0.12
N LYS L 121 38.10 6.55 -0.54
CA LYS L 121 38.80 7.22 -1.64
C LYS L 121 40.10 7.86 -1.17
N VAL L 122 40.05 8.60 -0.07
CA VAL L 122 41.26 9.24 0.43
C VAL L 122 42.30 8.20 0.84
N ARG L 123 41.86 7.13 1.51
CA ARG L 123 42.77 6.08 1.94
C ARG L 123 43.47 5.42 0.76
N ASN L 124 42.70 5.05 -0.27
CA ASN L 124 43.29 4.39 -1.42
C ASN L 124 44.18 5.33 -2.22
N GLN L 125 43.89 6.63 -2.19
CA GLN L 125 44.78 7.60 -2.81
C GLN L 125 46.12 7.66 -2.08
N LEU L 126 46.08 7.84 -0.77
CA LEU L 126 47.32 8.08 -0.04
C LEU L 126 48.17 6.84 0.08
N LYS L 127 47.55 5.67 0.26
CA LYS L 127 48.27 4.41 0.44
C LYS L 127 49.17 4.56 1.66
N ASN L 128 50.45 4.21 1.59
CA ASN L 128 51.34 4.27 2.74
C ASN L 128 52.07 5.60 2.85
N ASN L 129 51.72 6.58 2.02
CA ASN L 129 52.29 7.91 2.19
C ASN L 129 51.72 8.63 3.39
N ALA L 130 50.65 8.12 4.00
CA ALA L 130 50.10 8.66 5.22
C ALA L 130 49.56 7.52 6.06
N LYS L 131 49.48 7.74 7.36
CA LYS L 131 48.99 6.75 8.29
C LYS L 131 47.61 7.14 8.79
N GLU L 132 46.79 6.13 9.11
CA GLU L 132 45.46 6.35 9.67
C GLU L 132 45.57 6.38 11.19
N ILE L 133 45.45 7.56 11.78
CA ILE L 133 45.77 7.72 13.19
C ILE L 133 44.55 7.46 14.05
N GLY L 134 43.36 7.63 13.51
CA GLY L 134 42.19 7.67 14.36
C GLY L 134 40.87 7.88 13.64
N ASN L 135 40.10 8.83 14.14
CA ASN L 135 38.73 9.04 13.70
C ASN L 135 38.59 9.64 12.30
N GLY L 136 39.09 8.90 11.31
CA GLY L 136 39.05 9.38 9.94
C GLY L 136 40.09 10.44 9.65
N CYS L 137 41.24 10.37 10.31
CA CYS L 137 42.31 11.34 10.13
C CYS L 137 43.53 10.63 9.58
N PHE L 138 44.17 11.24 8.59
CA PHE L 138 45.42 10.76 8.02
C PHE L 138 46.53 11.73 8.39
N GLU L 139 47.64 11.19 8.89
CA GLU L 139 48.85 11.94 9.19
C GLU L 139 49.86 11.65 8.09
N PHE L 140 50.27 12.68 7.38
CA PHE L 140 51.18 12.52 6.25
C PHE L 140 52.60 12.25 6.73
N TYR L 141 53.29 11.40 5.97
CA TYR L 141 54.71 11.15 6.20
C TYR L 141 55.61 12.11 5.43
N HIS L 142 54.99 12.92 4.57
CA HIS L 142 55.75 13.94 3.85
C HIS L 142 55.27 15.30 4.35
N LYS L 143 55.41 16.31 3.51
CA LYS L 143 54.99 17.67 3.90
C LYS L 143 53.99 18.16 2.86
N CYS L 144 52.68 18.00 3.09
CA CYS L 144 51.73 18.41 2.02
C CYS L 144 51.41 19.90 2.17
N ASP L 145 51.63 20.64 1.11
CA ASP L 145 51.27 22.06 1.09
C ASP L 145 49.81 22.17 0.66
N ASN L 146 49.33 23.36 0.40
CA ASN L 146 47.91 23.54 0.06
C ASN L 146 47.69 22.96 -1.35
N THR L 147 48.73 22.91 -2.17
CA THR L 147 48.56 22.27 -3.47
C THR L 147 48.38 20.76 -3.32
N CYS L 148 49.18 20.13 -2.47
CA CYS L 148 49.06 18.69 -2.27
C CYS L 148 47.72 18.33 -1.62
N MET L 149 47.32 19.08 -0.60
CA MET L 149 46.04 18.83 0.04
C MET L 149 44.88 19.01 -0.95
N GLU L 150 44.94 20.06 -1.76
CA GLU L 150 43.89 20.27 -2.76
C GLU L 150 43.89 19.16 -3.79
N SER L 151 45.07 18.60 -4.10
CA SER L 151 45.12 17.45 -4.99
C SER L 151 44.45 16.24 -4.37
N VAL L 152 44.63 16.03 -3.06
CA VAL L 152 43.96 14.92 -2.40
C VAL L 152 42.46 15.08 -2.46
N LYS L 153 41.97 16.31 -2.26
CA LYS L 153 40.54 16.57 -2.30
C LYS L 153 39.97 16.59 -3.71
N ASN L 154 40.80 16.62 -4.74
CA ASN L 154 40.33 16.69 -6.12
C ASN L 154 40.30 15.35 -6.82
N GLY L 155 41.10 14.39 -6.38
CA GLY L 155 41.20 13.12 -7.07
C GLY L 155 42.46 12.94 -7.90
N THR L 156 43.41 13.86 -7.80
CA THR L 156 44.61 13.85 -8.64
C THR L 156 45.86 13.85 -7.77
N TYR L 157 45.88 12.99 -6.75
CA TYR L 157 47.03 12.88 -5.88
C TYR L 157 48.13 12.08 -6.56
N ASP L 158 49.37 12.51 -6.35
CA ASP L 158 50.54 11.95 -7.04
C ASP L 158 51.37 11.18 -6.01
N TYR L 159 51.14 9.88 -5.94
CA TYR L 159 51.94 9.02 -5.06
C TYR L 159 53.41 9.00 -5.45
N PRO L 160 53.79 8.74 -6.72
CA PRO L 160 55.19 8.91 -7.10
C PRO L 160 55.51 10.37 -7.32
N LYS L 161 56.17 10.97 -6.34
CA LYS L 161 56.43 12.40 -6.22
C LYS L 161 56.78 12.65 -4.76
N TYR L 162 56.01 12.02 -3.87
CA TYR L 162 56.29 12.02 -2.46
C TYR L 162 56.61 10.63 -1.93
N SER L 163 56.64 9.61 -2.79
CA SER L 163 56.92 8.25 -2.32
C SER L 163 58.29 8.16 -1.64
N GLU L 164 59.31 8.78 -2.23
CA GLU L 164 60.65 8.68 -1.67
C GLU L 164 60.75 9.39 -0.31
N GLU L 165 60.20 10.59 -0.21
CA GLU L 165 60.22 11.31 1.05
C GLU L 165 59.45 10.55 2.13
N ALA L 166 58.29 9.99 1.76
CA ALA L 166 57.52 9.20 2.71
C ALA L 166 58.29 7.98 3.16
N LYS L 167 58.98 7.31 2.24
CA LYS L 167 59.79 6.16 2.63
C LYS L 167 60.90 6.55 3.58
N LEU L 168 61.55 7.69 3.32
CA LEU L 168 62.60 8.14 4.24
C LEU L 168 62.05 8.41 5.63
N ASN L 169 60.89 9.09 5.70
CA ASN L 169 60.35 9.44 7.02
C ASN L 169 59.68 8.27 7.71
N ARG L 170 59.28 7.23 6.98
CA ARG L 170 58.60 6.09 7.59
C ARG L 170 59.58 5.23 8.36
#